data_7WO9
#
_entry.id   7WO9
#
_cell.length_a   1.00
_cell.length_b   1.00
_cell.length_c   1.00
_cell.angle_alpha   90.00
_cell.angle_beta   90.00
_cell.angle_gamma   90.00
#
_symmetry.space_group_name_H-M   'P 1'
#
_entity_poly.entity_id   1
_entity_poly.type   'polypeptide(L)'
_entity_poly.pdbx_seq_one_letter_code
;MATPSFGNSSPQLTFTHVANFMNDAAADVSAVDAKQLAQIRQFLKANKTNLIESLNTIRQNVTSSGDHNKLRSTIANLLQ
INVDNDPFFAQSEDLSHAVEFFMSERSSRLHIVYSLLVNPDIDLETYSFIDNDRFNVVGKLISIISSVIQNYDIITASSL
AHDYNNDQDMFTIVSLVQLKKFSDLKFILQILQILNLMILNTKVPVDIVNQWFLQYQNQFVEFCRNINSTDKSIDTSSLQ
LYKFQNFQDLSYLSETLISRISSLFTITTILILGLNTSIAQFDIQSPLYMDTETFDTVNSALENDVATNIVNEDPIFHPM
IHYSWSFILYYRRALQSSESFDDSDITKFALFAESHDVLQKLNTLSEILSFDPVYTTVITVFLEFSLNFIPITASTSRVF
AKIISKAPEQFIENFLTNDTFEKKLSIIKAKLPLLNESLIPLINLALIDTEFANFELKDICSFAVTKSSLNDLDYDLIAD
TITNSSSSSDIIVPDLIELKSDLLVAPPLENENSNCLLSIPKSTKGKILTIKQQQQQQQQQNGQQPPTTSNLIIFLYKFN
GWSLVGRILQNLLHSYMEKGTQLDDLQHELMISIIKLVTNVVDPKTSIEKSSEILSYLSNSLDTSASTINGASIIQVIFE
IFEISLQRKDYTSIVQCCEFMTMLTPNYLHLVSSYLNKSDLLDKYGKTGLSNMILGSVELSTGDYTFTIQLLKLTKVFIR
ESLSLKNIHISKRSKIDIINKLILHAIHIFESYYNWKYNNFLQKFEIAFHLTLIFYDVLHDVFTINPHQKDQLIISSSAN
KLLQLFLTPMDSIDLAPNTLTNILISPLNTTTKILGDKILGNLYSKVMNNSFKLCTLLIAIRGSNRDLKPSNLEKLLFIN
SSKLVDVYTLPSYVHFKVQIIELLSYLVEAPWNDDYPFLLSFLGEAKSMAFLKEVLSDLSSPVQDWNLLRSLYIFFTTLL
ESKQDGLSILFLTGQFASNKKINDESSIDKKSSILTVLQKNSLLLDSTPEEVSCKLLETITYVLNTWTNSKIFIKDPKFV
NSLLAKLKDSKKLFQKKENLTRDETVSLIKKYKLISRIVEIFALCIYNSTDSNSEILNFLNQEDLFELVHHFFQIDGFNK
TFHDELNLKFKEKWPSLELQSFQKIPLSRINENENFGYDIPLLDIVLKADRSWNEPSKSQTNFKEEITDASLNLQYVNYE
ISTAKAWGALITTFVKRSTVPLNDGFVDLVEHFLKLNIDFGSDKQMFTQIYLERIELSFYILYSFKLSGKLLKEEKIIEL
MNKIFTIFKSGEIDFIKNIGKSLKNNFYRPLLRSVLVLLELVSSGDRFIELISDQLLEFFELVFSKGVYLILSEILCQIN
KCSTRGLSTDHTTQIVNLEDNTQDLLLLLSLFKKITNVNPSKNFNVILASSLNEVGTLKVILNLYSSAHLIRINDEPILG
QITLTFISELCSIEPIAAKLINSGLYSVLLESPLSVAIQQGDIKPEFSPRLHNIWSNGLLSIVLLLLSQFGIKVLPETCL
FVSYFGKQIKSTIYNWGDNKLAVSSSLIKETNQLVLLQKMLNLLNYQELFIQPKNSDDQQEAVELVIGLDSEHDKKRLSA
ALSKFLTHPKYLNSRIIPTTLEEQQQLEDESSRLEFVKGISRDIKALQDSLFKDV
;
_entity_poly.pdbx_strand_id   A
#
# COMPACT_ATOMS: atom_id res chain seq x y z
N SER A 9 -33.52 -12.02 -12.37
CA SER A 9 -33.96 -10.77 -12.97
C SER A 9 -32.83 -9.73 -12.99
N SER A 10 -33.11 -8.57 -13.55
CA SER A 10 -32.12 -7.50 -13.62
C SER A 10 -32.01 -6.82 -12.27
N PRO A 11 -30.80 -6.73 -11.69
CA PRO A 11 -30.67 -6.01 -10.41
C PRO A 11 -31.11 -4.56 -10.48
N GLN A 12 -30.87 -3.90 -11.62
CA GLN A 12 -31.30 -2.53 -11.89
C GLN A 12 -30.55 -1.51 -11.04
N LEU A 13 -30.34 -0.31 -11.59
CA LEU A 13 -29.64 0.75 -10.88
C LEU A 13 -30.54 1.40 -9.85
N THR A 14 -29.93 1.91 -8.79
CA THR A 14 -30.61 2.68 -7.76
C THR A 14 -30.04 4.10 -7.73
N PHE A 15 -30.80 5.01 -7.12
CA PHE A 15 -30.37 6.40 -7.07
C PHE A 15 -29.11 6.57 -6.22
N THR A 16 -28.93 5.74 -5.20
CA THR A 16 -27.76 5.87 -4.34
C THR A 16 -26.47 5.54 -5.10
N HIS A 17 -26.49 4.46 -5.89
CA HIS A 17 -25.30 4.10 -6.64
C HIS A 17 -24.98 5.13 -7.72
N VAL A 18 -26.01 5.66 -8.38
CA VAL A 18 -25.79 6.70 -9.39
C VAL A 18 -25.24 7.95 -8.75
N ALA A 19 -25.75 8.32 -7.57
CA ALA A 19 -25.22 9.48 -6.87
C ALA A 19 -23.77 9.28 -6.48
N ASN A 20 -23.42 8.07 -6.00
CA ASN A 20 -22.03 7.78 -5.66
C ASN A 20 -21.13 7.86 -6.89
N PHE A 21 -21.59 7.32 -8.02
CA PHE A 21 -20.82 7.38 -9.26
C PHE A 21 -20.60 8.82 -9.70
N MET A 22 -21.66 9.64 -9.65
CA MET A 22 -21.54 11.03 -10.04
C MET A 22 -20.63 11.81 -9.10
N ASN A 23 -20.64 11.47 -7.80
CA ASN A 23 -19.69 12.05 -6.87
C ASN A 23 -18.26 11.68 -7.24
N ASP A 24 -18.04 10.41 -7.62
CA ASP A 24 -16.72 9.99 -8.06
C ASP A 24 -16.29 10.71 -9.34
N ALA A 25 -17.23 10.90 -10.27
CA ALA A 25 -16.94 11.51 -11.56
C ALA A 25 -17.15 13.01 -11.57
N ALA A 26 -17.46 13.62 -10.42
CA ALA A 26 -17.69 15.06 -10.37
C ALA A 26 -16.44 15.87 -10.64
N ALA A 27 -15.25 15.30 -10.37
CA ALA A 27 -14.01 16.04 -10.58
C ALA A 27 -13.65 16.10 -12.06
N ASP A 28 -13.41 14.94 -12.67
CA ASP A 28 -13.05 14.84 -14.08
C ASP A 28 -14.00 13.85 -14.74
N VAL A 29 -14.92 14.36 -15.56
CA VAL A 29 -15.90 13.49 -16.21
C VAL A 29 -15.23 12.58 -17.23
N SER A 30 -14.23 13.08 -17.94
CA SER A 30 -13.55 12.28 -18.96
C SER A 30 -12.68 11.18 -18.35
N ALA A 31 -12.37 11.27 -17.05
CA ALA A 31 -11.48 10.29 -16.45
C ALA A 31 -12.16 8.95 -16.22
N VAL A 32 -13.49 8.93 -16.18
CA VAL A 32 -14.21 7.69 -15.90
C VAL A 32 -14.40 6.90 -17.18
N ASP A 33 -14.75 5.62 -17.03
CA ASP A 33 -14.95 4.73 -18.17
C ASP A 33 -16.05 5.26 -19.07
N ALA A 34 -15.82 5.18 -20.39
CA ALA A 34 -16.77 5.72 -21.35
C ALA A 34 -18.06 4.91 -21.40
N LYS A 35 -17.95 3.58 -21.33
CA LYS A 35 -19.16 2.75 -21.34
C LYS A 35 -20.01 2.98 -20.10
N GLN A 36 -19.37 3.07 -18.93
CA GLN A 36 -20.10 3.35 -17.70
C GLN A 36 -20.73 4.73 -17.75
N LEU A 37 -20.00 5.72 -18.29
CA LEU A 37 -20.55 7.06 -18.42
C LEU A 37 -21.76 7.08 -19.34
N ALA A 38 -21.69 6.36 -20.47
CA ALA A 38 -22.82 6.29 -21.38
C ALA A 38 -24.02 5.62 -20.74
N GLN A 39 -23.79 4.54 -19.97
CA GLN A 39 -24.89 3.88 -19.29
C GLN A 39 -25.51 4.77 -18.22
N ILE A 40 -24.67 5.53 -17.51
CA ILE A 40 -25.18 6.47 -16.51
C ILE A 40 -26.02 7.55 -17.17
N ARG A 41 -25.56 8.08 -18.32
CA ARG A 41 -26.34 9.08 -19.03
C ARG A 41 -27.65 8.49 -19.56
N GLN A 42 -27.63 7.22 -19.98
CA GLN A 42 -28.87 6.56 -20.38
C GLN A 42 -29.84 6.45 -19.22
N PHE A 43 -29.33 6.12 -18.03
CA PHE A 43 -30.18 6.10 -16.84
C PHE A 43 -30.74 7.48 -16.53
N LEU A 44 -29.91 8.52 -16.64
CA LEU A 44 -30.36 9.88 -16.35
C LEU A 44 -31.42 10.35 -17.32
N LYS A 45 -31.25 10.04 -18.61
CA LYS A 45 -32.23 10.47 -19.61
C LYS A 45 -33.59 9.84 -19.37
N ALA A 46 -33.62 8.62 -18.85
CA ALA A 46 -34.89 7.99 -18.52
C ALA A 46 -35.52 8.59 -17.26
N ASN A 47 -34.71 8.93 -16.27
CA ASN A 47 -35.19 9.53 -15.02
C ASN A 47 -34.89 11.03 -15.06
N LYS A 48 -35.76 11.78 -15.73
CA LYS A 48 -35.68 13.23 -15.77
C LYS A 48 -36.70 13.92 -14.89
N THR A 49 -37.92 13.39 -14.84
CA THR A 49 -38.96 13.95 -13.99
C THR A 49 -38.96 13.36 -12.59
N ASN A 50 -38.48 12.12 -12.43
CA ASN A 50 -38.48 11.46 -11.14
C ASN A 50 -37.52 12.08 -10.15
N LEU A 51 -36.62 12.97 -10.59
CA LEU A 51 -35.66 13.56 -9.69
C LEU A 51 -36.33 14.43 -8.63
N ILE A 52 -37.31 15.24 -9.03
CA ILE A 52 -37.98 16.18 -8.14
C ILE A 52 -39.47 15.90 -8.02
N GLU A 53 -40.13 15.59 -9.14
CA GLU A 53 -41.58 15.37 -9.11
C GLU A 53 -41.95 14.17 -8.25
N SER A 54 -41.13 13.11 -8.29
CA SER A 54 -41.40 11.93 -7.48
C SER A 54 -41.30 12.23 -5.99
N LEU A 55 -40.52 13.24 -5.60
CA LEU A 55 -40.47 13.64 -4.19
C LEU A 55 -41.83 14.15 -3.72
N ASN A 56 -42.50 14.93 -4.56
CA ASN A 56 -43.82 15.44 -4.21
C ASN A 56 -44.84 14.31 -4.12
N THR A 57 -45.69 14.37 -3.09
CA THR A 57 -46.72 13.36 -2.89
C THR A 57 -47.87 14.02 -2.13
N ILE A 58 -48.98 14.26 -2.82
CA ILE A 58 -50.13 14.89 -2.21
C ILE A 58 -51.27 13.89 -2.07
N ASN A 69 -48.87 -5.70 12.81
CA ASN A 69 -49.19 -4.94 11.61
C ASN A 69 -49.53 -3.49 11.95
N LYS A 70 -49.78 -3.25 13.24
CA LYS A 70 -50.04 -1.88 13.68
C LYS A 70 -48.79 -1.01 13.54
N LEU A 71 -47.62 -1.56 13.87
CA LEU A 71 -46.39 -0.77 13.81
C LEU A 71 -46.03 -0.42 12.37
N ARG A 72 -46.22 -1.36 11.44
CA ARG A 72 -45.90 -1.06 10.05
C ARG A 72 -46.85 -0.01 9.47
N SER A 73 -48.13 -0.07 9.84
CA SER A 73 -49.06 0.98 9.43
C SER A 73 -48.67 2.32 10.03
N THR A 74 -48.26 2.33 11.30
CA THR A 74 -47.85 3.58 11.94
C THR A 74 -46.64 4.18 11.25
N ILE A 75 -45.64 3.36 10.92
CA ILE A 75 -44.45 3.91 10.27
C ILE A 75 -44.73 4.26 8.81
N ALA A 76 -45.69 3.58 8.17
CA ALA A 76 -46.10 3.97 6.83
C ALA A 76 -46.77 5.35 6.85
N ASN A 77 -47.62 5.60 7.84
CA ASN A 77 -48.17 6.94 8.00
C ASN A 77 -47.09 7.95 8.36
N LEU A 78 -46.08 7.51 9.10
CA LEU A 78 -44.95 8.38 9.43
C LEU A 78 -44.21 8.81 8.17
N LEU A 79 -43.96 7.87 7.26
CA LEU A 79 -43.25 8.17 6.02
C LEU A 79 -44.11 8.91 5.02
N GLN A 80 -45.42 8.97 5.23
CA GLN A 80 -46.36 9.68 4.34
C GLN A 80 -46.32 9.12 2.92
N ILE A 81 -46.00 7.83 2.78
CA ILE A 81 -45.94 7.18 1.48
C ILE A 81 -46.64 5.83 1.60
N ASN A 82 -47.37 5.46 0.56
CA ASN A 82 -48.10 4.19 0.57
C ASN A 82 -47.12 3.02 0.47
N VAL A 83 -47.58 1.85 0.92
CA VAL A 83 -46.74 0.66 0.92
C VAL A 83 -46.41 0.25 -0.51
N ASP A 84 -47.43 0.15 -1.37
CA ASP A 84 -47.22 -0.29 -2.73
C ASP A 84 -46.36 0.68 -3.54
N ASN A 85 -46.24 1.93 -3.09
CA ASN A 85 -45.36 2.87 -3.76
C ASN A 85 -43.89 2.49 -3.58
N ASP A 86 -43.56 1.79 -2.49
CA ASP A 86 -42.18 1.40 -2.21
C ASP A 86 -42.16 -0.10 -1.96
N PRO A 87 -42.03 -0.92 -3.00
CA PRO A 87 -41.96 -2.37 -2.79
C PRO A 87 -40.79 -2.80 -1.92
N PHE A 88 -39.65 -2.13 -2.03
CA PHE A 88 -38.50 -2.45 -1.19
C PHE A 88 -38.84 -2.25 0.28
N PHE A 89 -39.52 -1.14 0.60
CA PHE A 89 -40.01 -0.93 1.96
C PHE A 89 -41.11 -1.92 2.32
N ALA A 90 -41.82 -2.45 1.32
CA ALA A 90 -42.97 -3.30 1.58
C ALA A 90 -42.54 -4.65 2.18
N GLN A 91 -41.57 -5.31 1.56
CA GLN A 91 -41.21 -6.67 1.92
C GLN A 91 -39.88 -6.76 2.68
N SER A 92 -39.33 -5.64 3.12
CA SER A 92 -38.08 -5.68 3.88
C SER A 92 -38.32 -6.29 5.24
N GLU A 93 -37.53 -7.31 5.58
CA GLU A 93 -37.70 -7.98 6.88
C GLU A 93 -37.37 -7.04 8.02
N ASP A 94 -36.29 -6.27 7.89
CA ASP A 94 -35.90 -5.30 8.90
C ASP A 94 -36.44 -3.94 8.48
N LEU A 95 -37.40 -3.41 9.25
CA LEU A 95 -38.02 -2.15 8.90
C LEU A 95 -37.04 -0.99 9.00
N SER A 96 -36.06 -1.09 9.90
CA SER A 96 -35.03 -0.06 9.99
C SER A 96 -34.23 0.03 8.71
N HIS A 97 -33.93 -1.13 8.09
CA HIS A 97 -33.25 -1.12 6.80
C HIS A 97 -34.08 -0.43 5.73
N ALA A 98 -35.39 -0.70 5.71
CA ALA A 98 -36.26 -0.05 4.74
C ALA A 98 -36.30 1.47 4.95
N VAL A 99 -36.39 1.91 6.21
CA VAL A 99 -36.41 3.34 6.48
C VAL A 99 -35.09 3.98 6.05
N GLU A 100 -33.96 3.32 6.35
CA GLU A 100 -32.66 3.86 5.95
C GLU A 100 -32.55 3.94 4.43
N PHE A 101 -33.05 2.91 3.73
CA PHE A 101 -33.02 2.93 2.27
C PHE A 101 -33.87 4.06 1.71
N PHE A 102 -35.05 4.31 2.31
CA PHE A 102 -35.91 5.37 1.82
C PHE A 102 -35.27 6.75 2.04
N MET A 103 -34.69 6.96 3.23
CA MET A 103 -33.93 8.19 3.46
C MET A 103 -32.79 8.35 2.46
N SER A 104 -32.06 7.26 2.19
CA SER A 104 -30.93 7.32 1.28
C SER A 104 -31.37 7.68 -0.13
N GLU A 105 -32.46 7.07 -0.61
CA GLU A 105 -32.97 7.40 -1.94
C GLU A 105 -33.44 8.85 -2.02
N ARG A 106 -34.16 9.31 -0.99
CA ARG A 106 -34.64 10.69 -0.98
C ARG A 106 -33.47 11.67 -1.00
N SER A 107 -32.41 11.39 -0.25
CA SER A 107 -31.23 12.25 -0.26
C SER A 107 -30.47 12.15 -1.58
N SER A 108 -30.44 10.96 -2.19
CA SER A 108 -29.65 10.75 -3.39
C SER A 108 -30.26 11.41 -4.62
N ARG A 109 -31.59 11.52 -4.67
CA ARG A 109 -32.20 12.28 -5.77
C ARG A 109 -31.69 13.72 -5.79
N LEU A 110 -31.68 14.37 -4.63
CA LEU A 110 -31.18 15.74 -4.58
C LEU A 110 -29.66 15.79 -4.74
N HIS A 111 -28.94 14.74 -4.33
CA HIS A 111 -27.52 14.68 -4.64
C HIS A 111 -27.29 14.68 -6.15
N ILE A 112 -28.08 13.91 -6.89
CA ILE A 112 -27.96 13.88 -8.34
C ILE A 112 -28.28 15.24 -8.93
N VAL A 113 -29.35 15.88 -8.44
CA VAL A 113 -29.72 17.21 -8.94
C VAL A 113 -28.60 18.21 -8.69
N TYR A 114 -28.04 18.20 -7.48
CA TYR A 114 -26.95 19.12 -7.14
C TYR A 114 -25.71 18.86 -7.97
N SER A 115 -25.39 17.58 -8.22
CA SER A 115 -24.23 17.25 -9.05
C SER A 115 -24.43 17.73 -10.48
N LEU A 116 -25.64 17.57 -11.02
CA LEU A 116 -25.92 18.08 -12.36
C LEU A 116 -25.81 19.60 -12.40
N LEU A 117 -26.32 20.27 -11.38
CA LEU A 117 -26.24 21.74 -11.35
C LEU A 117 -24.80 22.22 -11.27
N VAL A 118 -23.98 21.58 -10.44
CA VAL A 118 -22.61 22.04 -10.23
C VAL A 118 -21.77 21.80 -11.48
N ASN A 119 -21.86 20.60 -12.07
CA ASN A 119 -21.10 20.23 -13.25
C ASN A 119 -22.04 19.71 -14.32
N PRO A 120 -22.46 20.56 -15.26
CA PRO A 120 -23.39 20.10 -16.31
C PRO A 120 -22.77 19.12 -17.31
N ASP A 121 -21.45 18.98 -17.32
CA ASP A 121 -20.78 18.12 -18.28
C ASP A 121 -21.09 16.64 -18.08
N ILE A 122 -21.62 16.25 -16.92
CA ILE A 122 -21.95 14.85 -16.69
C ILE A 122 -23.05 14.40 -17.65
N ASP A 123 -24.08 15.21 -17.83
CA ASP A 123 -25.13 14.93 -18.80
C ASP A 123 -25.76 16.26 -19.21
N LEU A 124 -25.36 16.77 -20.37
CA LEU A 124 -25.86 18.07 -20.82
C LEU A 124 -27.32 18.00 -21.26
N GLU A 125 -27.83 16.81 -21.58
CA GLU A 125 -29.24 16.70 -21.96
C GLU A 125 -30.16 16.84 -20.75
N THR A 126 -29.78 16.23 -19.62
CA THR A 126 -30.58 16.36 -18.41
C THR A 126 -30.41 17.73 -17.77
N TYR A 127 -29.23 18.34 -17.93
CA TYR A 127 -29.03 19.68 -17.38
C TYR A 127 -29.94 20.70 -18.03
N SER A 128 -30.12 20.60 -19.35
CA SER A 128 -31.01 21.51 -20.06
C SER A 128 -32.46 21.34 -19.65
N PHE A 129 -32.84 20.16 -19.14
CA PHE A 129 -34.18 19.96 -18.64
C PHE A 129 -34.46 20.77 -17.38
N ILE A 130 -33.41 21.28 -16.73
CA ILE A 130 -33.56 22.05 -15.50
C ILE A 130 -33.43 23.53 -15.81
N ASP A 131 -32.58 23.87 -16.79
CA ASP A 131 -32.37 25.27 -17.15
C ASP A 131 -33.63 25.89 -17.74
N ASN A 132 -34.34 25.16 -18.61
CA ASN A 132 -35.54 25.68 -19.21
C ASN A 132 -36.73 25.70 -18.26
N ASP A 133 -36.70 24.88 -17.21
CA ASP A 133 -37.76 24.80 -16.23
C ASP A 133 -37.26 25.23 -14.85
N ARG A 134 -36.47 26.30 -14.82
CA ARG A 134 -35.77 26.69 -13.60
C ARG A 134 -36.74 27.13 -12.51
N PHE A 135 -37.64 28.05 -12.83
CA PHE A 135 -38.47 28.65 -11.80
C PHE A 135 -39.67 27.79 -11.43
N ASN A 136 -40.12 26.92 -12.34
CA ASN A 136 -41.08 25.89 -11.94
C ASN A 136 -40.45 24.96 -10.91
N VAL A 137 -39.19 24.59 -11.12
CA VAL A 137 -38.47 23.77 -10.14
C VAL A 137 -38.31 24.52 -8.84
N VAL A 138 -38.05 25.83 -8.90
CA VAL A 138 -37.90 26.62 -7.68
C VAL A 138 -39.21 26.66 -6.89
N GLY A 139 -40.33 26.88 -7.58
CA GLY A 139 -41.62 26.85 -6.92
C GLY A 139 -41.93 25.49 -6.32
N LYS A 140 -41.58 24.42 -7.04
CA LYS A 140 -41.75 23.07 -6.51
C LYS A 140 -40.91 22.86 -5.25
N LEU A 141 -39.69 23.39 -5.25
CA LEU A 141 -38.83 23.27 -4.07
C LEU A 141 -39.43 24.00 -2.86
N ILE A 142 -39.98 25.19 -3.10
CA ILE A 142 -40.62 25.93 -2.00
C ILE A 142 -41.82 25.14 -1.47
N SER A 143 -42.62 24.58 -2.38
CA SER A 143 -43.78 23.79 -1.96
C SER A 143 -43.35 22.56 -1.18
N ILE A 144 -42.26 21.92 -1.60
CA ILE A 144 -41.78 20.74 -0.89
C ILE A 144 -41.29 21.10 0.51
N ILE A 145 -40.59 22.24 0.64
CA ILE A 145 -40.16 22.69 1.96
C ILE A 145 -41.37 22.93 2.86
N SER A 146 -42.40 23.60 2.31
CA SER A 146 -43.60 23.86 3.11
C SER A 146 -44.29 22.57 3.53
N SER A 147 -44.37 21.59 2.62
CA SER A 147 -45.01 20.32 2.93
C SER A 147 -44.22 19.55 3.99
N VAL A 148 -42.89 19.57 3.90
CA VAL A 148 -42.08 18.88 4.90
C VAL A 148 -42.24 19.53 6.27
N ILE A 149 -42.25 20.87 6.31
CA ILE A 149 -42.45 21.57 7.59
C ILE A 149 -43.83 21.26 8.15
N GLN A 150 -44.84 21.14 7.27
CA GLN A 150 -46.20 20.91 7.73
C GLN A 150 -46.33 19.57 8.45
N ASN A 151 -45.72 18.52 7.92
CA ASN A 151 -45.82 17.19 8.50
C ASN A 151 -44.62 16.80 9.34
N TYR A 152 -43.78 17.76 9.72
CA TYR A 152 -42.58 17.43 10.50
C TYR A 152 -42.95 16.88 11.86
N ASP A 153 -43.91 17.49 12.54
CA ASP A 153 -44.27 17.10 13.89
C ASP A 153 -45.76 16.86 14.10
N ILE A 154 -46.62 17.26 13.17
CA ILE A 154 -48.06 17.11 13.37
C ILE A 154 -48.45 15.64 13.45
N ILE A 155 -47.90 14.82 12.55
CA ILE A 155 -48.28 13.41 12.47
C ILE A 155 -47.25 12.55 13.18
N THR A 156 -45.99 12.98 13.18
CA THR A 156 -44.93 12.18 13.79
C THR A 156 -45.09 12.11 15.31
N ALA A 157 -45.46 13.22 15.94
CA ALA A 157 -45.68 13.22 17.38
C ALA A 157 -46.85 12.31 17.75
N SER A 158 -47.93 12.36 16.97
CA SER A 158 -49.07 11.48 17.22
C SER A 158 -48.68 10.02 17.04
N SER A 159 -47.88 9.72 16.01
CA SER A 159 -47.41 8.36 15.81
C SER A 159 -46.56 7.87 16.98
N LEU A 160 -45.68 8.74 17.48
CA LEU A 160 -44.87 8.39 18.65
C LEU A 160 -45.74 8.19 19.89
N ALA A 161 -46.81 8.98 20.04
CA ALA A 161 -47.68 8.88 21.21
C ALA A 161 -48.48 7.58 21.25
N HIS A 162 -48.50 6.81 20.17
CA HIS A 162 -49.22 5.55 20.16
C HIS A 162 -48.57 4.56 21.13
N ASP A 163 -49.43 3.73 21.75
CA ASP A 163 -48.97 2.77 22.75
C ASP A 163 -49.81 1.51 22.61
N TYR A 164 -49.24 0.47 22.00
CA TYR A 164 -49.92 -0.80 21.81
C TYR A 164 -49.48 -1.84 22.85
N ASN A 165 -48.20 -2.18 22.88
CA ASN A 165 -47.67 -3.19 23.77
C ASN A 165 -46.15 -3.21 23.64
N ASN A 166 -45.50 -4.05 24.45
CA ASN A 166 -44.07 -4.31 24.39
C ASN A 166 -43.25 -3.08 24.74
N ASP A 167 -41.93 -3.24 24.86
CA ASP A 167 -41.01 -2.15 25.16
C ASP A 167 -39.87 -2.03 24.15
N GLN A 168 -39.35 -3.16 23.65
CA GLN A 168 -38.33 -3.11 22.62
C GLN A 168 -38.86 -2.48 21.35
N ASP A 169 -40.10 -2.82 20.97
CA ASP A 169 -40.72 -2.18 19.82
C ASP A 169 -40.90 -0.69 20.05
N MET A 170 -41.24 -0.29 21.28
CA MET A 170 -41.36 1.13 21.59
C MET A 170 -40.02 1.84 21.43
N PHE A 171 -38.93 1.23 21.92
CA PHE A 171 -37.61 1.84 21.76
C PHE A 171 -37.23 1.96 20.30
N THR A 172 -37.49 0.91 19.51
CA THR A 172 -37.18 0.96 18.08
C THR A 172 -37.98 2.05 17.39
N ILE A 173 -39.27 2.17 17.73
CA ILE A 173 -40.12 3.18 17.11
C ILE A 173 -39.65 4.58 17.49
N VAL A 174 -39.28 4.78 18.75
CA VAL A 174 -38.80 6.10 19.18
C VAL A 174 -37.52 6.46 18.46
N SER A 175 -36.58 5.52 18.34
CA SER A 175 -35.33 5.78 17.63
C SER A 175 -35.60 6.09 16.16
N LEU A 176 -36.50 5.33 15.53
CA LEU A 176 -36.82 5.58 14.13
C LEU A 176 -37.48 6.94 13.94
N VAL A 177 -38.35 7.35 14.87
CA VAL A 177 -38.99 8.66 14.77
C VAL A 177 -37.96 9.77 14.91
N GLN A 178 -37.03 9.63 15.85
CA GLN A 178 -35.98 10.63 16.00
C GLN A 178 -35.12 10.72 14.75
N LEU A 179 -34.76 9.56 14.18
CA LEU A 179 -33.99 9.55 12.93
C LEU A 179 -34.78 10.22 11.81
N LYS A 180 -36.08 9.97 11.73
CA LYS A 180 -36.90 10.57 10.69
C LYS A 180 -36.95 12.09 10.84
N LYS A 181 -37.08 12.58 12.07
CA LYS A 181 -37.12 14.02 12.29
C LYS A 181 -35.79 14.67 11.90
N PHE A 182 -34.67 14.08 12.31
CA PHE A 182 -33.38 14.66 11.96
C PHE A 182 -33.12 14.57 10.47
N SER A 183 -33.56 13.49 9.83
CA SER A 183 -33.45 13.39 8.37
C SER A 183 -34.33 14.40 7.66
N ASP A 184 -35.50 14.73 8.23
CA ASP A 184 -36.33 15.79 7.67
C ASP A 184 -35.62 17.13 7.75
N LEU A 185 -34.96 17.41 8.87
CA LEU A 185 -34.20 18.66 8.98
C LEU A 185 -33.06 18.71 7.97
N LYS A 186 -32.35 17.58 7.79
CA LYS A 186 -31.28 17.52 6.80
C LYS A 186 -31.83 17.68 5.39
N PHE A 187 -33.02 17.12 5.13
CA PHE A 187 -33.70 17.28 3.85
C PHE A 187 -34.00 18.75 3.59
N ILE A 188 -34.49 19.47 4.60
CA ILE A 188 -34.75 20.90 4.45
C ILE A 188 -33.46 21.64 4.15
N LEU A 189 -32.37 21.29 4.83
CA LEU A 189 -31.08 21.92 4.55
C LEU A 189 -30.64 21.68 3.10
N GLN A 190 -30.82 20.45 2.62
CA GLN A 190 -30.44 20.11 1.25
C GLN A 190 -31.26 20.91 0.23
N ILE A 191 -32.58 20.98 0.44
CA ILE A 191 -33.44 21.73 -0.47
C ILE A 191 -33.07 23.20 -0.45
N LEU A 192 -32.74 23.74 0.73
CA LEU A 192 -32.33 25.13 0.82
C LEU A 192 -31.05 25.38 0.05
N GLN A 193 -30.08 24.47 0.15
CA GLN A 193 -28.85 24.60 -0.61
C GLN A 193 -29.13 24.61 -2.11
N ILE A 194 -29.96 23.68 -2.59
CA ILE A 194 -30.25 23.61 -4.01
C ILE A 194 -30.99 24.86 -4.48
N LEU A 195 -31.95 25.33 -3.70
CA LEU A 195 -32.72 26.51 -4.07
C LEU A 195 -31.83 27.75 -4.12
N ASN A 196 -30.94 27.90 -3.14
CA ASN A 196 -30.03 29.04 -3.15
C ASN A 196 -29.08 28.97 -4.35
N LEU A 197 -28.65 27.77 -4.72
CA LEU A 197 -27.83 27.61 -5.92
C LEU A 197 -28.61 28.02 -7.17
N MET A 198 -29.89 27.65 -7.24
CA MET A 198 -30.67 27.91 -8.45
C MET A 198 -31.01 29.39 -8.60
N ILE A 199 -31.42 30.05 -7.52
CA ILE A 199 -31.97 31.40 -7.64
C ILE A 199 -30.89 32.47 -7.55
N LEU A 200 -29.63 32.05 -7.57
CA LEU A 200 -28.53 33.01 -7.44
C LEU A 200 -28.25 33.68 -8.79
N ASN A 201 -28.22 35.01 -8.78
CA ASN A 201 -27.94 35.81 -9.97
C ASN A 201 -28.94 35.55 -11.09
N THR A 202 -30.22 35.42 -10.73
CA THR A 202 -31.30 35.24 -11.70
C THR A 202 -32.42 36.22 -11.38
N LYS A 203 -33.15 36.61 -12.42
CA LYS A 203 -34.26 37.54 -12.27
C LYS A 203 -35.50 36.76 -11.83
N VAL A 204 -35.88 36.93 -10.57
CA VAL A 204 -36.95 36.14 -9.97
C VAL A 204 -38.30 36.69 -10.42
N PRO A 205 -39.20 35.86 -10.95
CA PRO A 205 -40.55 36.34 -11.28
C PRO A 205 -41.32 36.72 -10.03
N VAL A 206 -42.29 37.62 -10.22
CA VAL A 206 -43.07 38.12 -9.09
C VAL A 206 -43.93 37.04 -8.44
N ASP A 207 -44.19 35.94 -9.14
CA ASP A 207 -44.95 34.85 -8.52
C ASP A 207 -44.13 34.15 -7.44
N ILE A 208 -42.85 33.89 -7.71
CA ILE A 208 -41.99 33.27 -6.73
C ILE A 208 -41.79 34.20 -5.53
N VAL A 209 -41.65 35.50 -5.79
CA VAL A 209 -41.51 36.47 -4.71
C VAL A 209 -42.74 36.45 -3.80
N ASN A 210 -43.92 36.45 -4.40
CA ASN A 210 -45.16 36.43 -3.61
C ASN A 210 -45.27 35.15 -2.80
N GLN A 211 -44.99 34.00 -3.43
CA GLN A 211 -45.08 32.74 -2.72
C GLN A 211 -44.10 32.67 -1.56
N TRP A 212 -42.86 33.12 -1.78
CA TRP A 212 -41.87 33.11 -0.71
C TRP A 212 -42.27 34.03 0.43
N PHE A 213 -42.63 35.28 0.12
CA PHE A 213 -42.96 36.23 1.17
C PHE A 213 -44.27 35.87 1.87
N LEU A 214 -45.10 35.01 1.27
CA LEU A 214 -46.29 34.54 1.97
C LEU A 214 -45.95 33.38 2.90
N GLN A 215 -45.30 32.34 2.38
CA GLN A 215 -45.05 31.15 3.18
C GLN A 215 -43.93 31.33 4.19
N TYR A 216 -43.08 32.36 4.04
CA TYR A 216 -42.07 32.64 5.05
C TYR A 216 -42.72 33.19 6.32
N GLN A 217 -43.62 34.15 6.17
CA GLN A 217 -44.32 34.70 7.33
C GLN A 217 -45.34 33.71 7.87
N ASN A 218 -46.00 32.95 6.99
CA ASN A 218 -47.09 32.10 7.43
C ASN A 218 -46.60 30.83 8.13
N GLN A 219 -45.48 30.25 7.69
CA GLN A 219 -45.14 28.91 8.13
C GLN A 219 -43.72 28.74 8.67
N PHE A 220 -42.78 29.53 8.17
CA PHE A 220 -41.37 29.22 8.41
C PHE A 220 -40.89 29.72 9.76
N VAL A 221 -41.09 31.02 10.05
CA VAL A 221 -40.55 31.61 11.26
C VAL A 221 -41.20 31.00 12.51
N GLU A 222 -42.50 30.76 12.46
CA GLU A 222 -43.18 30.15 13.59
C GLU A 222 -42.65 28.74 13.84
N PHE A 223 -42.41 27.97 12.78
CA PHE A 223 -41.85 26.64 12.93
C PHE A 223 -40.46 26.69 13.56
N CYS A 224 -39.62 27.62 13.07
CA CYS A 224 -38.27 27.73 13.62
C CYS A 224 -38.30 28.09 15.09
N ARG A 225 -39.16 29.05 15.47
CA ARG A 225 -39.23 29.46 16.87
C ARG A 225 -39.81 28.36 17.75
N ASN A 226 -40.81 27.63 17.25
CA ASN A 226 -41.40 26.55 18.03
C ASN A 226 -40.40 25.42 18.26
N ILE A 227 -39.65 25.05 17.23
CA ILE A 227 -38.66 23.98 17.41
C ILE A 227 -37.51 24.46 18.28
N ASN A 228 -37.12 25.73 18.18
CA ASN A 228 -36.03 26.24 19.01
C ASN A 228 -36.38 26.17 20.49
N SER A 229 -37.60 26.54 20.85
CA SER A 229 -38.06 26.52 22.24
C SER A 229 -39.16 25.48 22.36
N THR A 230 -38.80 24.28 22.85
CA THR A 230 -39.74 23.18 23.00
C THR A 230 -40.43 23.19 24.36
N ASP A 231 -40.54 24.35 25.00
CA ASP A 231 -41.19 24.46 26.31
C ASP A 231 -42.69 24.21 26.24
N LYS A 232 -43.29 24.17 25.06
CA LYS A 232 -44.71 23.92 24.91
C LYS A 232 -45.09 22.53 25.39
N TYR A 242 -39.54 7.02 27.60
CA TYR A 242 -38.24 7.27 26.97
C TYR A 242 -37.45 8.31 27.75
N LYS A 243 -36.31 7.89 28.31
CA LYS A 243 -35.43 8.78 29.06
C LYS A 243 -34.01 8.79 28.51
N PHE A 244 -33.42 7.61 28.27
CA PHE A 244 -32.06 7.54 27.78
C PHE A 244 -31.97 7.94 26.31
N GLN A 245 -30.80 8.43 25.93
CA GLN A 245 -30.54 8.89 24.56
C GLN A 245 -31.48 10.01 24.15
N ASN A 246 -31.96 10.79 25.14
CA ASN A 246 -32.80 11.95 24.89
C ASN A 246 -32.23 13.19 25.57
N PHE A 247 -31.03 13.11 26.12
CA PHE A 247 -30.37 14.23 26.79
C PHE A 247 -29.72 15.15 25.76
N GLN A 248 -28.80 16.00 26.22
CA GLN A 248 -28.07 16.93 25.35
C GLN A 248 -27.53 16.25 24.09
N ASP A 249 -27.32 14.94 24.12
CA ASP A 249 -26.93 14.23 22.90
C ASP A 249 -28.02 14.29 21.83
N LEU A 250 -29.26 14.63 22.20
CA LEU A 250 -30.36 14.74 21.25
C LEU A 250 -30.94 16.14 21.17
N SER A 251 -31.15 16.80 22.29
CA SER A 251 -31.74 18.15 22.28
C SER A 251 -30.81 19.15 21.60
N TYR A 252 -29.51 19.05 21.85
CA TYR A 252 -28.55 19.97 21.26
C TYR A 252 -28.46 19.81 19.74
N LEU A 253 -28.89 18.66 19.22
CA LEU A 253 -28.85 18.44 17.77
C LEU A 253 -29.86 19.33 17.06
N SER A 254 -31.09 19.37 17.56
CA SER A 254 -32.14 20.17 16.93
C SER A 254 -31.80 21.66 16.98
N GLU A 255 -31.27 22.12 18.12
CA GLU A 255 -30.87 23.52 18.22
C GLU A 255 -29.71 23.84 17.27
N THR A 256 -28.88 22.83 16.95
CA THR A 256 -27.80 23.04 16.01
C THR A 256 -28.32 23.14 14.58
N LEU A 257 -29.30 22.29 14.23
CA LEU A 257 -29.82 22.29 12.86
C LEU A 257 -30.72 23.49 12.60
N ILE A 258 -31.53 23.88 13.58
CA ILE A 258 -32.50 24.97 13.37
C ILE A 258 -31.79 26.29 13.15
N SER A 259 -30.64 26.51 13.80
CA SER A 259 -29.89 27.75 13.56
C SER A 259 -29.43 27.84 12.12
N ARG A 260 -28.92 26.73 11.57
CA ARG A 260 -28.54 26.70 10.17
C ARG A 260 -29.73 26.94 9.27
N ILE A 261 -30.88 26.33 9.60
CA ILE A 261 -32.07 26.49 8.78
C ILE A 261 -32.54 27.94 8.76
N SER A 262 -32.52 28.60 9.92
CA SER A 262 -32.92 30.00 9.99
C SER A 262 -31.93 30.90 9.24
N SER A 263 -30.63 30.63 9.35
CA SER A 263 -29.66 31.39 8.59
C SER A 263 -29.87 31.23 7.09
N LEU A 264 -30.21 30.02 6.66
CA LEU A 264 -30.42 29.78 5.23
C LEU A 264 -31.71 30.43 4.75
N PHE A 265 -32.76 30.45 5.59
CA PHE A 265 -33.94 31.26 5.27
C PHE A 265 -33.59 32.72 5.11
N THR A 266 -32.75 33.26 6.00
CA THR A 266 -32.34 34.65 5.86
C THR A 266 -31.61 34.90 4.55
N ILE A 267 -30.69 34.01 4.19
CA ILE A 267 -29.95 34.18 2.94
C ILE A 267 -30.87 34.06 1.74
N THR A 268 -31.82 33.13 1.78
CA THR A 268 -32.78 32.99 0.68
C THR A 268 -33.64 34.24 0.53
N THR A 269 -34.09 34.81 1.66
CA THR A 269 -34.86 36.04 1.58
C THR A 269 -34.02 37.18 1.00
N ILE A 270 -32.74 37.23 1.36
CA ILE A 270 -31.87 38.26 0.82
C ILE A 270 -31.68 38.08 -0.69
N LEU A 271 -31.55 36.83 -1.15
CA LEU A 271 -31.30 36.57 -2.56
C LEU A 271 -32.53 36.87 -3.42
N ILE A 272 -33.73 36.57 -2.91
CA ILE A 272 -34.95 36.81 -3.66
C ILE A 272 -35.20 38.31 -3.84
N LEU A 273 -34.78 39.12 -2.87
CA LEU A 273 -34.94 40.57 -3.00
C LEU A 273 -34.14 41.13 -4.19
N GLY A 274 -33.14 40.40 -4.68
CA GLY A 274 -32.46 40.79 -5.90
C GLY A 274 -30.99 41.12 -5.74
N LEU A 275 -30.32 40.49 -4.77
CA LEU A 275 -28.89 40.71 -4.59
C LEU A 275 -28.11 40.00 -5.69
N ASN A 276 -27.16 40.73 -6.29
CA ASN A 276 -26.37 40.21 -7.40
C ASN A 276 -24.90 40.31 -7.02
N THR A 277 -24.19 39.18 -7.11
CA THR A 277 -22.76 39.17 -6.81
C THR A 277 -21.90 39.58 -8.00
N SER A 278 -22.46 39.64 -9.21
CA SER A 278 -21.68 40.07 -10.36
C SER A 278 -21.43 41.58 -10.33
N ILE A 279 -22.45 42.35 -9.93
CA ILE A 279 -22.31 43.81 -9.84
C ILE A 279 -22.16 44.28 -8.40
N ALA A 280 -22.21 43.38 -7.43
CA ALA A 280 -22.09 43.72 -6.01
C ALA A 280 -23.10 44.79 -5.61
N GLN A 281 -24.34 44.62 -6.06
CA GLN A 281 -25.38 45.61 -5.86
C GLN A 281 -26.73 44.95 -6.10
N PHE A 282 -27.76 45.49 -5.46
CA PHE A 282 -29.11 45.02 -5.69
C PHE A 282 -29.57 45.40 -7.11
N ASP A 283 -30.25 44.46 -7.76
CA ASP A 283 -30.70 44.66 -9.14
C ASP A 283 -32.04 45.37 -9.13
N ILE A 284 -32.02 46.67 -9.45
CA ILE A 284 -33.26 47.45 -9.48
C ILE A 284 -34.15 47.01 -10.63
N GLN A 285 -33.56 46.62 -11.76
CA GLN A 285 -34.30 46.24 -12.96
C GLN A 285 -34.99 44.88 -12.84
N SER A 286 -35.06 44.28 -11.65
CA SER A 286 -35.77 43.03 -11.47
C SER A 286 -37.28 43.27 -11.58
N PRO A 287 -38.04 42.22 -11.88
CA PRO A 287 -39.50 42.39 -11.98
C PRO A 287 -40.15 42.85 -10.69
N LEU A 288 -39.51 42.64 -9.54
CA LEU A 288 -40.07 43.10 -8.27
C LEU A 288 -40.21 44.62 -8.24
N TYR A 289 -39.17 45.35 -8.66
CA TYR A 289 -39.18 46.80 -8.55
C TYR A 289 -39.85 47.48 -9.72
N MET A 290 -40.06 46.77 -10.83
CA MET A 290 -40.84 47.30 -11.94
C MET A 290 -42.34 47.05 -11.76
N ASP A 291 -42.73 46.27 -10.78
CA ASP A 291 -44.13 46.04 -10.44
C ASP A 291 -44.50 46.92 -9.25
N THR A 292 -45.61 47.63 -9.38
CA THR A 292 -46.07 48.54 -8.33
C THR A 292 -46.99 47.87 -7.32
N GLU A 293 -47.31 46.59 -7.50
CA GLU A 293 -48.19 45.87 -6.60
C GLU A 293 -47.46 44.88 -5.71
N THR A 294 -46.45 44.19 -6.24
CA THR A 294 -45.68 43.26 -5.41
C THR A 294 -44.72 44.00 -4.48
N PHE A 295 -44.23 45.16 -4.91
CA PHE A 295 -43.46 46.02 -4.01
C PHE A 295 -44.28 46.40 -2.78
N ASP A 296 -45.59 46.64 -2.98
CA ASP A 296 -46.45 47.03 -1.88
C ASP A 296 -46.55 45.94 -0.82
N THR A 297 -46.64 44.67 -1.25
CA THR A 297 -46.76 43.58 -0.29
C THR A 297 -45.50 43.46 0.57
N VAL A 298 -44.32 43.56 -0.05
CA VAL A 298 -43.07 43.48 0.71
C VAL A 298 -42.96 44.65 1.68
N ASN A 299 -43.27 45.86 1.19
CA ASN A 299 -43.21 47.03 2.06
C ASN A 299 -44.16 46.90 3.23
N SER A 300 -45.39 46.41 2.99
CA SER A 300 -46.36 46.23 4.05
C SER A 300 -45.91 45.17 5.05
N ALA A 301 -45.31 44.08 4.55
CA ALA A 301 -44.82 43.04 5.46
C ALA A 301 -43.73 43.58 6.38
N LEU A 302 -42.78 44.33 5.82
CA LEU A 302 -41.72 44.89 6.65
C LEU A 302 -42.27 45.93 7.62
N GLU A 303 -43.23 46.74 7.18
CA GLU A 303 -43.84 47.72 8.07
C GLU A 303 -44.58 47.04 9.22
N ASN A 304 -45.30 45.95 8.92
CA ASN A 304 -46.00 45.21 9.97
C ASN A 304 -45.01 44.60 10.95
N ASP A 305 -43.88 44.09 10.45
CA ASP A 305 -42.86 43.57 11.34
C ASP A 305 -42.30 44.67 12.24
N VAL A 306 -42.07 45.86 11.68
CA VAL A 306 -41.51 46.96 12.47
C VAL A 306 -42.50 47.43 13.52
N ALA A 307 -43.77 47.57 13.16
CA ALA A 307 -44.77 48.19 14.04
C ALA A 307 -45.24 47.29 15.17
N THR A 308 -44.98 45.99 15.10
CA THR A 308 -45.43 45.04 16.12
C THR A 308 -44.25 44.23 16.65
N ASN A 309 -43.17 44.93 16.99
CA ASN A 309 -41.93 44.27 17.39
C ASN A 309 -41.86 44.02 18.90
N ILE A 310 -42.21 45.02 19.72
CA ILE A 310 -41.93 44.98 21.15
C ILE A 310 -42.53 43.77 21.85
N VAL A 311 -43.54 43.12 21.25
CA VAL A 311 -44.13 41.94 21.86
C VAL A 311 -43.12 40.79 21.94
N ASN A 312 -42.30 40.63 20.90
CA ASN A 312 -41.29 39.59 20.86
C ASN A 312 -39.94 40.22 20.54
N GLU A 313 -38.95 39.98 21.41
CA GLU A 313 -37.65 40.64 21.26
C GLU A 313 -36.94 40.25 19.97
N ASP A 314 -37.31 39.13 19.35
CA ASP A 314 -36.73 38.72 18.09
C ASP A 314 -37.65 39.12 16.96
N PRO A 315 -37.23 39.97 16.03
CA PRO A 315 -38.10 40.36 14.91
C PRO A 315 -38.38 39.19 13.99
N ILE A 316 -39.51 39.29 13.28
CA ILE A 316 -39.90 38.26 12.33
C ILE A 316 -38.87 38.14 11.22
N PHE A 317 -38.42 39.27 10.69
CA PHE A 317 -37.37 39.32 9.69
C PHE A 317 -36.05 39.68 10.34
N HIS A 318 -34.97 39.07 9.85
CA HIS A 318 -33.64 39.37 10.37
C HIS A 318 -33.34 40.86 10.18
N PRO A 319 -32.60 41.48 11.10
CA PRO A 319 -32.25 42.90 10.92
C PRO A 319 -31.50 43.17 9.64
N MET A 320 -30.87 42.15 9.04
CA MET A 320 -30.26 42.30 7.73
C MET A 320 -31.29 42.71 6.68
N ILE A 321 -32.49 42.13 6.75
CA ILE A 321 -33.51 42.40 5.74
C ILE A 321 -34.01 43.84 5.83
N HIS A 322 -34.35 44.29 7.04
CA HIS A 322 -34.76 45.68 7.22
C HIS A 322 -33.64 46.64 6.85
N TYR A 323 -32.42 46.30 7.27
CA TYR A 323 -31.26 47.15 7.06
C TYR A 323 -30.95 47.33 5.58
N SER A 324 -31.10 46.26 4.79
CA SER A 324 -30.91 46.36 3.34
C SER A 324 -32.10 47.00 2.64
N TRP A 325 -33.31 46.77 3.16
CA TRP A 325 -34.48 47.43 2.58
C TRP A 325 -34.40 48.94 2.71
N SER A 326 -33.78 49.43 3.79
CA SER A 326 -33.57 50.86 3.92
C SER A 326 -32.78 51.42 2.74
N PHE A 327 -31.65 50.78 2.41
CA PHE A 327 -30.85 51.25 1.27
C PHE A 327 -31.57 51.05 -0.05
N ILE A 328 -32.33 49.95 -0.18
CA ILE A 328 -33.09 49.73 -1.42
C ILE A 328 -34.08 50.86 -1.63
N LEU A 329 -34.82 51.22 -0.58
CA LEU A 329 -35.77 52.32 -0.67
C LEU A 329 -35.06 53.64 -0.97
N TYR A 330 -33.91 53.87 -0.33
CA TYR A 330 -33.19 55.12 -0.57
C TYR A 330 -32.77 55.24 -2.03
N TYR A 331 -32.20 54.16 -2.58
CA TYR A 331 -31.79 54.20 -3.99
C TYR A 331 -32.98 54.33 -4.93
N ARG A 332 -34.08 53.63 -4.63
CA ARG A 332 -35.26 53.73 -5.48
C ARG A 332 -35.82 55.14 -5.49
N ARG A 333 -35.84 55.79 -4.33
CA ARG A 333 -36.30 57.17 -4.26
C ARG A 333 -35.34 58.12 -4.98
N ALA A 334 -34.04 57.90 -4.81
CA ALA A 334 -33.06 58.78 -5.44
C ALA A 334 -33.09 58.66 -6.96
N LEU A 335 -33.42 57.48 -7.48
CA LEU A 335 -33.55 57.32 -8.93
C LEU A 335 -34.67 58.19 -9.48
N GLN A 336 -35.80 58.26 -8.77
CA GLN A 336 -36.90 59.12 -9.17
C GLN A 336 -36.65 60.55 -8.72
N SER A 337 -37.49 61.46 -9.22
CA SER A 337 -37.31 62.88 -8.92
C SER A 337 -37.91 63.25 -7.56
N SER A 338 -39.22 63.04 -7.40
CA SER A 338 -39.89 63.42 -6.17
C SER A 338 -39.48 62.52 -5.01
N GLU A 339 -39.42 63.10 -3.82
CA GLU A 339 -39.09 62.37 -2.61
C GLU A 339 -40.16 62.44 -1.53
N SER A 340 -40.87 63.56 -1.41
CA SER A 340 -41.95 63.75 -0.43
C SER A 340 -41.36 63.53 0.96
N PHE A 341 -41.98 62.72 1.82
CA PHE A 341 -41.44 62.48 3.15
C PHE A 341 -40.12 61.74 3.07
N ASP A 342 -39.17 62.13 3.92
CA ASP A 342 -37.83 61.55 3.92
C ASP A 342 -37.60 60.60 5.09
N ASP A 343 -37.82 61.05 6.32
CA ASP A 343 -37.58 60.23 7.51
C ASP A 343 -38.81 59.44 7.94
N SER A 344 -39.95 59.64 7.28
CA SER A 344 -41.17 58.94 7.70
C SER A 344 -41.07 57.44 7.46
N ASP A 345 -40.53 57.04 6.31
CA ASP A 345 -40.48 55.64 5.92
C ASP A 345 -39.08 55.09 5.68
N ILE A 346 -38.15 55.92 5.21
CA ILE A 346 -36.81 55.42 4.91
C ILE A 346 -36.06 55.10 6.20
N THR A 347 -36.13 56.00 7.18
CA THR A 347 -35.26 55.90 8.35
C THR A 347 -35.81 54.97 9.43
N LYS A 348 -37.09 54.61 9.38
CA LYS A 348 -37.64 53.74 10.42
C LYS A 348 -37.01 52.36 10.38
N PHE A 349 -36.81 51.80 9.18
CA PHE A 349 -36.17 50.49 9.07
C PHE A 349 -34.73 50.54 9.55
N ALA A 350 -34.00 51.62 9.22
CA ALA A 350 -32.63 51.76 9.68
C ALA A 350 -32.57 51.86 11.20
N LEU A 351 -33.48 52.64 11.80
CA LEU A 351 -33.53 52.76 13.25
C LEU A 351 -33.85 51.42 13.90
N PHE A 352 -34.78 50.67 13.30
CA PHE A 352 -35.12 49.34 13.81
C PHE A 352 -33.89 48.43 13.80
N ALA A 353 -33.18 48.38 12.66
CA ALA A 353 -32.01 47.52 12.55
C ALA A 353 -30.92 47.94 13.52
N GLU A 354 -30.67 49.25 13.65
CA GLU A 354 -29.63 49.71 14.56
C GLU A 354 -29.98 49.41 16.01
N SER A 355 -31.25 49.60 16.39
CA SER A 355 -31.68 49.29 17.74
C SER A 355 -31.66 47.79 18.02
N HIS A 356 -31.72 46.95 16.98
CA HIS A 356 -31.66 45.51 17.16
C HIS A 356 -30.24 44.96 16.96
N ASP A 357 -29.22 45.81 17.00
CA ASP A 357 -27.81 45.40 16.98
C ASP A 357 -27.50 44.57 15.73
N VAL A 358 -27.58 45.24 14.59
CA VAL A 358 -27.45 44.56 13.31
C VAL A 358 -26.04 43.99 13.11
N LEU A 359 -25.01 44.67 13.62
CA LEU A 359 -23.64 44.27 13.31
C LEU A 359 -23.27 42.95 13.96
N GLN A 360 -23.58 42.79 15.26
CA GLN A 360 -23.23 41.53 15.92
C GLN A 360 -24.08 40.38 15.40
N LYS A 361 -25.34 40.65 15.05
CA LYS A 361 -26.17 39.63 14.43
C LYS A 361 -25.59 39.20 13.08
N LEU A 362 -25.06 40.16 12.32
CA LEU A 362 -24.39 39.85 11.06
C LEU A 362 -23.16 38.99 11.28
N ASN A 363 -22.37 39.32 12.31
CA ASN A 363 -21.18 38.52 12.61
C ASN A 363 -21.56 37.09 12.99
N THR A 364 -22.60 36.94 13.82
CA THR A 364 -23.08 35.61 14.19
C THR A 364 -23.59 34.86 12.96
N LEU A 365 -24.31 35.54 12.08
CA LEU A 365 -24.80 34.91 10.85
C LEU A 365 -23.64 34.42 10.00
N SER A 366 -22.59 35.23 9.87
CA SER A 366 -21.41 34.81 9.12
C SER A 366 -20.72 33.62 9.77
N GLU A 367 -20.70 33.59 11.10
CA GLU A 367 -20.05 32.47 11.79
C GLU A 367 -20.83 31.17 11.61
N ILE A 368 -22.16 31.24 11.65
CA ILE A 368 -22.97 30.02 11.53
C ILE A 368 -22.86 29.44 10.12
N LEU A 369 -22.72 30.27 9.10
CA LEU A 369 -22.73 29.83 7.70
C LEU A 369 -21.32 29.66 7.15
N SER A 370 -20.38 29.19 7.97
CA SER A 370 -18.99 29.06 7.55
C SER A 370 -18.72 27.81 6.72
N PHE A 371 -19.68 26.88 6.63
CA PHE A 371 -19.41 25.64 5.90
C PHE A 371 -19.32 25.86 4.40
N ASP A 372 -20.10 26.80 3.85
CA ASP A 372 -20.07 27.04 2.41
C ASP A 372 -19.46 28.41 2.11
N PRO A 373 -18.61 28.50 1.08
CA PRO A 373 -17.97 29.78 0.75
C PRO A 373 -18.85 30.74 -0.04
N VAL A 374 -20.00 30.30 -0.54
CA VAL A 374 -20.87 31.20 -1.31
C VAL A 374 -21.48 32.25 -0.41
N TYR A 375 -21.91 31.86 0.79
CA TYR A 375 -22.55 32.81 1.70
C TYR A 375 -21.57 33.87 2.17
N THR A 376 -20.29 33.54 2.26
CA THR A 376 -19.28 34.55 2.54
C THR A 376 -19.25 35.60 1.43
N THR A 377 -19.35 35.16 0.18
CA THR A 377 -19.43 36.09 -0.95
C THR A 377 -20.68 36.96 -0.86
N VAL A 378 -21.81 36.36 -0.50
CA VAL A 378 -23.05 37.12 -0.38
C VAL A 378 -22.92 38.21 0.68
N ILE A 379 -22.39 37.85 1.85
CA ILE A 379 -22.25 38.83 2.93
C ILE A 379 -21.23 39.89 2.55
N THR A 380 -20.17 39.50 1.83
CA THR A 380 -19.16 40.47 1.41
C THR A 380 -19.74 41.50 0.44
N VAL A 381 -20.51 41.04 -0.55
CA VAL A 381 -21.11 41.99 -1.49
C VAL A 381 -22.16 42.84 -0.79
N PHE A 382 -22.87 42.28 0.20
CA PHE A 382 -23.80 43.08 0.98
C PHE A 382 -23.07 44.19 1.74
N LEU A 383 -21.93 43.86 2.35
CA LEU A 383 -21.16 44.87 3.07
C LEU A 383 -20.64 45.94 2.13
N GLU A 384 -20.16 45.54 0.95
CA GLU A 384 -19.69 46.51 -0.03
C GLU A 384 -20.83 47.43 -0.48
N PHE A 385 -22.03 46.87 -0.66
CA PHE A 385 -23.18 47.69 -1.01
C PHE A 385 -23.52 48.67 0.12
N SER A 386 -23.48 48.20 1.36
CA SER A 386 -23.84 49.03 2.52
C SER A 386 -22.75 50.02 2.91
N LEU A 387 -21.57 49.93 2.31
CA LEU A 387 -20.48 50.87 2.60
C LEU A 387 -20.91 52.34 2.49
N ASN A 388 -21.72 52.70 1.50
CA ASN A 388 -22.08 54.08 1.25
C ASN A 388 -22.87 54.70 2.40
N PHE A 389 -23.58 53.90 3.19
CA PHE A 389 -24.42 54.43 4.26
C PHE A 389 -23.84 54.21 5.66
N ILE A 390 -22.57 53.87 5.78
CA ILE A 390 -21.96 53.56 7.07
C ILE A 390 -20.66 54.36 7.18
N PRO A 391 -20.49 55.16 8.24
CA PRO A 391 -19.16 55.71 8.55
C PRO A 391 -18.30 54.63 9.21
N ILE A 392 -17.03 54.58 8.84
CA ILE A 392 -16.16 53.53 9.35
C ILE A 392 -15.73 53.89 10.76
N THR A 393 -16.10 53.05 11.73
CA THR A 393 -15.71 53.25 13.13
C THR A 393 -15.04 52.00 13.66
N ALA A 394 -14.79 51.95 14.97
CA ALA A 394 -14.07 50.82 15.54
C ALA A 394 -14.87 49.53 15.40
N SER A 395 -16.14 49.56 15.79
CA SER A 395 -16.96 48.34 15.74
C SER A 395 -17.23 47.91 14.31
N THR A 396 -17.53 48.87 13.42
CA THR A 396 -17.77 48.52 12.03
C THR A 396 -16.53 47.95 11.37
N SER A 397 -15.36 48.54 11.64
CA SER A 397 -14.12 48.02 11.08
C SER A 397 -13.82 46.63 11.63
N ARG A 398 -14.09 46.41 12.92
CA ARG A 398 -13.90 45.08 13.51
C ARG A 398 -14.78 44.05 12.82
N VAL A 399 -16.05 44.37 12.60
CA VAL A 399 -16.96 43.44 11.94
C VAL A 399 -16.50 43.18 10.51
N PHE A 400 -16.09 44.24 9.80
CA PHE A 400 -15.64 44.08 8.42
C PHE A 400 -14.42 43.18 8.35
N ALA A 401 -13.46 43.38 9.25
CA ALA A 401 -12.26 42.55 9.26
C ALA A 401 -12.61 41.10 9.59
N LYS A 402 -13.52 40.89 10.52
CA LYS A 402 -13.91 39.52 10.87
C LYS A 402 -14.57 38.81 9.69
N ILE A 403 -15.44 39.52 8.95
CA ILE A 403 -16.24 38.88 7.92
C ILE A 403 -15.50 38.80 6.59
N ILE A 404 -15.03 39.94 6.10
CA ILE A 404 -14.54 40.02 4.72
C ILE A 404 -13.26 39.24 4.52
N SER A 405 -12.46 39.08 5.58
CA SER A 405 -11.15 38.46 5.42
C SER A 405 -11.21 37.02 4.94
N LYS A 406 -12.36 36.35 5.05
CA LYS A 406 -12.51 34.98 4.59
C LYS A 406 -13.04 34.88 3.17
N ALA A 407 -13.33 36.01 2.52
CA ALA A 407 -13.87 35.99 1.17
C ALA A 407 -12.81 35.59 0.16
N PRO A 408 -13.22 35.11 -1.01
CA PRO A 408 -12.25 34.83 -2.08
C PRO A 408 -11.47 36.07 -2.48
N GLU A 409 -10.32 35.84 -3.13
CA GLU A 409 -9.39 36.92 -3.42
C GLU A 409 -10.00 37.96 -4.35
N GLN A 410 -10.77 37.51 -5.34
CA GLN A 410 -11.36 38.46 -6.29
C GLN A 410 -12.33 39.41 -5.60
N PHE A 411 -13.16 38.88 -4.69
CA PHE A 411 -14.12 39.73 -3.99
C PHE A 411 -13.42 40.65 -2.99
N ILE A 412 -12.34 40.19 -2.36
CA ILE A 412 -11.55 41.06 -1.49
C ILE A 412 -10.96 42.21 -2.29
N GLU A 413 -10.42 41.91 -3.48
CA GLU A 413 -9.88 42.96 -4.33
C GLU A 413 -10.97 43.93 -4.77
N ASN A 414 -12.15 43.41 -5.10
CA ASN A 414 -13.26 44.28 -5.48
C ASN A 414 -13.65 45.21 -4.33
N PHE A 415 -13.71 44.67 -3.11
CA PHE A 415 -14.03 45.52 -1.95
C PHE A 415 -12.95 46.57 -1.73
N LEU A 416 -11.68 46.19 -1.81
CA LEU A 416 -10.60 47.12 -1.51
C LEU A 416 -10.42 48.16 -2.61
N THR A 417 -10.82 47.87 -3.83
CA THR A 417 -10.68 48.80 -4.94
C THR A 417 -11.90 49.69 -5.14
N ASN A 418 -12.91 49.58 -4.29
CA ASN A 418 -14.10 50.41 -4.42
C ASN A 418 -13.74 51.87 -4.16
N ASP A 419 -14.41 52.77 -4.90
CA ASP A 419 -14.14 54.19 -4.75
C ASP A 419 -14.70 54.73 -3.43
N THR A 420 -15.87 54.25 -3.02
CA THR A 420 -16.45 54.69 -1.76
C THR A 420 -15.55 54.28 -0.59
N PHE A 421 -15.05 53.04 -0.62
CA PHE A 421 -14.15 52.59 0.44
C PHE A 421 -12.88 53.42 0.48
N GLU A 422 -12.32 53.75 -0.68
CA GLU A 422 -11.12 54.58 -0.71
C GLU A 422 -11.40 55.97 -0.15
N LYS A 423 -12.54 56.57 -0.52
CA LYS A 423 -12.88 57.89 -0.02
C LYS A 423 -13.07 57.88 1.49
N LYS A 424 -13.71 56.83 2.02
CA LYS A 424 -13.89 56.74 3.47
C LYS A 424 -12.58 56.45 4.19
N LEU A 425 -11.66 55.72 3.54
CA LEU A 425 -10.36 55.45 4.15
C LEU A 425 -9.46 56.67 4.16
N SER A 426 -9.61 57.56 3.17
CA SER A 426 -8.80 58.77 3.14
C SER A 426 -9.08 59.66 4.34
N ILE A 427 -10.35 59.75 4.75
CA ILE A 427 -10.70 60.55 5.92
C ILE A 427 -10.01 60.00 7.17
N ILE A 428 -10.02 58.67 7.32
CA ILE A 428 -9.34 58.04 8.46
C ILE A 428 -7.84 58.33 8.41
N LYS A 429 -7.23 58.16 7.23
CA LYS A 429 -5.79 58.34 7.10
C LYS A 429 -5.36 59.80 7.24
N ALA A 430 -6.28 60.74 7.10
CA ALA A 430 -5.92 62.15 7.24
C ALA A 430 -5.39 62.44 8.65
N LYS A 431 -6.24 62.28 9.66
CA LYS A 431 -5.85 62.49 11.06
C LYS A 431 -5.65 61.13 11.71
N LEU A 432 -4.52 60.51 11.39
CA LEU A 432 -4.28 59.12 11.77
C LEU A 432 -3.92 58.94 13.25
N PRO A 433 -2.88 59.61 13.79
CA PRO A 433 -2.43 59.28 15.15
C PRO A 433 -3.37 59.81 16.24
N LEU A 434 -4.61 59.32 16.23
CA LEU A 434 -5.61 59.75 17.21
C LEU A 434 -6.23 58.58 17.95
N LEU A 435 -5.55 57.43 18.00
CA LEU A 435 -6.02 56.26 18.73
C LEU A 435 -7.39 55.79 18.26
N ASN A 436 -8.43 56.12 19.03
CA ASN A 436 -9.77 55.63 18.74
C ASN A 436 -10.31 56.17 17.42
N GLU A 437 -9.92 57.40 17.06
CA GLU A 437 -10.48 58.03 15.87
C GLU A 437 -10.04 57.30 14.60
N SER A 438 -8.75 57.06 14.44
CA SER A 438 -8.25 56.53 13.18
C SER A 438 -7.35 55.30 13.35
N LEU A 439 -6.57 55.27 14.43
CA LEU A 439 -5.54 54.23 14.56
C LEU A 439 -6.16 52.85 14.70
N ILE A 440 -7.12 52.70 15.61
CA ILE A 440 -7.78 51.40 15.78
C ILE A 440 -8.57 50.99 14.53
N PRO A 441 -9.37 51.85 13.89
CA PRO A 441 -10.01 51.44 12.63
C PRO A 441 -9.01 51.07 11.54
N LEU A 442 -7.88 51.77 11.43
CA LEU A 442 -6.90 51.41 10.41
C LEU A 442 -6.24 50.07 10.71
N ILE A 443 -5.97 49.80 11.99
CA ILE A 443 -5.40 48.51 12.36
C ILE A 443 -6.38 47.39 12.05
N ASN A 444 -7.67 47.62 12.34
CA ASN A 444 -8.69 46.62 12.02
C ASN A 444 -8.81 46.42 10.52
N LEU A 445 -8.73 47.50 9.74
CA LEU A 445 -8.82 47.37 8.29
C LEU A 445 -7.58 46.71 7.70
N ALA A 446 -6.43 46.82 8.37
CA ALA A 446 -5.22 46.20 7.89
C ALA A 446 -5.28 44.68 7.95
N LEU A 447 -6.25 44.12 8.68
CA LEU A 447 -6.41 42.68 8.80
C LEU A 447 -7.18 42.07 7.64
N ILE A 448 -7.31 42.80 6.53
CA ILE A 448 -8.05 42.31 5.37
C ILE A 448 -7.08 41.65 4.39
N ASP A 449 -6.05 42.41 3.99
CA ASP A 449 -5.06 41.91 3.04
C ASP A 449 -3.67 42.29 3.55
N THR A 450 -2.70 41.42 3.30
CA THR A 450 -1.35 41.67 3.77
C THR A 450 -0.67 42.76 2.94
N GLU A 451 -0.84 42.72 1.62
CA GLU A 451 -0.23 43.74 0.77
C GLU A 451 -0.91 45.09 0.95
N PHE A 452 -2.23 45.10 1.16
CA PHE A 452 -2.93 46.34 1.46
C PHE A 452 -2.44 46.94 2.78
N ALA A 453 -2.28 46.10 3.80
CA ALA A 453 -1.76 46.57 5.08
C ALA A 453 -0.36 47.12 4.93
N ASN A 454 0.49 46.43 4.15
CA ASN A 454 1.85 46.91 3.90
C ASN A 454 1.81 48.27 3.21
N PHE A 455 0.97 48.42 2.19
CA PHE A 455 0.90 49.68 1.45
C PHE A 455 0.43 50.83 2.35
N GLU A 456 -0.57 50.58 3.19
CA GLU A 456 -1.11 51.66 4.00
C GLU A 456 -0.26 51.97 5.22
N LEU A 457 0.57 51.02 5.68
CA LEU A 457 1.35 51.23 6.89
C LEU A 457 2.81 51.59 6.62
N LYS A 458 3.31 51.35 5.41
CA LYS A 458 4.74 51.54 5.16
C LYS A 458 5.13 53.01 5.09
N ASP A 459 4.31 53.85 4.47
CA ASP A 459 4.72 55.20 4.09
C ASP A 459 3.66 56.23 4.51
N ILE A 460 3.25 56.17 5.78
CA ILE A 460 2.36 57.19 6.31
C ILE A 460 3.04 58.55 6.25
N CYS A 461 2.33 59.56 5.75
CA CYS A 461 2.90 60.87 5.50
C CYS A 461 2.00 61.97 6.09
N SER A 462 1.57 61.78 7.33
CA SER A 462 0.74 62.78 8.00
C SER A 462 0.81 62.55 9.50
N PHE A 463 0.87 63.65 10.25
CA PHE A 463 0.88 63.59 11.71
C PHE A 463 -0.09 64.64 12.25
N ALA A 464 -1.11 64.19 12.96
CA ALA A 464 -2.14 65.07 13.51
C ALA A 464 -2.01 65.12 15.03
N VAL A 465 -1.97 66.33 15.58
CA VAL A 465 -1.79 66.55 17.00
C VAL A 465 -2.90 67.48 17.49
N THR A 466 -3.50 67.15 18.62
CA THR A 466 -4.48 68.00 19.27
C THR A 466 -3.91 68.49 20.60
N LYS A 467 -4.11 69.78 20.89
CA LYS A 467 -3.59 70.39 22.10
C LYS A 467 -4.67 71.28 22.71
N SER A 468 -4.88 71.13 24.02
CA SER A 468 -5.85 71.97 24.72
C SER A 468 -5.42 73.43 24.72
N SER A 469 -4.14 73.70 24.92
CA SER A 469 -3.60 75.04 24.97
C SER A 469 -2.64 75.24 23.80
N LEU A 470 -2.81 76.35 23.07
CA LEU A 470 -1.96 76.65 21.92
C LEU A 470 -0.64 77.30 22.31
N ASN A 471 -0.47 77.68 23.57
CA ASN A 471 0.80 78.28 23.99
C ASN A 471 1.93 77.26 23.98
N ASP A 472 1.62 75.99 24.18
CA ASP A 472 2.65 74.95 24.18
C ASP A 472 3.25 74.73 22.80
N LEU A 473 2.56 75.16 21.74
CA LEU A 473 3.03 75.01 20.37
C LEU A 473 3.50 76.37 19.86
N ASP A 474 4.73 76.42 19.35
CA ASP A 474 5.31 77.65 18.84
C ASP A 474 5.17 77.65 17.31
N TYR A 475 3.99 78.06 16.85
CA TYR A 475 3.66 78.09 15.44
C TYR A 475 3.49 79.53 14.97
N ASP A 476 3.85 79.77 13.72
CA ASP A 476 3.77 81.09 13.11
C ASP A 476 2.72 81.10 12.01
N LEU A 477 1.91 82.15 11.99
CA LEU A 477 0.87 82.29 10.98
C LEU A 477 1.46 82.63 9.63
N PRO A 494 -5.82 80.80 5.50
CA PRO A 494 -5.74 81.07 6.93
C PRO A 494 -5.25 79.87 7.73
N ASP A 495 -5.28 78.69 7.11
CA ASP A 495 -4.87 77.45 7.75
C ASP A 495 -3.41 77.11 7.51
N LEU A 496 -2.67 77.94 6.77
CA LEU A 496 -1.28 77.68 6.46
C LEU A 496 -0.41 78.25 7.57
N ILE A 497 0.31 77.37 8.27
CA ILE A 497 1.19 77.77 9.36
C ILE A 497 2.55 77.09 9.16
N GLU A 498 3.54 77.61 9.89
CA GLU A 498 4.90 77.10 9.81
C GLU A 498 5.47 76.92 11.22
N LEU A 499 6.41 75.99 11.35
CA LEU A 499 7.07 75.71 12.62
C LEU A 499 8.50 76.24 12.55
N LYS A 500 8.83 77.12 13.49
CA LYS A 500 10.16 77.72 13.56
C LYS A 500 11.09 77.02 14.54
N SER A 501 10.63 75.94 15.17
CA SER A 501 11.45 75.22 16.14
C SER A 501 11.00 73.77 16.18
N ASP A 502 11.89 72.91 16.70
CA ASP A 502 11.58 71.50 16.83
C ASP A 502 10.46 71.29 17.86
N LEU A 503 9.63 70.29 17.61
CA LEU A 503 8.48 70.00 18.47
C LEU A 503 8.57 68.57 18.99
N LEU A 504 8.18 68.39 20.25
CA LEU A 504 8.15 67.07 20.88
C LEU A 504 6.71 66.68 21.11
N VAL A 505 6.29 65.56 20.53
CA VAL A 505 4.93 65.05 20.66
C VAL A 505 4.99 63.60 21.13
N ALA A 506 4.22 63.28 22.16
CA ALA A 506 4.19 61.92 22.67
C ALA A 506 3.52 61.00 21.64
N PRO A 507 4.10 59.82 21.40
CA PRO A 507 3.49 58.88 20.45
C PRO A 507 2.19 58.33 20.99
N PRO A 508 1.34 57.79 20.11
CA PRO A 508 0.05 57.24 20.57
C PRO A 508 0.23 56.20 21.66
N LEU A 509 -0.62 56.30 22.70
CA LEU A 509 -0.65 55.33 23.81
C LEU A 509 0.72 55.18 24.46
N GLU A 510 1.43 56.30 24.62
CA GLU A 510 2.74 56.28 25.25
C GLU A 510 2.61 56.37 26.77
N ASN A 511 3.43 55.60 27.47
CA ASN A 511 3.44 55.65 28.93
C ASN A 511 3.82 57.03 29.42
N GLU A 512 3.14 57.50 30.46
CA GLU A 512 3.38 58.85 30.96
C GLU A 512 4.79 58.99 31.53
N ASN A 513 5.28 57.97 32.23
CA ASN A 513 6.61 58.04 32.82
C ASN A 513 7.72 57.77 31.81
N SER A 514 7.40 57.22 30.66
CA SER A 514 8.42 56.91 29.66
C SER A 514 8.99 58.20 29.07
N ASN A 515 10.29 58.16 28.75
CA ASN A 515 10.98 59.30 28.18
C ASN A 515 10.97 59.30 26.64
N CYS A 516 10.37 58.29 26.02
CA CYS A 516 10.34 58.22 24.57
C CYS A 516 9.37 59.25 24.00
N LEU A 517 9.84 60.07 23.07
CA LEU A 517 9.03 61.10 22.45
C LEU A 517 9.35 61.15 20.95
N LEU A 518 8.40 61.68 20.20
CA LEU A 518 8.55 61.84 18.76
C LEU A 518 8.94 63.27 18.44
N SER A 519 9.96 63.44 17.59
CA SER A 519 10.50 64.75 17.26
C SER A 519 10.07 65.16 15.86
N ILE A 520 9.47 66.34 15.75
CA ILE A 520 9.08 66.94 14.49
C ILE A 520 10.04 68.10 14.22
N PRO A 521 10.83 68.05 13.15
CA PRO A 521 11.79 69.13 12.89
C PRO A 521 11.08 70.42 12.49
N LYS A 522 11.84 71.52 12.58
CA LYS A 522 11.32 72.83 12.24
C LYS A 522 11.09 72.95 10.73
N SER A 523 10.60 74.12 10.32
CA SER A 523 10.28 74.40 8.91
C SER A 523 9.30 73.37 8.35
N THR A 524 8.30 73.01 9.15
CA THR A 524 7.29 72.04 8.77
C THR A 524 5.97 72.75 8.54
N LYS A 525 5.40 72.58 7.35
CA LYS A 525 4.13 73.20 7.01
C LYS A 525 3.00 72.49 7.76
N GLY A 526 2.10 73.28 8.35
CA GLY A 526 1.00 72.73 9.11
C GLY A 526 -0.33 73.30 8.67
N LYS A 527 -1.39 72.52 8.91
CA LYS A 527 -2.75 72.92 8.61
C LYS A 527 -3.59 72.82 9.89
N ILE A 528 -4.36 73.85 10.17
CA ILE A 528 -5.17 73.93 11.39
C ILE A 528 -6.63 73.67 11.02
N LEU A 529 -7.25 72.71 11.72
CA LEU A 529 -8.65 72.36 11.51
C LEU A 529 -9.38 72.54 12.83
N THR A 530 -10.43 73.37 12.81
CA THR A 530 -11.22 73.64 14.01
C THR A 530 -12.72 73.66 13.71
N ILE A 531 -13.17 73.01 12.63
CA ILE A 531 -14.56 73.04 12.22
C ILE A 531 -15.14 71.64 12.28
N LYS A 532 -16.47 71.57 12.32
CA LYS A 532 -17.15 70.29 12.36
C LYS A 532 -16.92 69.51 11.07
N GLN A 533 -16.88 68.18 11.20
CA GLN A 533 -16.67 67.33 10.05
C GLN A 533 -17.82 67.44 9.06
N GLN A 534 -17.50 67.47 7.77
CA GLN A 534 -18.48 67.65 6.72
C GLN A 534 -18.93 66.30 6.17
N GLN A 535 -19.68 65.58 7.01
CA GLN A 535 -20.24 64.29 6.63
C GLN A 535 -21.70 64.22 7.08
N GLN A 536 -22.47 63.39 6.39
CA GLN A 536 -23.87 63.21 6.71
C GLN A 536 -24.17 61.75 7.07
N THR A 549 -15.00 67.56 16.52
CA THR A 549 -13.55 67.41 16.64
C THR A 549 -12.93 68.61 17.35
N SER A 550 -11.71 68.44 17.84
CA SER A 550 -11.01 69.48 18.58
C SER A 550 -10.17 70.32 17.61
N ASN A 551 -9.30 71.17 18.16
CA ASN A 551 -8.41 72.01 17.37
C ASN A 551 -7.20 71.19 16.94
N LEU A 552 -7.33 70.53 15.79
CA LEU A 552 -6.28 69.65 15.29
C LEU A 552 -5.29 70.44 14.44
N ILE A 553 -4.02 70.04 14.52
CA ILE A 553 -2.97 70.58 13.66
C ILE A 553 -2.29 69.41 12.98
N ILE A 554 -2.26 69.44 11.65
CA ILE A 554 -1.72 68.35 10.85
C ILE A 554 -0.46 68.83 10.15
N PHE A 555 0.66 68.18 10.44
CA PHE A 555 1.92 68.42 9.75
C PHE A 555 2.21 67.26 8.79
N LEU A 556 2.89 67.59 7.70
CA LEU A 556 3.34 66.56 6.76
C LEU A 556 4.64 65.98 7.29
N TYR A 557 4.59 64.72 7.72
CA TYR A 557 5.74 64.04 8.31
C TYR A 557 5.75 62.60 7.84
N LYS A 558 6.74 62.24 7.03
CA LYS A 558 6.85 60.89 6.50
C LYS A 558 7.48 59.99 7.55
N PHE A 559 6.70 59.01 8.03
CA PHE A 559 7.17 58.10 9.06
C PHE A 559 6.55 56.74 8.83
N ASN A 560 7.19 55.71 9.39
CA ASN A 560 6.75 54.34 9.24
C ASN A 560 5.68 54.01 10.28
N GLY A 561 4.68 53.24 9.88
CA GLY A 561 3.61 52.86 10.78
C GLY A 561 3.87 51.56 11.50
N TRP A 562 4.69 50.70 10.90
CA TRP A 562 5.03 49.43 11.55
C TRP A 562 5.79 49.66 12.85
N SER A 563 6.72 50.61 12.85
CA SER A 563 7.46 50.94 14.07
C SER A 563 6.52 51.49 15.14
N LEU A 564 5.57 52.33 14.75
CA LEU A 564 4.60 52.87 15.70
C LEU A 564 3.75 51.75 16.32
N VAL A 565 3.31 50.80 15.49
CA VAL A 565 2.50 49.70 16.00
C VAL A 565 3.33 48.83 16.94
N GLY A 566 4.60 48.59 16.60
CA GLY A 566 5.46 47.81 17.49
C GLY A 566 5.70 48.49 18.82
N ARG A 567 5.94 49.80 18.79
CA ARG A 567 6.11 50.55 20.04
C ARG A 567 4.84 50.51 20.88
N ILE A 568 3.68 50.63 20.24
CA ILE A 568 2.41 50.54 20.94
C ILE A 568 2.24 49.17 21.58
N LEU A 569 2.63 48.11 20.86
CA LEU A 569 2.53 46.76 21.41
C LEU A 569 3.44 46.60 22.63
N GLN A 570 4.66 47.13 22.56
CA GLN A 570 5.55 47.07 23.72
C GLN A 570 4.97 47.82 24.90
N ASN A 571 4.38 49.00 24.65
CA ASN A 571 3.76 49.77 25.72
C ASN A 571 2.62 48.99 26.35
N LEU A 572 1.80 48.33 25.53
CA LEU A 572 0.71 47.52 26.05
C LEU A 572 1.24 46.35 26.88
N LEU A 573 2.37 45.77 26.46
CA LEU A 573 3.00 44.72 27.26
C LEU A 573 3.45 45.25 28.61
N HIS A 574 4.02 46.46 28.64
CA HIS A 574 4.47 47.03 29.90
C HIS A 574 3.31 47.23 30.87
N SER A 575 2.18 47.74 30.39
CA SER A 575 1.01 47.88 31.24
C SER A 575 0.33 46.54 31.54
N TYR A 576 0.56 45.53 30.71
CA TYR A 576 -0.04 44.22 30.95
C TYR A 576 0.59 43.54 32.15
N MET A 577 1.90 43.68 32.33
CA MET A 577 2.60 43.08 33.45
C MET A 577 2.76 44.02 34.63
N GLU A 578 2.32 45.28 34.51
CA GLU A 578 2.37 46.22 35.62
C GLU A 578 1.03 46.24 36.37
N LYS A 579 -0.05 46.59 35.66
CA LYS A 579 -1.36 46.62 36.29
C LYS A 579 -1.83 45.21 36.65
N GLY A 580 -1.65 44.26 35.73
CA GLY A 580 -2.08 42.89 35.93
C GLY A 580 -3.06 42.46 34.86
N THR A 581 -4.10 41.75 35.29
CA THR A 581 -5.13 41.26 34.38
C THR A 581 -6.33 42.19 34.30
N GLN A 582 -6.29 43.35 34.96
CA GLN A 582 -7.38 44.30 34.95
C GLN A 582 -7.26 45.32 33.82
N LEU A 583 -6.58 44.93 32.74
CA LEU A 583 -6.39 45.81 31.56
C LEU A 583 -7.75 46.12 30.91
N ASP A 584 -7.91 47.34 30.38
CA ASP A 584 -9.17 47.76 29.72
C ASP A 584 -9.41 46.91 28.48
N ASP A 585 -10.68 46.59 28.19
CA ASP A 585 -11.04 45.76 27.00
C ASP A 585 -10.50 46.41 25.73
N LEU A 586 -10.67 47.73 25.60
CA LEU A 586 -10.19 48.48 24.41
C LEU A 586 -8.70 48.19 24.19
N GLN A 587 -7.89 48.29 25.25
CA GLN A 587 -6.42 48.04 25.15
C GLN A 587 -6.17 46.56 24.88
N HIS A 588 -6.83 45.67 25.64
CA HIS A 588 -6.65 44.23 25.46
C HIS A 588 -6.95 43.81 24.03
N GLU A 589 -8.05 44.32 23.46
CA GLU A 589 -8.38 43.97 22.09
C GLU A 589 -7.42 44.62 21.10
N LEU A 590 -6.89 45.80 21.40
CA LEU A 590 -5.86 46.38 20.55
C LEU A 590 -4.61 45.51 20.54
N MET A 591 -4.22 44.99 21.71
CA MET A 591 -3.08 44.09 21.80
C MET A 591 -3.31 42.82 20.98
N ILE A 592 -4.52 42.24 21.10
CA ILE A 592 -4.83 41.03 20.35
C ILE A 592 -4.81 41.31 18.86
N SER A 593 -5.35 42.46 18.44
CA SER A 593 -5.37 42.80 17.03
C SER A 593 -3.95 43.00 16.48
N ILE A 594 -3.07 43.63 17.26
CA ILE A 594 -1.69 43.80 16.82
C ILE A 594 -1.00 42.45 16.69
N ILE A 595 -1.24 41.55 17.65
CA ILE A 595 -0.65 40.21 17.57
C ILE A 595 -1.15 39.48 16.32
N LYS A 596 -2.44 39.60 16.01
CA LYS A 596 -2.99 38.96 14.82
C LYS A 596 -2.40 39.56 13.55
N LEU A 597 -2.19 40.87 13.53
CA LEU A 597 -1.57 41.51 12.37
C LEU A 597 -0.16 40.99 12.15
N VAL A 598 0.62 40.86 13.22
CA VAL A 598 1.96 40.29 13.06
C VAL A 598 1.89 38.82 12.65
N THR A 599 0.89 38.08 13.14
CA THR A 599 0.70 36.70 12.70
C THR A 599 0.47 36.63 11.20
N ASN A 600 -0.38 37.51 10.67
CA ASN A 600 -0.60 37.56 9.23
C ASN A 600 0.67 37.98 8.50
N VAL A 601 1.48 38.85 9.11
CA VAL A 601 2.73 39.28 8.50
C VAL A 601 3.68 38.10 8.33
N VAL A 602 3.80 37.27 9.36
CA VAL A 602 4.85 36.26 9.41
C VAL A 602 4.35 34.97 8.77
N ASP A 603 3.23 35.06 8.06
CA ASP A 603 2.66 33.89 7.39
C ASP A 603 3.64 33.34 6.37
N PRO A 604 3.73 32.01 6.21
CA PRO A 604 4.63 31.45 5.19
C PRO A 604 4.27 31.83 3.77
N LYS A 605 3.03 32.26 3.53
CA LYS A 605 2.64 32.71 2.19
C LYS A 605 3.41 33.94 1.76
N THR A 606 3.97 34.69 2.71
CA THR A 606 4.81 35.83 2.38
C THR A 606 6.25 35.36 2.17
N SER A 607 6.96 36.08 1.30
CA SER A 607 8.37 35.78 1.06
C SER A 607 9.18 36.05 2.33
N ILE A 608 10.19 35.20 2.57
CA ILE A 608 10.99 35.33 3.79
C ILE A 608 11.75 36.65 3.80
N GLU A 609 12.05 37.20 2.63
CA GLU A 609 12.76 38.48 2.57
C GLU A 609 11.88 39.62 3.06
N LYS A 610 10.65 39.69 2.57
CA LYS A 610 9.78 40.81 2.94
C LYS A 610 9.24 40.64 4.35
N SER A 611 8.99 39.41 4.79
CA SER A 611 8.64 39.18 6.19
C SER A 611 9.76 39.65 7.11
N SER A 612 11.01 39.34 6.76
CA SER A 612 12.15 39.81 7.55
C SER A 612 12.23 41.32 7.55
N GLU A 613 11.99 41.95 6.39
CA GLU A 613 12.02 43.41 6.33
C GLU A 613 10.95 44.03 7.21
N ILE A 614 9.73 43.50 7.16
CA ILE A 614 8.65 44.06 7.97
C ILE A 614 8.94 43.86 9.45
N LEU A 615 9.40 42.67 9.85
CA LEU A 615 9.76 42.44 11.24
C LEU A 615 10.89 43.36 11.68
N SER A 616 11.79 43.70 10.76
CA SER A 616 12.81 44.71 11.06
C SER A 616 12.18 46.06 11.31
N TYR A 617 11.17 46.43 10.51
CA TYR A 617 10.48 47.71 10.73
C TYR A 617 9.76 47.73 12.07
N LEU A 618 9.15 46.61 12.46
CA LEU A 618 8.35 46.53 13.68
C LEU A 618 9.19 46.68 14.95
N SER A 619 10.51 46.59 14.86
CA SER A 619 11.36 46.53 16.04
C SER A 619 12.33 47.70 16.13
N ASN A 620 12.12 48.75 15.33
CA ASN A 620 13.04 49.89 15.34
C ASN A 620 12.89 50.73 16.60
N SER A 621 11.65 50.96 17.04
CA SER A 621 11.37 51.87 18.15
C SER A 621 11.25 51.16 19.49
N LEU A 622 11.49 49.85 19.53
CA LEU A 622 11.42 49.12 20.79
C LEU A 622 12.55 49.55 21.72
N ASP A 623 12.28 49.47 23.02
CA ASP A 623 13.27 49.85 24.02
C ASP A 623 14.43 48.86 24.05
N THR A 624 15.63 49.38 24.23
CA THR A 624 16.84 48.56 24.35
C THR A 624 17.17 48.20 25.79
N SER A 625 16.32 48.59 26.75
CA SER A 625 16.59 48.28 28.15
C SER A 625 16.56 46.78 28.40
N ALA A 626 15.63 46.07 27.77
CA ALA A 626 15.57 44.63 27.92
C ALA A 626 16.82 43.98 27.35
N SER A 627 17.38 43.01 28.09
CA SER A 627 18.61 42.37 27.67
C SER A 627 18.58 40.86 27.84
N THR A 628 17.39 40.24 27.89
CA THR A 628 17.32 38.79 27.94
C THR A 628 17.89 38.17 26.67
N ILE A 629 17.59 38.76 25.52
CA ILE A 629 18.14 38.36 24.23
C ILE A 629 18.76 39.58 23.58
N ASN A 630 19.91 39.40 22.93
CA ASN A 630 20.62 40.52 22.32
C ASN A 630 19.74 41.20 21.27
N GLY A 631 19.75 42.53 21.29
CA GLY A 631 18.91 43.30 20.39
C GLY A 631 17.47 43.38 20.89
N ALA A 632 16.65 44.08 20.09
CA ALA A 632 15.24 44.25 20.38
C ALA A 632 14.43 43.64 19.25
N SER A 633 13.47 42.77 19.60
CA SER A 633 12.66 42.08 18.61
C SER A 633 11.22 42.05 19.07
N ILE A 634 10.30 41.97 18.11
CA ILE A 634 8.88 41.86 18.42
C ILE A 634 8.51 40.43 18.79
N ILE A 635 9.29 39.44 18.34
CA ILE A 635 9.04 38.05 18.69
C ILE A 635 9.20 37.85 20.19
N GLN A 636 10.23 38.49 20.78
CA GLN A 636 10.41 38.41 22.22
C GLN A 636 9.25 39.05 22.96
N VAL A 637 8.74 40.17 22.44
CA VAL A 637 7.59 40.83 23.06
C VAL A 637 6.39 39.91 23.06
N ILE A 638 6.12 39.26 21.93
CA ILE A 638 4.97 38.36 21.83
C ILE A 638 5.17 37.15 22.73
N PHE A 639 6.40 36.66 22.85
CA PHE A 639 6.68 35.54 23.74
C PHE A 639 6.46 35.91 25.21
N GLU A 640 6.88 37.11 25.61
CA GLU A 640 6.62 37.57 26.97
C GLU A 640 5.12 37.72 27.22
N ILE A 641 4.40 38.25 26.24
CA ILE A 641 2.94 38.34 26.36
C ILE A 641 2.34 36.96 26.53
N PHE A 642 2.83 35.98 25.76
CA PHE A 642 2.33 34.62 25.85
C PHE A 642 2.58 34.03 27.23
N GLU A 643 3.79 34.24 27.78
CA GLU A 643 4.10 33.72 29.10
C GLU A 643 3.22 34.34 30.17
N ILE A 644 3.03 35.66 30.11
CA ILE A 644 2.18 36.34 31.09
C ILE A 644 0.74 35.84 30.99
N SER A 645 0.24 35.68 29.76
CA SER A 645 -1.12 35.20 29.57
C SER A 645 -1.27 33.77 30.07
N LEU A 646 -0.25 32.94 29.88
CA LEU A 646 -0.28 31.58 30.39
C LEU A 646 -0.34 31.58 31.91
N GLN A 647 0.39 32.49 32.56
CA GLN A 647 0.37 32.56 34.02
C GLN A 647 -0.97 33.04 34.54
N ARG A 648 -1.62 33.97 33.85
CA ARG A 648 -2.88 34.56 34.31
C ARG A 648 -4.12 33.82 33.83
N LYS A 649 -3.96 32.79 33.00
CA LYS A 649 -5.08 32.03 32.44
C LYS A 649 -6.03 32.94 31.65
N ASP A 650 -5.49 33.54 30.60
CA ASP A 650 -6.25 34.41 29.69
C ASP A 650 -6.41 33.65 28.37
N TYR A 651 -7.64 33.25 28.07
CA TYR A 651 -7.86 32.30 26.97
C TYR A 651 -7.61 32.93 25.61
N THR A 652 -8.16 34.13 25.38
CA THR A 652 -8.05 34.74 24.06
C THR A 652 -6.58 35.04 23.71
N SER A 653 -5.83 35.57 24.68
CA SER A 653 -4.43 35.91 24.43
C SER A 653 -3.61 34.67 24.13
N ILE A 654 -3.79 33.60 24.89
CA ILE A 654 -3.01 32.39 24.64
C ILE A 654 -3.41 31.76 23.31
N VAL A 655 -4.69 31.84 22.94
CA VAL A 655 -5.11 31.30 21.65
C VAL A 655 -4.44 32.06 20.51
N GLN A 656 -4.46 33.40 20.58
CA GLN A 656 -3.85 34.20 19.52
C GLN A 656 -2.34 33.98 19.46
N CYS A 657 -1.68 33.91 20.61
CA CYS A 657 -0.23 33.71 20.62
C CYS A 657 0.15 32.31 20.14
N CYS A 658 -0.69 31.30 20.44
CA CYS A 658 -0.42 29.97 19.92
C CYS A 658 -0.60 29.92 18.41
N GLU A 659 -1.58 30.66 17.88
CA GLU A 659 -1.69 30.78 16.43
C GLU A 659 -0.45 31.45 15.83
N PHE A 660 0.03 32.51 16.48
CA PHE A 660 1.23 33.18 16.00
C PHE A 660 2.41 32.23 15.97
N MET A 661 2.61 31.47 17.04
CA MET A 661 3.76 30.57 17.12
C MET A 661 3.59 29.37 16.19
N THR A 662 2.35 28.97 15.90
CA THR A 662 2.12 27.93 14.90
C THR A 662 2.48 28.42 13.51
N MET A 663 2.16 29.67 13.18
CA MET A 663 2.47 30.20 11.86
C MET A 663 3.91 30.70 11.74
N LEU A 664 4.62 30.84 12.86
CA LEU A 664 6.02 31.26 12.84
C LEU A 664 6.96 30.11 12.50
N THR A 665 6.51 28.87 12.64
CA THR A 665 7.40 27.72 12.53
C THR A 665 8.04 27.54 11.16
N PRO A 666 7.31 27.59 10.03
CA PRO A 666 7.93 27.16 8.76
C PRO A 666 9.18 27.91 8.36
N ASN A 667 9.24 29.23 8.60
CA ASN A 667 10.40 30.02 8.18
C ASN A 667 11.36 30.35 9.32
N TYR A 668 10.89 30.30 10.57
CA TYR A 668 11.71 30.63 11.74
C TYR A 668 11.55 29.50 12.74
N LEU A 669 12.37 28.46 12.61
CA LEU A 669 12.33 27.33 13.52
C LEU A 669 13.35 27.46 14.65
N HIS A 670 14.46 28.16 14.41
CA HIS A 670 15.46 28.40 15.44
C HIS A 670 14.96 29.29 16.56
N LEU A 671 13.82 29.96 16.38
CA LEU A 671 13.20 30.73 17.44
C LEU A 671 12.13 29.92 18.17
N VAL A 672 11.29 29.20 17.43
CA VAL A 672 10.25 28.38 18.04
C VAL A 672 10.87 27.28 18.90
N SER A 673 11.90 26.61 18.38
CA SER A 673 12.55 25.56 19.15
C SER A 673 13.20 26.11 20.41
N SER A 674 13.87 27.27 20.29
CA SER A 674 14.51 27.88 21.45
C SER A 674 13.48 28.25 22.51
N TYR A 675 12.35 28.83 22.10
CA TYR A 675 11.31 29.17 23.06
C TYR A 675 10.74 27.92 23.72
N LEU A 676 10.45 26.89 22.92
CA LEU A 676 9.88 25.67 23.49
C LEU A 676 10.86 24.98 24.44
N ASN A 677 12.15 25.18 24.21
CA ASN A 677 13.14 24.69 25.18
C ASN A 677 13.10 25.52 26.46
N LYS A 678 13.06 26.85 26.32
CA LYS A 678 13.13 27.71 27.50
C LYS A 678 11.80 27.78 28.26
N SER A 679 10.68 27.76 27.53
CA SER A 679 9.38 28.00 28.16
C SER A 679 8.97 26.82 29.05
N ASP A 680 7.94 27.06 29.85
CA ASP A 680 7.38 26.06 30.75
C ASP A 680 6.09 25.46 30.23
N LEU A 681 5.76 25.68 28.95
CA LEU A 681 4.54 25.11 28.40
C LEU A 681 4.58 23.59 28.33
N LEU A 682 5.77 23.02 28.14
CA LEU A 682 5.95 21.58 28.08
C LEU A 682 6.58 21.08 29.38
N ASP A 683 6.31 19.82 29.69
CA ASP A 683 6.82 19.23 30.93
C ASP A 683 8.34 19.20 30.93
N LYS A 684 8.93 19.59 32.06
CA LYS A 684 10.39 19.65 32.22
C LYS A 684 10.77 18.94 33.52
N TYR A 685 11.23 17.69 33.39
CA TYR A 685 11.76 16.92 34.52
C TYR A 685 10.73 16.78 35.65
N GLY A 686 9.62 16.12 35.32
CA GLY A 686 8.61 15.83 36.31
C GLY A 686 7.74 17.00 36.73
N LYS A 687 7.85 18.14 36.06
CA LYS A 687 7.05 19.31 36.38
C LYS A 687 5.94 19.48 35.34
N THR A 688 4.71 19.60 35.82
CA THR A 688 3.57 19.72 34.92
C THR A 688 3.64 21.03 34.16
N GLY A 689 3.39 20.98 32.85
CA GLY A 689 3.45 22.16 32.03
C GLY A 689 2.20 23.03 32.15
N LEU A 690 2.31 24.23 31.59
CA LEU A 690 1.20 25.17 31.65
C LEU A 690 0.03 24.73 30.76
N SER A 691 0.32 23.97 29.71
CA SER A 691 -0.75 23.48 28.84
C SER A 691 -1.70 22.55 29.58
N ASN A 692 -1.16 21.64 30.39
CA ASN A 692 -2.01 20.76 31.18
C ASN A 692 -2.76 21.53 32.26
N MET A 693 -2.12 22.55 32.84
CA MET A 693 -2.78 23.39 33.82
C MET A 693 -3.99 24.11 33.21
N ILE A 694 -3.84 24.61 31.99
CA ILE A 694 -4.95 25.28 31.33
C ILE A 694 -6.03 24.29 30.92
N LEU A 695 -5.64 23.13 30.38
CA LEU A 695 -6.63 22.16 29.94
C LEU A 695 -7.46 21.65 31.11
N GLY A 696 -6.81 21.33 32.23
CA GLY A 696 -7.54 20.79 33.37
C GLY A 696 -8.49 21.78 34.01
N SER A 697 -8.09 23.05 34.06
CA SER A 697 -8.86 24.07 34.77
C SER A 697 -9.79 24.84 33.83
N VAL A 698 -9.22 25.47 32.80
CA VAL A 698 -9.98 26.39 31.97
C VAL A 698 -10.84 25.64 30.95
N GLU A 699 -10.21 24.76 30.17
CA GLU A 699 -10.91 24.16 29.04
C GLU A 699 -11.89 23.08 29.49
N LEU A 700 -11.53 22.32 30.53
CA LEU A 700 -12.44 21.28 31.01
C LEU A 700 -13.65 21.83 31.73
N SER A 701 -13.69 23.13 32.01
CA SER A 701 -14.85 23.78 32.61
C SER A 701 -15.63 24.64 31.63
N THR A 702 -14.94 25.40 30.77
CA THR A 702 -15.65 26.24 29.81
C THR A 702 -16.22 25.41 28.66
N GLY A 703 -15.51 24.39 28.24
CA GLY A 703 -15.94 23.57 27.12
C GLY A 703 -15.38 23.96 25.77
N ASP A 704 -14.37 24.81 25.72
CA ASP A 704 -13.76 25.26 24.48
C ASP A 704 -12.32 24.76 24.44
N TYR A 705 -11.92 24.18 23.31
CA TYR A 705 -10.61 23.57 23.15
C TYR A 705 -9.90 24.11 21.92
N THR A 706 -9.92 25.44 21.75
CA THR A 706 -9.18 26.05 20.67
C THR A 706 -7.67 25.92 20.88
N PHE A 707 -7.23 26.05 22.13
CA PHE A 707 -5.80 25.96 22.44
C PHE A 707 -5.26 24.55 22.15
N THR A 708 -6.03 23.51 22.48
CA THR A 708 -5.58 22.15 22.21
C THR A 708 -5.42 21.89 20.72
N ILE A 709 -6.38 22.35 19.92
CA ILE A 709 -6.30 22.15 18.47
C ILE A 709 -5.14 22.96 17.89
N GLN A 710 -4.92 24.17 18.40
CA GLN A 710 -3.76 24.95 17.97
C GLN A 710 -2.46 24.24 18.30
N LEU A 711 -2.39 23.61 19.48
CA LEU A 711 -1.19 22.86 19.85
C LEU A 711 -0.99 21.66 18.94
N LEU A 712 -2.05 20.96 18.57
CA LEU A 712 -1.93 19.84 17.63
C LEU A 712 -1.44 20.32 16.26
N LYS A 713 -1.97 21.46 15.79
CA LYS A 713 -1.48 22.03 14.54
C LYS A 713 0.00 22.37 14.63
N LEU A 714 0.42 22.96 15.75
CA LEU A 714 1.84 23.23 15.97
C LEU A 714 2.66 21.97 15.91
N THR A 715 2.16 20.88 16.51
CA THR A 715 2.89 19.62 16.48
C THR A 715 3.09 19.14 15.05
N LYS A 716 2.03 19.22 14.25
CA LYS A 716 2.07 18.79 12.82
C LYS A 716 3.08 19.62 12.03
N VAL A 717 3.08 20.94 12.23
CA VAL A 717 3.98 21.84 11.51
C VAL A 717 5.42 21.63 11.97
N PHE A 718 5.63 21.47 13.27
CA PHE A 718 6.97 21.28 13.81
C PHE A 718 7.59 20.00 13.29
N ILE A 719 6.82 18.91 13.26
CA ILE A 719 7.37 17.64 12.77
C ILE A 719 7.73 17.77 11.28
N ARG A 720 6.82 18.34 10.48
CA ARG A 720 7.10 18.46 9.05
C ARG A 720 8.31 19.34 8.78
N GLU A 721 8.45 20.44 9.51
CA GLU A 721 9.61 21.31 9.31
C GLU A 721 10.89 20.71 9.86
N SER A 722 10.80 19.83 10.86
CA SER A 722 12.00 19.17 11.38
C SER A 722 12.49 18.09 10.43
N LEU A 723 11.57 17.43 9.72
CA LEU A 723 11.98 16.43 8.74
C LEU A 723 12.67 17.03 7.52
N SER A 724 12.64 18.34 7.35
CA SER A 724 13.20 18.99 6.18
C SER A 724 14.72 18.92 6.19
N LEU A 725 15.33 19.42 5.11
CA LEU A 725 16.77 19.43 4.95
C LEU A 725 17.39 20.82 5.11
N LYS A 726 16.58 21.88 5.06
CA LYS A 726 17.10 23.23 5.26
C LYS A 726 17.32 23.57 6.73
N ASN A 727 16.90 22.70 7.65
CA ASN A 727 17.02 22.93 9.08
C ASN A 727 18.14 22.11 9.70
N ILE A 728 19.25 21.93 8.98
CA ILE A 728 20.40 21.22 9.54
C ILE A 728 21.12 22.09 10.56
N HIS A 729 21.02 23.41 10.43
CA HIS A 729 21.69 24.31 11.37
C HIS A 729 21.14 24.18 12.79
N ILE A 730 19.97 23.60 12.96
CA ILE A 730 19.40 23.33 14.26
C ILE A 730 19.88 21.97 14.74
N SER A 731 20.32 21.90 15.99
CA SER A 731 20.88 20.66 16.53
C SER A 731 19.81 19.57 16.59
N LYS A 732 20.26 18.32 16.42
CA LYS A 732 19.32 17.20 16.43
C LYS A 732 18.73 16.97 17.81
N ARG A 733 19.51 17.18 18.87
CA ARG A 733 19.06 16.85 20.22
C ARG A 733 17.85 17.70 20.63
N SER A 734 17.89 19.00 20.34
CA SER A 734 16.78 19.87 20.70
C SER A 734 15.50 19.46 19.96
N LYS A 735 15.63 19.18 18.67
CA LYS A 735 14.47 18.76 17.88
C LYS A 735 13.92 17.43 18.41
N ILE A 736 14.80 16.50 18.75
CA ILE A 736 14.33 15.21 19.28
C ILE A 736 13.60 15.40 20.60
N ASP A 737 14.13 16.23 21.49
CA ASP A 737 13.48 16.45 22.78
C ASP A 737 12.11 17.11 22.60
N ILE A 738 12.03 18.13 21.74
CA ILE A 738 10.76 18.82 21.53
C ILE A 738 9.74 17.89 20.88
N ILE A 739 10.18 17.10 19.90
CA ILE A 739 9.26 16.17 19.24
C ILE A 739 8.76 15.13 20.22
N ASN A 740 9.65 14.63 21.10
CA ASN A 740 9.22 13.65 22.09
C ASN A 740 8.20 14.25 23.05
N LYS A 741 8.43 15.48 23.51
CA LYS A 741 7.46 16.12 24.41
C LYS A 741 6.12 16.36 23.72
N LEU A 742 6.15 16.80 22.46
CA LEU A 742 4.91 17.02 21.72
C LEU A 742 4.16 15.72 21.49
N ILE A 743 4.87 14.63 21.20
CA ILE A 743 4.22 13.34 21.01
C ILE A 743 3.63 12.83 22.32
N LEU A 744 4.32 13.06 23.44
CA LEU A 744 3.76 12.72 24.74
C LEU A 744 2.47 13.47 24.99
N HIS A 745 2.45 14.78 24.70
CA HIS A 745 1.25 15.56 24.87
C HIS A 745 0.11 15.06 23.97
N ALA A 746 0.44 14.73 22.72
CA ALA A 746 -0.56 14.23 21.79
C ALA A 746 -1.15 12.90 22.27
N ILE A 747 -0.31 12.01 22.79
CA ILE A 747 -0.80 10.74 23.31
C ILE A 747 -1.66 10.95 24.55
N HIS A 748 -1.29 11.91 25.40
CA HIS A 748 -2.12 12.23 26.55
C HIS A 748 -3.48 12.74 26.12
N ILE A 749 -3.52 13.58 25.08
CA ILE A 749 -4.79 14.10 24.57
C ILE A 749 -5.62 12.98 23.93
N PHE A 750 -4.95 12.06 23.23
CA PHE A 750 -5.67 11.04 22.47
C PHE A 750 -6.46 10.10 23.36
N GLU A 751 -5.93 9.78 24.54
CA GLU A 751 -6.54 8.78 25.40
C GLU A 751 -7.68 9.31 26.25
N SER A 752 -8.01 10.60 26.16
CA SER A 752 -9.03 11.17 27.02
C SER A 752 -10.04 12.08 26.34
N TYR A 753 -9.83 12.50 25.09
CA TYR A 753 -10.70 13.51 24.49
C TYR A 753 -12.11 12.97 24.25
N TYR A 754 -12.26 11.65 24.11
CA TYR A 754 -13.54 11.08 23.69
C TYR A 754 -14.61 11.20 24.78
N ASN A 755 -14.22 11.46 26.03
CA ASN A 755 -15.16 11.58 27.12
C ASN A 755 -15.33 13.00 27.62
N TRP A 756 -14.82 13.99 26.87
CA TRP A 756 -15.00 15.38 27.25
C TRP A 756 -16.40 15.87 26.86
N LYS A 757 -16.77 17.02 27.41
CA LYS A 757 -18.03 17.68 27.08
C LYS A 757 -17.74 18.85 26.16
N TYR A 758 -18.40 18.87 25.00
CA TYR A 758 -18.12 19.84 23.94
C TYR A 758 -19.33 20.74 23.76
N ASN A 759 -19.12 22.05 23.85
CA ASN A 759 -20.14 23.01 23.46
C ASN A 759 -20.33 23.02 21.94
N ASN A 760 -19.26 22.84 21.20
CA ASN A 760 -19.29 22.72 19.75
C ASN A 760 -18.92 21.28 19.37
N PHE A 761 -19.83 20.59 18.69
CA PHE A 761 -19.58 19.20 18.32
C PHE A 761 -18.45 19.09 17.30
N LEU A 762 -18.37 20.04 16.36
CA LEU A 762 -17.36 19.98 15.31
C LEU A 762 -15.96 19.96 15.88
N GLN A 763 -15.75 20.57 17.04
CA GLN A 763 -14.43 20.56 17.67
C GLN A 763 -13.97 19.14 17.98
N LYS A 764 -14.90 18.27 18.39
CA LYS A 764 -14.54 16.88 18.61
C LYS A 764 -14.08 16.22 17.32
N PHE A 765 -14.61 16.63 16.18
CA PHE A 765 -14.11 16.14 14.91
C PHE A 765 -12.77 16.80 14.56
N GLU A 766 -12.54 18.02 15.03
CA GLU A 766 -11.30 18.71 14.73
C GLU A 766 -10.12 18.19 15.53
N ILE A 767 -10.38 17.48 16.63
CA ILE A 767 -9.33 16.88 17.43
C ILE A 767 -8.93 15.52 16.88
N ALA A 768 -9.92 14.63 16.71
CA ALA A 768 -9.63 13.28 16.21
C ALA A 768 -9.06 13.31 14.80
N PHE A 769 -9.39 14.35 14.02
CA PHE A 769 -8.77 14.50 12.71
C PHE A 769 -7.27 14.78 12.84
N HIS A 770 -6.89 15.63 13.80
CA HIS A 770 -5.49 16.00 13.95
C HIS A 770 -4.67 14.90 14.61
N LEU A 771 -5.28 14.12 15.52
CA LEU A 771 -4.54 13.07 16.20
C LEU A 771 -4.19 11.93 15.25
N THR A 772 -5.17 11.44 14.49
CA THR A 772 -4.94 10.33 13.57
C THR A 772 -4.07 10.72 12.37
N LEU A 773 -3.84 12.03 12.19
CA LEU A 773 -3.04 12.55 11.06
C LEU A 773 -1.56 12.60 11.45
N ILE A 774 -1.27 12.74 12.75
CA ILE A 774 0.11 12.81 13.23
C ILE A 774 0.70 11.41 13.43
N PHE A 775 -0.08 10.50 14.01
CA PHE A 775 0.41 9.15 14.26
C PHE A 775 0.71 8.43 12.95
N TYR A 776 -0.19 8.57 11.97
CA TYR A 776 -0.01 7.84 10.70
C TYR A 776 1.25 8.30 9.97
N ASP A 777 1.50 9.61 9.92
CA ASP A 777 2.68 10.10 9.22
C ASP A 777 3.96 9.59 9.89
N VAL A 778 4.01 9.67 11.22
CA VAL A 778 5.21 9.25 11.94
C VAL A 778 5.45 7.76 11.76
N LEU A 779 4.41 6.95 11.87
CA LEU A 779 4.57 5.51 11.69
C LEU A 779 4.95 5.15 10.25
N HIS A 780 4.32 5.81 9.28
CA HIS A 780 4.54 5.49 7.88
C HIS A 780 5.96 5.87 7.44
N ASP A 781 6.46 7.03 7.86
CA ASP A 781 7.77 7.48 7.43
C ASP A 781 8.91 6.63 8.00
N VAL A 782 8.63 5.77 8.98
CA VAL A 782 9.67 5.03 9.67
C VAL A 782 9.57 3.53 9.41
N PHE A 783 8.36 2.98 9.41
CA PHE A 783 8.18 1.54 9.35
C PHE A 783 7.88 1.03 7.94
N THR A 784 7.98 1.87 6.93
CA THR A 784 7.78 1.45 5.55
C THR A 784 8.89 1.89 4.61
N ILE A 785 9.96 2.50 5.13
CA ILE A 785 11.04 3.06 4.32
C ILE A 785 12.36 2.66 4.98
N ASN A 786 13.44 2.72 4.19
CA ASN A 786 14.79 2.41 4.65
C ASN A 786 14.90 0.97 5.14
N PRO A 787 14.89 -0.02 4.24
CA PRO A 787 14.86 -1.43 4.68
C PRO A 787 16.03 -1.84 5.53
N HIS A 788 17.22 -1.30 5.29
CA HIS A 788 18.43 -1.76 5.96
C HIS A 788 18.78 -0.94 7.20
N GLN A 789 17.93 0.00 7.59
CA GLN A 789 18.16 0.79 8.80
C GLN A 789 16.85 0.98 9.55
N LYS A 790 16.96 1.36 10.82
CA LYS A 790 15.79 1.48 11.67
C LYS A 790 15.73 2.78 12.47
N ASP A 791 16.82 3.55 12.55
CA ASP A 791 16.85 4.68 13.48
C ASP A 791 17.51 5.92 12.89
N GLN A 792 17.61 6.05 11.56
CA GLN A 792 18.24 7.25 11.00
C GLN A 792 17.32 8.46 11.10
N LEU A 793 16.03 8.29 10.85
CA LEU A 793 15.12 9.43 10.88
C LEU A 793 14.99 9.99 12.29
N ILE A 794 14.80 11.31 12.36
CA ILE A 794 14.76 12.01 13.65
C ILE A 794 13.50 11.66 14.43
N ILE A 795 12.50 11.06 13.79
CA ILE A 795 11.25 10.72 14.44
C ILE A 795 11.19 9.23 14.80
N SER A 796 12.35 8.58 14.93
CA SER A 796 12.37 7.14 15.14
C SER A 796 11.95 6.75 16.55
N SER A 797 12.40 7.52 17.55
CA SER A 797 12.04 7.20 18.94
C SER A 797 10.53 7.35 19.17
N SER A 798 9.96 8.44 18.64
CA SER A 798 8.52 8.63 18.77
C SER A 798 7.74 7.54 18.05
N ALA A 799 8.22 7.12 16.88
CA ALA A 799 7.57 6.03 16.16
C ALA A 799 7.64 4.73 16.96
N ASN A 800 8.79 4.45 17.57
CA ASN A 800 8.93 3.24 18.37
C ASN A 800 7.98 3.26 19.58
N LYS A 801 7.88 4.41 20.24
CA LYS A 801 7.00 4.50 21.40
C LYS A 801 5.54 4.37 20.99
N LEU A 802 5.16 4.98 19.86
CA LEU A 802 3.80 4.83 19.35
C LEU A 802 3.49 3.38 19.00
N LEU A 803 4.46 2.69 18.41
CA LEU A 803 4.27 1.28 18.08
C LEU A 803 4.10 0.45 19.34
N GLN A 804 4.91 0.73 20.37
CA GLN A 804 4.78 0.01 21.63
C GLN A 804 3.41 0.26 22.27
N LEU A 805 2.92 1.50 22.21
CA LEU A 805 1.65 1.81 22.85
C LEU A 805 0.47 1.21 22.08
N PHE A 806 0.50 1.28 20.75
CA PHE A 806 -0.62 0.77 19.97
C PHE A 806 -0.65 -0.75 19.93
N LEU A 807 0.51 -1.39 19.80
CA LEU A 807 0.60 -2.85 19.75
C LEU A 807 1.01 -3.35 21.13
N THR A 808 0.06 -3.95 21.85
CA THR A 808 0.27 -4.44 23.20
C THR A 808 -0.20 -5.88 23.30
N PRO A 809 0.35 -6.66 24.23
CA PRO A 809 -0.01 -8.08 24.32
C PRO A 809 -1.46 -8.33 24.71
N MET A 810 -1.83 -9.61 24.81
CA MET A 810 -3.22 -9.98 25.00
C MET A 810 -3.77 -9.45 26.32
N ASP A 811 -2.99 -9.56 27.39
CA ASP A 811 -3.47 -9.18 28.72
C ASP A 811 -3.58 -7.67 28.91
N SER A 812 -3.09 -6.87 27.97
CA SER A 812 -3.09 -5.42 28.13
C SER A 812 -4.50 -4.87 28.07
N ILE A 813 -4.67 -3.68 28.65
CA ILE A 813 -5.95 -2.99 28.71
C ILE A 813 -5.76 -1.54 28.28
N ASP A 814 -4.64 -1.26 27.61
CA ASP A 814 -4.29 0.11 27.25
C ASP A 814 -5.36 0.75 26.38
N LEU A 815 -5.54 2.06 26.58
CA LEU A 815 -6.71 2.75 26.04
C LEU A 815 -6.56 3.18 24.58
N ALA A 816 -5.34 3.20 24.04
CA ALA A 816 -5.19 3.61 22.64
C ALA A 816 -5.86 2.65 21.66
N PRO A 817 -5.65 1.32 21.74
CA PRO A 817 -6.41 0.43 20.84
C PRO A 817 -7.91 0.53 21.04
N ASN A 818 -8.35 0.72 22.28
CA ASN A 818 -9.79 0.86 22.54
C ASN A 818 -10.35 2.11 21.88
N THR A 819 -9.62 3.22 21.96
CA THR A 819 -10.07 4.45 21.32
C THR A 819 -10.11 4.28 19.79
N LEU A 820 -9.09 3.63 19.23
CA LEU A 820 -9.08 3.42 17.79
C LEU A 820 -10.25 2.55 17.35
N THR A 821 -10.52 1.46 18.08
CA THR A 821 -11.64 0.60 17.76
C THR A 821 -12.96 1.33 17.90
N ASN A 822 -13.09 2.18 18.93
CA ASN A 822 -14.31 2.96 19.11
C ASN A 822 -14.52 3.93 17.96
N ILE A 823 -13.43 4.52 17.45
CA ILE A 823 -13.54 5.38 16.27
C ILE A 823 -14.01 4.55 15.07
N LEU A 824 -13.50 3.33 14.94
CA LEU A 824 -13.80 2.53 13.75
C LEU A 824 -15.29 2.20 13.64
N ILE A 825 -15.94 1.92 14.75
CA ILE A 825 -17.35 1.52 14.74
C ILE A 825 -18.27 2.69 15.07
N SER A 826 -17.80 3.91 14.88
CA SER A 826 -18.64 5.09 15.15
C SER A 826 -19.91 5.18 14.30
N PRO A 827 -19.93 4.85 13.00
CA PRO A 827 -21.13 5.13 12.20
C PRO A 827 -22.41 4.49 12.70
N LEU A 828 -22.34 3.57 13.66
CA LEU A 828 -23.55 2.94 14.20
C LEU A 828 -24.21 3.76 15.29
N ASN A 829 -23.64 4.92 15.63
CA ASN A 829 -24.22 5.81 16.63
C ASN A 829 -25.21 6.77 15.98
N THR A 830 -26.25 7.12 16.72
CA THR A 830 -27.27 8.04 16.21
C THR A 830 -26.70 9.44 16.02
N THR A 831 -26.01 9.96 17.04
CA THR A 831 -25.42 11.28 16.93
C THR A 831 -24.33 11.31 15.86
N THR A 832 -23.59 10.21 15.70
CA THR A 832 -22.60 10.13 14.63
C THR A 832 -23.26 10.04 13.26
N LYS A 833 -24.39 9.34 13.17
CA LYS A 833 -25.11 9.26 11.90
C LYS A 833 -25.64 10.63 11.50
N ILE A 834 -26.14 11.41 12.45
CA ILE A 834 -26.72 12.71 12.14
C ILE A 834 -25.62 13.75 11.87
N LEU A 835 -24.73 13.94 12.85
CA LEU A 835 -23.70 14.96 12.72
C LEU A 835 -22.66 14.61 11.66
N GLY A 836 -22.36 13.33 11.49
CA GLY A 836 -21.35 12.91 10.54
C GLY A 836 -21.80 12.82 9.10
N ASP A 837 -23.05 13.14 8.82
CA ASP A 837 -23.56 13.05 7.46
C ASP A 837 -22.87 14.07 6.55
N LYS A 838 -22.71 13.70 5.28
CA LYS A 838 -21.97 14.52 4.33
C LYS A 838 -22.66 15.85 4.06
N ILE A 839 -23.96 15.95 4.33
CA ILE A 839 -24.67 17.22 4.12
C ILE A 839 -24.10 18.30 5.02
N LEU A 840 -23.86 17.99 6.29
CA LEU A 840 -23.29 18.98 7.21
C LEU A 840 -21.83 19.28 6.88
N GLY A 841 -21.07 18.28 6.45
CA GLY A 841 -19.68 18.49 6.14
C GLY A 841 -18.99 17.17 5.85
N ASN A 842 -17.69 17.26 5.56
CA ASN A 842 -16.89 16.11 5.18
C ASN A 842 -15.72 15.86 6.14
N LEU A 843 -15.73 16.50 7.30
CA LEU A 843 -14.63 16.29 8.26
C LEU A 843 -14.68 14.89 8.84
N TYR A 844 -15.88 14.36 9.10
CA TYR A 844 -16.01 13.02 9.66
C TYR A 844 -15.49 11.95 8.70
N SER A 845 -15.75 12.12 7.40
CA SER A 845 -15.25 11.16 6.42
C SER A 845 -13.72 11.16 6.37
N LYS A 846 -13.11 12.34 6.47
CA LYS A 846 -11.66 12.42 6.55
C LYS A 846 -11.13 11.74 7.81
N VAL A 847 -11.80 11.97 8.94
CA VAL A 847 -11.44 11.30 10.18
C VAL A 847 -11.47 9.79 9.99
N MET A 848 -12.53 9.28 9.36
CA MET A 848 -12.69 7.84 9.22
C MET A 848 -11.66 7.24 8.27
N ASN A 849 -11.36 7.92 7.16
CA ASN A 849 -10.37 7.35 6.25
C ASN A 849 -8.97 7.39 6.88
N ASN A 850 -8.67 8.43 7.66
CA ASN A 850 -7.42 8.46 8.40
C ASN A 850 -7.34 7.31 9.39
N SER A 851 -8.43 7.04 10.12
CA SER A 851 -8.43 5.95 11.09
C SER A 851 -8.26 4.60 10.41
N PHE A 852 -8.94 4.39 9.28
CA PHE A 852 -8.78 3.14 8.54
C PHE A 852 -7.35 2.96 8.06
N LYS A 853 -6.74 4.02 7.54
CA LYS A 853 -5.35 3.94 7.10
C LYS A 853 -4.43 3.60 8.26
N LEU A 854 -4.64 4.24 9.41
CA LEU A 854 -3.79 3.99 10.58
C LEU A 854 -3.91 2.53 11.05
N CYS A 855 -5.14 2.02 11.12
CA CYS A 855 -5.32 0.65 11.58
C CYS A 855 -4.71 -0.35 10.60
N THR A 856 -4.90 -0.13 9.30
CA THR A 856 -4.30 -1.01 8.31
C THR A 856 -2.78 -0.99 8.40
N LEU A 857 -2.20 0.20 8.56
CA LEU A 857 -0.74 0.31 8.66
C LEU A 857 -0.22 -0.39 9.92
N LEU A 858 -0.95 -0.28 11.03
CA LEU A 858 -0.53 -0.94 12.26
C LEU A 858 -0.55 -2.46 12.10
N ILE A 859 -1.62 -2.99 11.49
CA ILE A 859 -1.69 -4.44 11.27
C ILE A 859 -0.57 -4.89 10.35
N ALA A 860 -0.29 -4.12 9.29
CA ALA A 860 0.79 -4.45 8.38
C ALA A 860 2.13 -4.48 9.10
N ILE A 861 2.39 -3.47 9.94
CA ILE A 861 3.66 -3.40 10.65
C ILE A 861 3.82 -4.58 11.59
N ARG A 862 2.76 -4.92 12.34
CA ARG A 862 2.85 -6.04 13.26
C ARG A 862 3.09 -7.35 12.50
N GLY A 863 2.40 -7.54 11.37
CA GLY A 863 2.54 -8.78 10.63
C GLY A 863 3.93 -9.00 10.06
N SER A 864 4.71 -7.92 9.90
CA SER A 864 6.03 -8.02 9.32
C SER A 864 7.09 -8.46 10.32
N ASN A 865 6.76 -8.56 11.60
CA ASN A 865 7.70 -8.95 12.64
C ASN A 865 7.24 -10.23 13.29
N ARG A 866 8.09 -11.26 13.25
CA ARG A 866 7.76 -12.54 13.88
C ARG A 866 7.92 -12.48 15.39
N ASP A 867 8.83 -11.64 15.89
CA ASP A 867 9.06 -11.56 17.33
C ASP A 867 7.86 -10.97 18.07
N LEU A 868 7.12 -10.06 17.43
CA LEU A 868 5.97 -9.45 18.09
C LEU A 868 4.82 -10.45 18.18
N LYS A 869 4.30 -10.62 19.39
CA LYS A 869 3.15 -11.48 19.62
C LYS A 869 1.88 -10.80 19.10
N PRO A 870 0.82 -11.58 18.85
CA PRO A 870 -0.44 -10.97 18.42
C PRO A 870 -0.92 -9.91 19.41
N SER A 871 -1.28 -8.74 18.89
CA SER A 871 -1.65 -7.61 19.71
C SER A 871 -3.11 -7.68 20.13
N ASN A 872 -3.46 -6.85 21.11
CA ASN A 872 -4.84 -6.77 21.58
C ASN A 872 -5.73 -5.99 20.63
N LEU A 873 -5.16 -5.14 19.78
CA LEU A 873 -5.96 -4.42 18.79
C LEU A 873 -6.59 -5.38 17.79
N GLU A 874 -5.84 -6.39 17.35
CA GLU A 874 -6.39 -7.37 16.43
C GLU A 874 -7.47 -8.22 17.09
N LYS A 875 -7.30 -8.55 18.36
CA LYS A 875 -8.36 -9.27 19.08
C LYS A 875 -9.61 -8.40 19.23
N LEU A 876 -9.42 -7.10 19.48
CA LEU A 876 -10.56 -6.19 19.54
C LEU A 876 -11.28 -6.13 18.19
N LEU A 877 -10.52 -6.07 17.10
CA LEU A 877 -11.12 -6.07 15.77
C LEU A 877 -11.87 -7.36 15.50
N PHE A 878 -11.32 -8.50 15.94
CA PHE A 878 -12.02 -9.77 15.77
C PHE A 878 -13.31 -9.81 16.56
N ILE A 879 -13.28 -9.30 17.81
CA ILE A 879 -14.51 -9.25 18.60
C ILE A 879 -15.52 -8.30 17.95
N ASN A 880 -15.05 -7.14 17.52
CA ASN A 880 -15.91 -6.16 16.84
C ASN A 880 -15.88 -6.36 15.33
N SER A 881 -16.13 -7.58 14.89
CA SER A 881 -16.18 -7.90 13.46
C SER A 881 -17.59 -7.93 12.91
N SER A 882 -18.58 -8.27 13.74
CA SER A 882 -19.97 -8.20 13.31
C SER A 882 -20.47 -6.76 13.25
N LYS A 883 -19.76 -5.83 13.90
CA LYS A 883 -20.09 -4.41 13.84
C LYS A 883 -19.50 -3.73 12.62
N LEU A 884 -18.58 -4.39 11.90
CA LEU A 884 -18.05 -3.85 10.65
C LEU A 884 -18.86 -4.32 9.46
N VAL A 885 -19.42 -5.52 9.52
CA VAL A 885 -20.36 -5.98 8.50
C VAL A 885 -21.61 -5.11 8.50
N ASP A 886 -22.04 -4.64 9.68
CA ASP A 886 -23.16 -3.73 9.75
C ASP A 886 -22.87 -2.42 9.03
N VAL A 887 -21.66 -1.88 9.20
CA VAL A 887 -21.28 -0.69 8.45
C VAL A 887 -21.18 -0.99 6.97
N TYR A 888 -20.74 -2.21 6.61
CA TYR A 888 -20.62 -2.56 5.20
C TYR A 888 -21.98 -2.58 4.51
N THR A 889 -23.01 -3.06 5.19
CA THR A 889 -24.33 -3.23 4.60
C THR A 889 -25.24 -2.01 4.80
N LEU A 890 -24.72 -0.92 5.36
CA LEU A 890 -25.53 0.27 5.57
C LEU A 890 -25.71 1.01 4.25
N PRO A 891 -26.95 1.27 3.81
CA PRO A 891 -27.15 1.96 2.53
C PRO A 891 -26.53 3.35 2.48
N SER A 892 -26.52 4.07 3.60
CA SER A 892 -26.00 5.43 3.61
C SER A 892 -24.48 5.48 3.57
N TYR A 893 -23.80 4.36 3.79
CA TYR A 893 -22.34 4.29 3.77
C TYR A 893 -21.93 3.32 2.66
N VAL A 894 -21.83 3.85 1.44
CA VAL A 894 -21.30 3.09 0.32
C VAL A 894 -19.90 3.53 -0.07
N HIS A 895 -19.41 4.64 0.51
CA HIS A 895 -18.04 5.07 0.32
C HIS A 895 -17.10 4.47 1.37
N PHE A 896 -17.59 3.57 2.21
CA PHE A 896 -16.80 2.91 3.23
C PHE A 896 -16.69 1.40 3.00
N LYS A 897 -16.84 0.94 1.76
CA LYS A 897 -16.83 -0.50 1.50
C LYS A 897 -15.42 -0.99 1.18
N VAL A 898 -14.69 -0.27 0.34
CA VAL A 898 -13.34 -0.67 -0.04
C VAL A 898 -12.43 -0.72 1.18
N GLN A 899 -12.53 0.28 2.05
CA GLN A 899 -11.69 0.32 3.24
C GLN A 899 -12.02 -0.82 4.19
N ILE A 900 -13.31 -1.13 4.37
CA ILE A 900 -13.68 -2.25 5.24
C ILE A 900 -13.17 -3.57 4.67
N ILE A 901 -13.31 -3.77 3.37
CA ILE A 901 -12.85 -5.02 2.75
C ILE A 901 -11.33 -5.14 2.88
N GLU A 902 -10.60 -4.04 2.65
CA GLU A 902 -9.15 -4.07 2.80
C GLU A 902 -8.75 -4.38 4.24
N LEU A 903 -9.45 -3.77 5.21
CA LEU A 903 -9.16 -4.06 6.61
C LEU A 903 -9.40 -5.52 6.94
N LEU A 904 -10.50 -6.08 6.45
CA LEU A 904 -10.80 -7.50 6.70
C LEU A 904 -9.74 -8.40 6.09
N SER A 905 -9.29 -8.08 4.87
CA SER A 905 -8.26 -8.89 4.23
C SER A 905 -6.94 -8.82 5.01
N TYR A 906 -6.56 -7.63 5.45
CA TYR A 906 -5.33 -7.49 6.24
C TYR A 906 -5.44 -8.24 7.56
N LEU A 907 -6.61 -8.17 8.20
CA LEU A 907 -6.81 -8.88 9.47
C LEU A 907 -6.72 -10.38 9.27
N VAL A 908 -7.30 -10.90 8.19
CA VAL A 908 -7.26 -12.33 7.92
C VAL A 908 -5.84 -12.78 7.60
N GLU A 909 -5.09 -11.96 6.86
CA GLU A 909 -3.74 -12.34 6.44
C GLU A 909 -2.75 -12.44 7.60
N ALA A 910 -3.05 -11.79 8.73
CA ALA A 910 -2.07 -11.72 9.82
C ALA A 910 -1.81 -13.11 10.41
N PRO A 911 -0.55 -13.42 10.76
CA PRO A 911 -0.25 -14.75 11.29
C PRO A 911 -0.35 -14.83 12.80
N TRP A 912 -1.03 -15.87 13.30
CA TRP A 912 -1.15 -16.14 14.73
C TRP A 912 -0.46 -17.47 15.02
N ASN A 913 0.40 -17.47 16.04
CA ASN A 913 1.23 -18.64 16.32
C ASN A 913 0.61 -19.58 17.34
N ASP A 914 0.17 -19.06 18.48
CA ASP A 914 -0.33 -19.93 19.55
C ASP A 914 -1.79 -20.33 19.31
N ASP A 915 -2.69 -19.36 19.27
CA ASP A 915 -4.10 -19.59 19.07
C ASP A 915 -4.58 -18.85 17.83
N TYR A 916 -5.52 -19.44 17.11
CA TYR A 916 -6.06 -18.84 15.90
C TYR A 916 -7.52 -18.50 16.10
N PRO A 917 -7.93 -17.24 15.89
CA PRO A 917 -9.35 -16.90 15.97
C PRO A 917 -10.05 -17.09 14.64
N PHE A 918 -11.29 -17.58 14.71
CA PHE A 918 -12.07 -17.90 13.53
C PHE A 918 -13.13 -16.82 13.31
N LEU A 919 -13.14 -16.25 12.10
CA LEU A 919 -14.10 -15.19 11.79
C LEU A 919 -15.53 -15.70 11.81
N LEU A 920 -15.74 -16.95 11.35
CA LEU A 920 -17.09 -17.51 11.34
C LEU A 920 -17.63 -17.69 12.75
N SER A 921 -16.75 -17.93 13.73
CA SER A 921 -17.19 -18.08 15.11
C SER A 921 -17.58 -16.74 15.73
N PHE A 922 -16.96 -15.65 15.28
CA PHE A 922 -17.30 -14.33 15.82
C PHE A 922 -18.53 -13.76 15.14
N LEU A 923 -18.58 -13.83 13.80
CA LEU A 923 -19.72 -13.27 13.07
C LEU A 923 -21.01 -14.01 13.40
N GLY A 924 -20.98 -15.33 13.35
CA GLY A 924 -22.17 -16.14 13.57
C GLY A 924 -22.77 -16.61 12.26
N GLU A 925 -23.85 -17.39 12.40
CA GLU A 925 -24.52 -17.94 11.23
C GLU A 925 -25.35 -16.90 10.50
N ALA A 926 -25.95 -15.97 11.24
CA ALA A 926 -26.83 -14.98 10.62
C ALA A 926 -26.04 -13.83 10.01
N LYS A 927 -25.00 -13.35 10.69
CA LYS A 927 -24.22 -12.24 10.17
C LYS A 927 -23.34 -12.63 9.00
N SER A 928 -22.96 -13.91 8.90
CA SER A 928 -22.14 -14.34 7.77
C SER A 928 -22.94 -14.41 6.49
N MET A 929 -24.19 -14.87 6.57
CA MET A 929 -25.02 -14.97 5.37
C MET A 929 -25.34 -13.59 4.81
N ALA A 930 -25.59 -12.61 5.68
CA ALA A 930 -25.85 -11.25 5.20
C ALA A 930 -24.62 -10.68 4.48
N PHE A 931 -23.43 -10.96 5.00
CA PHE A 931 -22.21 -10.53 4.33
C PHE A 931 -22.09 -11.16 2.95
N LEU A 932 -22.41 -12.46 2.84
CA LEU A 932 -22.35 -13.13 1.56
C LEU A 932 -23.37 -12.55 0.58
N LYS A 933 -24.58 -12.27 1.05
CA LYS A 933 -25.59 -11.66 0.17
C LYS A 933 -25.15 -10.29 -0.32
N GLU A 934 -24.59 -9.47 0.58
CA GLU A 934 -24.14 -8.14 0.18
C GLU A 934 -22.98 -8.23 -0.81
N VAL A 935 -22.05 -9.17 -0.59
CA VAL A 935 -20.92 -9.33 -1.50
C VAL A 935 -21.42 -9.79 -2.88
N LEU A 936 -22.37 -10.73 -2.90
CA LEU A 936 -22.93 -11.18 -4.18
C LEU A 936 -23.64 -10.05 -4.91
N SER A 937 -24.40 -9.22 -4.17
CA SER A 937 -25.05 -8.08 -4.78
C SER A 937 -24.04 -7.10 -5.36
N ASP A 938 -22.95 -6.85 -4.64
CA ASP A 938 -21.92 -5.95 -5.14
C ASP A 938 -21.25 -6.53 -6.39
N LEU A 939 -20.99 -7.84 -6.40
CA LEU A 939 -20.30 -8.45 -7.52
C LEU A 939 -21.11 -8.36 -8.82
N SER A 940 -22.42 -8.62 -8.73
CA SER A 940 -23.28 -8.65 -9.91
C SER A 940 -24.13 -7.38 -9.91
N SER A 941 -23.61 -6.34 -10.54
CA SER A 941 -24.33 -5.09 -10.72
C SER A 941 -24.18 -4.61 -12.16
N PRO A 942 -25.20 -3.95 -12.70
CA PRO A 942 -25.08 -3.43 -14.07
C PRO A 942 -23.92 -2.45 -14.24
N VAL A 943 -23.70 -1.59 -13.25
CA VAL A 943 -22.55 -0.71 -13.20
C VAL A 943 -21.81 -0.98 -11.89
N GLN A 944 -20.51 -1.22 -11.99
CA GLN A 944 -19.72 -1.63 -10.84
C GLN A 944 -18.45 -0.78 -10.74
N ASP A 945 -18.00 -0.58 -9.51
CA ASP A 945 -16.75 0.12 -9.26
C ASP A 945 -15.58 -0.85 -9.41
N TRP A 946 -14.55 -0.40 -10.14
CA TRP A 946 -13.39 -1.26 -10.35
C TRP A 946 -12.61 -1.49 -9.06
N ASN A 947 -12.51 -0.46 -8.22
CA ASN A 947 -11.79 -0.60 -6.96
C ASN A 947 -12.46 -1.62 -6.05
N LEU A 948 -13.79 -1.62 -5.99
CA LEU A 948 -14.50 -2.58 -5.17
C LEU A 948 -14.30 -3.99 -5.68
N LEU A 949 -14.35 -4.19 -7.00
CA LEU A 949 -14.10 -5.51 -7.57
C LEU A 949 -12.70 -6.00 -7.26
N ARG A 950 -11.71 -5.14 -7.43
CA ARG A 950 -10.33 -5.50 -7.14
C ARG A 950 -10.16 -5.87 -5.66
N SER A 951 -10.75 -5.08 -4.76
CA SER A 951 -10.66 -5.37 -3.34
C SER A 951 -11.34 -6.68 -3.00
N LEU A 952 -12.50 -6.96 -3.60
CA LEU A 952 -13.19 -8.21 -3.33
C LEU A 952 -12.39 -9.42 -3.83
N TYR A 953 -11.76 -9.29 -5.00
CA TYR A 953 -10.92 -10.37 -5.50
C TYR A 953 -9.71 -10.61 -4.59
N ILE A 954 -9.08 -9.53 -4.13
CA ILE A 954 -7.95 -9.68 -3.20
C ILE A 954 -8.41 -10.32 -1.90
N PHE A 955 -9.59 -9.93 -1.41
CA PHE A 955 -10.12 -10.53 -0.19
C PHE A 955 -10.39 -12.01 -0.36
N PHE A 956 -10.96 -12.40 -1.51
CA PHE A 956 -11.19 -13.82 -1.76
C PHE A 956 -9.87 -14.59 -1.83
N THR A 957 -8.87 -14.03 -2.50
CA THR A 957 -7.57 -14.69 -2.58
C THR A 957 -6.96 -14.86 -1.19
N THR A 958 -6.99 -13.81 -0.37
CA THR A 958 -6.44 -13.90 0.97
C THR A 958 -7.19 -14.90 1.83
N LEU A 959 -8.53 -14.90 1.73
CA LEU A 959 -9.32 -15.84 2.52
C LEU A 959 -9.09 -17.28 2.08
N LEU A 960 -8.72 -17.50 0.81
CA LEU A 960 -8.46 -18.87 0.35
C LEU A 960 -7.16 -19.42 0.91
N GLU A 961 -6.13 -18.59 1.06
CA GLU A 961 -4.85 -19.06 1.59
C GLU A 961 -4.92 -19.32 3.09
N SER A 962 -5.71 -18.53 3.82
CA SER A 962 -5.69 -18.55 5.27
C SER A 962 -6.33 -19.83 5.82
N LYS A 963 -6.36 -19.94 7.15
CA LYS A 963 -6.92 -21.08 7.84
C LYS A 963 -8.40 -20.92 8.17
N GLN A 964 -9.03 -19.81 7.75
CA GLN A 964 -10.45 -19.60 7.98
C GLN A 964 -11.20 -20.50 6.99
N ASP A 965 -11.33 -21.77 7.37
CA ASP A 965 -11.94 -22.75 6.47
C ASP A 965 -13.45 -22.60 6.39
N GLY A 966 -14.09 -22.24 7.49
CA GLY A 966 -15.55 -22.12 7.47
C GLY A 966 -16.03 -21.03 6.55
N LEU A 967 -15.42 -19.84 6.64
CA LEU A 967 -15.82 -18.73 5.78
C LEU A 967 -15.53 -19.04 4.32
N SER A 968 -14.37 -19.66 4.03
CA SER A 968 -14.03 -20.01 2.67
C SER A 968 -15.02 -21.02 2.09
N ILE A 969 -15.38 -22.02 2.89
CA ILE A 969 -16.35 -23.02 2.42
C ILE A 969 -17.70 -22.38 2.19
N LEU A 970 -18.13 -21.50 3.09
CA LEU A 970 -19.40 -20.80 2.91
C LEU A 970 -19.40 -19.97 1.64
N PHE A 971 -18.31 -19.27 1.36
CA PHE A 971 -18.25 -18.45 0.17
C PHE A 971 -18.23 -19.30 -1.09
N LEU A 972 -17.47 -20.40 -1.08
CA LEU A 972 -17.33 -21.22 -2.28
C LEU A 972 -18.62 -21.98 -2.60
N THR A 973 -19.22 -22.61 -1.59
CA THR A 973 -20.34 -23.51 -1.82
C THR A 973 -21.70 -22.90 -1.52
N GLY A 974 -21.75 -21.79 -0.78
CA GLY A 974 -23.01 -21.20 -0.38
C GLY A 974 -23.66 -21.82 0.83
N GLN A 975 -23.03 -22.81 1.45
CA GLN A 975 -23.55 -23.44 2.66
C GLN A 975 -22.44 -23.52 3.69
N PHE A 976 -22.84 -23.56 4.96
CA PHE A 976 -21.88 -23.54 6.05
C PHE A 976 -21.10 -24.85 6.13
N ALA A 977 -19.86 -24.76 6.61
CA ALA A 977 -19.00 -25.93 6.72
C ALA A 977 -19.47 -26.89 7.79
N SER A 978 -20.38 -26.48 8.67
CA SER A 978 -20.90 -27.37 9.70
C SER A 978 -21.63 -28.56 9.08
N ASN A 979 -22.28 -28.36 7.94
CA ASN A 979 -22.95 -29.44 7.21
C ASN A 979 -22.01 -30.04 6.16
N LYS A 980 -20.88 -30.56 6.66
CA LYS A 980 -19.87 -31.14 5.78
C LYS A 980 -20.34 -32.43 5.12
N LYS A 981 -21.40 -33.06 5.62
CA LYS A 981 -21.93 -34.25 4.97
C LYS A 981 -22.53 -33.93 3.61
N ILE A 982 -23.00 -32.70 3.42
CA ILE A 982 -23.61 -32.30 2.16
C ILE A 982 -22.60 -32.32 1.01
N ASN A 983 -21.31 -32.14 1.31
CA ASN A 983 -20.27 -32.11 0.28
C ASN A 983 -20.27 -33.40 -0.54
N ASP A 984 -20.61 -33.27 -1.81
CA ASP A 984 -20.71 -34.40 -2.74
C ASP A 984 -20.74 -33.83 -4.15
N GLU A 985 -21.05 -34.67 -5.13
CA GLU A 985 -21.19 -34.20 -6.50
C GLU A 985 -22.38 -33.26 -6.62
N SER A 986 -22.17 -32.15 -7.33
CA SER A 986 -23.20 -31.12 -7.50
C SER A 986 -23.74 -30.62 -6.17
N SER A 987 -22.84 -30.38 -5.22
CA SER A 987 -23.19 -29.89 -3.89
C SER A 987 -22.86 -28.41 -3.70
N ILE A 988 -23.00 -27.61 -4.75
CA ILE A 988 -22.72 -26.18 -4.69
C ILE A 988 -24.01 -25.44 -5.06
N ASP A 989 -24.41 -24.50 -4.21
CA ASP A 989 -25.61 -23.69 -4.46
C ASP A 989 -25.26 -22.66 -5.53
N LYS A 990 -25.72 -22.90 -6.76
CA LYS A 990 -25.41 -22.00 -7.87
C LYS A 990 -25.95 -20.60 -7.63
N LYS A 991 -27.03 -20.47 -6.86
CA LYS A 991 -27.65 -19.17 -6.63
C LYS A 991 -26.85 -18.30 -5.67
N SER A 992 -26.14 -18.90 -4.71
CA SER A 992 -25.51 -18.18 -3.63
C SER A 992 -24.04 -18.58 -3.48
N SER A 993 -23.32 -18.62 -4.59
CA SER A 993 -21.90 -18.98 -4.57
C SER A 993 -21.09 -17.96 -5.36
N ILE A 994 -19.84 -17.75 -4.91
CA ILE A 994 -18.93 -16.87 -5.63
C ILE A 994 -18.45 -17.51 -6.93
N LEU A 995 -18.51 -18.84 -7.02
CA LEU A 995 -18.02 -19.52 -8.21
C LEU A 995 -18.82 -19.16 -9.45
N THR A 996 -20.14 -19.01 -9.30
CA THR A 996 -20.98 -18.63 -10.44
C THR A 996 -20.60 -17.26 -10.97
N VAL A 997 -20.39 -16.29 -10.07
CA VAL A 997 -20.01 -14.95 -10.48
C VAL A 997 -18.60 -14.96 -11.08
N LEU A 998 -17.71 -15.78 -10.54
CA LEU A 998 -16.37 -15.91 -11.11
C LEU A 998 -16.44 -16.42 -12.54
N GLN A 999 -17.28 -17.45 -12.78
CA GLN A 999 -17.46 -17.97 -14.13
C GLN A 999 -18.04 -16.91 -15.06
N LYS A 1000 -19.03 -16.16 -14.57
CA LYS A 1000 -19.64 -15.13 -15.41
C LYS A 1000 -18.64 -14.04 -15.79
N ASN A 1001 -17.84 -13.58 -14.83
CA ASN A 1001 -16.91 -12.49 -15.07
C ASN A 1001 -15.63 -12.93 -15.76
N SER A 1002 -15.34 -14.23 -15.80
CA SER A 1002 -14.13 -14.69 -16.47
C SER A 1002 -14.22 -14.55 -17.99
N LEU A 1003 -15.41 -14.43 -18.55
CA LEU A 1003 -15.59 -14.33 -19.99
C LEU A 1003 -15.53 -12.89 -20.51
N LEU A 1004 -15.47 -11.90 -19.62
CA LEU A 1004 -15.45 -10.49 -19.99
C LEU A 1004 -14.04 -9.92 -19.94
N LEU A 1005 -13.04 -10.71 -20.31
CA LEU A 1005 -11.65 -10.27 -20.21
C LEU A 1005 -11.35 -9.08 -21.11
N ASP A 1006 -12.05 -8.96 -22.23
CA ASP A 1006 -11.78 -7.85 -23.15
C ASP A 1006 -12.30 -6.53 -22.58
N SER A 1007 -13.50 -6.54 -22.00
CA SER A 1007 -14.08 -5.31 -21.44
C SER A 1007 -13.45 -4.96 -20.10
N THR A 1008 -13.13 -5.97 -19.29
CA THR A 1008 -12.62 -5.72 -17.95
C THR A 1008 -11.23 -5.08 -18.01
N PRO A 1009 -10.93 -4.14 -17.12
CA PRO A 1009 -9.56 -3.62 -17.02
C PRO A 1009 -8.59 -4.72 -16.60
N GLU A 1010 -7.31 -4.49 -16.91
CA GLU A 1010 -6.32 -5.55 -16.82
C GLU A 1010 -5.99 -5.91 -15.38
N GLU A 1011 -6.02 -4.94 -14.47
CA GLU A 1011 -5.78 -5.24 -13.05
C GLU A 1011 -6.88 -6.14 -12.49
N VAL A 1012 -8.14 -5.79 -12.76
CA VAL A 1012 -9.26 -6.58 -12.24
C VAL A 1012 -9.22 -7.99 -12.82
N SER A 1013 -8.94 -8.11 -14.12
CA SER A 1013 -8.88 -9.43 -14.74
C SER A 1013 -7.71 -10.25 -14.21
N CYS A 1014 -6.55 -9.62 -13.99
CA CYS A 1014 -5.42 -10.38 -13.49
C CYS A 1014 -5.67 -10.87 -12.07
N LYS A 1015 -6.31 -10.06 -11.23
CA LYS A 1015 -6.62 -10.53 -9.88
C LYS A 1015 -7.74 -11.56 -9.88
N LEU A 1016 -8.68 -11.47 -10.83
CA LEU A 1016 -9.64 -12.53 -11.04
C LEU A 1016 -8.95 -13.84 -11.40
N LEU A 1017 -7.92 -13.76 -12.25
CA LEU A 1017 -7.16 -14.96 -12.61
C LEU A 1017 -6.37 -15.50 -11.42
N GLU A 1018 -5.86 -14.62 -10.55
CA GLU A 1018 -5.22 -15.09 -9.32
C GLU A 1018 -6.21 -15.87 -8.45
N THR A 1019 -7.42 -15.32 -8.29
CA THR A 1019 -8.44 -16.03 -7.50
C THR A 1019 -8.79 -17.36 -8.14
N ILE A 1020 -8.89 -17.40 -9.47
CA ILE A 1020 -9.20 -18.65 -10.17
C ILE A 1020 -8.09 -19.67 -9.96
N THR A 1021 -6.84 -19.24 -10.05
CA THR A 1021 -5.71 -20.15 -9.85
C THR A 1021 -5.71 -20.70 -8.42
N TYR A 1022 -5.98 -19.85 -7.44
CA TYR A 1022 -6.02 -20.31 -6.05
C TYR A 1022 -7.18 -21.26 -5.82
N VAL A 1023 -8.31 -21.05 -6.48
CA VAL A 1023 -9.42 -22.01 -6.40
C VAL A 1023 -9.01 -23.34 -7.01
N LEU A 1024 -8.35 -23.29 -8.18
CA LEU A 1024 -8.07 -24.51 -8.93
C LEU A 1024 -7.00 -25.38 -8.25
N ASN A 1025 -5.91 -24.77 -7.81
CA ASN A 1025 -4.73 -25.55 -7.45
C ASN A 1025 -4.98 -26.44 -6.24
N THR A 1026 -5.63 -25.92 -5.20
CA THR A 1026 -5.74 -26.64 -3.94
C THR A 1026 -7.17 -26.95 -3.53
N TRP A 1027 -8.08 -25.99 -3.67
CA TRP A 1027 -9.38 -26.12 -3.01
C TRP A 1027 -10.28 -27.15 -3.70
N THR A 1028 -10.29 -27.17 -5.03
CA THR A 1028 -11.20 -28.04 -5.76
C THR A 1028 -10.48 -28.77 -6.87
N ASN A 1029 -11.00 -29.95 -7.20
CA ASN A 1029 -10.50 -30.75 -8.32
C ASN A 1029 -11.46 -30.80 -9.49
N SER A 1030 -12.77 -30.74 -9.23
CA SER A 1030 -13.76 -30.72 -10.30
C SER A 1030 -13.70 -29.37 -11.02
N LYS A 1031 -13.23 -29.38 -12.26
CA LYS A 1031 -13.02 -28.14 -13.02
C LYS A 1031 -14.32 -27.73 -13.67
N ILE A 1032 -15.14 -27.00 -12.92
CA ILE A 1032 -16.37 -26.45 -13.49
C ILE A 1032 -16.06 -25.33 -14.47
N PHE A 1033 -14.85 -24.78 -14.43
CA PHE A 1033 -14.49 -23.68 -15.32
C PHE A 1033 -14.36 -24.12 -16.77
N ILE A 1034 -13.87 -25.34 -17.01
CA ILE A 1034 -13.59 -25.80 -18.37
C ILE A 1034 -14.76 -26.50 -19.02
N LYS A 1035 -15.91 -26.58 -18.34
CA LYS A 1035 -17.09 -27.19 -18.96
C LYS A 1035 -17.54 -26.41 -20.19
N ASP A 1036 -17.50 -25.07 -20.09
CA ASP A 1036 -17.76 -24.22 -21.25
C ASP A 1036 -16.44 -23.78 -21.83
N PRO A 1037 -16.09 -24.18 -23.06
CA PRO A 1037 -14.78 -23.82 -23.63
C PRO A 1037 -14.61 -22.34 -23.91
N LYS A 1038 -15.61 -21.51 -23.59
CA LYS A 1038 -15.49 -20.08 -23.83
C LYS A 1038 -14.35 -19.47 -23.00
N PHE A 1039 -14.20 -19.92 -21.76
CA PHE A 1039 -13.13 -19.39 -20.90
C PHE A 1039 -11.76 -19.69 -21.49
N VAL A 1040 -11.53 -20.94 -21.90
CA VAL A 1040 -10.23 -21.31 -22.45
C VAL A 1040 -9.99 -20.61 -23.78
N ASN A 1041 -11.04 -20.48 -24.60
CA ASN A 1041 -10.90 -19.77 -25.86
C ASN A 1041 -10.55 -18.30 -25.64
N SER A 1042 -11.18 -17.67 -24.64
CA SER A 1042 -10.85 -16.28 -24.32
C SER A 1042 -9.41 -16.15 -23.84
N LEU A 1043 -8.97 -17.10 -23.00
CA LEU A 1043 -7.58 -17.08 -22.53
C LEU A 1043 -6.62 -17.21 -23.69
N LEU A 1044 -6.89 -18.14 -24.60
CA LEU A 1044 -6.02 -18.35 -25.75
C LEU A 1044 -6.02 -17.12 -26.67
N ALA A 1045 -7.17 -16.50 -26.86
CA ALA A 1045 -7.24 -15.30 -27.69
C ALA A 1045 -6.45 -14.16 -27.07
N LYS A 1046 -6.55 -13.98 -25.75
CA LYS A 1046 -5.77 -12.94 -25.08
C LYS A 1046 -4.28 -13.23 -25.20
N LEU A 1047 -3.88 -14.49 -25.04
CA LEU A 1047 -2.47 -14.85 -25.19
C LEU A 1047 -1.97 -14.59 -26.60
N LYS A 1048 -2.80 -14.88 -27.60
CA LYS A 1048 -2.38 -14.74 -28.99
C LYS A 1048 -2.31 -13.28 -29.42
N ASP A 1049 -3.29 -12.47 -29.01
CA ASP A 1049 -3.29 -11.06 -29.38
C ASP A 1049 -2.54 -10.18 -28.38
N SER A 1050 -1.87 -10.80 -27.40
CA SER A 1050 -1.01 -10.09 -26.46
C SER A 1050 0.39 -9.83 -27.02
N LYS A 1051 0.54 -9.80 -28.35
CA LYS A 1051 1.79 -9.64 -29.07
C LYS A 1051 2.34 -8.21 -29.00
N LYS A 1052 1.83 -7.36 -28.12
CA LYS A 1052 2.36 -6.02 -27.94
C LYS A 1052 3.77 -6.06 -27.33
N LEU A 1053 4.27 -7.25 -27.06
CA LEU A 1053 5.59 -7.48 -26.50
C LEU A 1053 6.68 -7.55 -27.56
N PHE A 1054 6.45 -6.95 -28.74
CA PHE A 1054 7.41 -7.09 -29.83
C PHE A 1054 8.65 -6.22 -29.62
N GLN A 1055 8.46 -4.90 -29.59
CA GLN A 1055 9.59 -3.99 -29.49
C GLN A 1055 10.34 -4.15 -28.16
N LYS A 1056 9.70 -3.77 -27.06
CA LYS A 1056 10.23 -3.94 -25.71
C LYS A 1056 11.51 -3.15 -25.46
N LYS A 1057 12.04 -2.49 -26.49
CA LYS A 1057 13.29 -1.74 -26.36
C LYS A 1057 13.28 -0.39 -27.06
N GLU A 1058 12.43 -0.16 -28.05
CA GLU A 1058 12.53 1.01 -28.92
C GLU A 1058 12.05 2.26 -28.18
N ASN A 1059 12.83 2.65 -27.17
CA ASN A 1059 12.63 3.89 -26.42
C ASN A 1059 11.21 3.98 -25.87
N LEU A 1060 10.87 3.05 -24.99
CA LEU A 1060 9.54 3.01 -24.41
C LEU A 1060 9.29 4.24 -23.54
N THR A 1061 8.06 4.72 -23.57
CA THR A 1061 7.64 5.84 -22.73
C THR A 1061 7.16 5.30 -21.38
N ARG A 1062 6.59 6.17 -20.55
CA ARG A 1062 6.09 5.74 -19.26
C ARG A 1062 4.84 4.88 -19.42
N ASP A 1063 3.88 5.33 -20.23
CA ASP A 1063 2.64 4.60 -20.43
C ASP A 1063 2.89 3.25 -21.11
N GLU A 1064 3.84 3.21 -22.05
CA GLU A 1064 4.19 1.95 -22.69
C GLU A 1064 4.76 0.96 -21.69
N THR A 1065 5.62 1.43 -20.78
CA THR A 1065 6.17 0.55 -19.75
C THR A 1065 5.09 0.06 -18.80
N VAL A 1066 4.15 0.94 -18.43
CA VAL A 1066 3.06 0.51 -17.56
C VAL A 1066 2.20 -0.54 -18.23
N SER A 1067 1.89 -0.34 -19.52
CA SER A 1067 1.13 -1.33 -20.27
C SER A 1067 1.87 -2.65 -20.37
N LEU A 1068 3.20 -2.59 -20.57
CA LEU A 1068 3.99 -3.82 -20.60
C LEU A 1068 3.94 -4.54 -19.26
N ILE A 1069 4.01 -3.79 -18.17
CA ILE A 1069 3.95 -4.40 -16.83
C ILE A 1069 2.61 -5.11 -16.65
N LYS A 1070 1.51 -4.45 -17.01
CA LYS A 1070 0.20 -5.06 -16.87
C LYS A 1070 0.08 -6.30 -17.76
N LYS A 1071 0.62 -6.23 -18.97
CA LYS A 1071 0.56 -7.37 -19.89
C LYS A 1071 1.35 -8.57 -19.32
N TYR A 1072 2.52 -8.31 -18.75
CA TYR A 1072 3.29 -9.38 -18.11
C TYR A 1072 2.51 -9.99 -16.95
N LYS A 1073 1.89 -9.14 -16.12
CA LYS A 1073 1.11 -9.65 -15.00
C LYS A 1073 -0.04 -10.53 -15.47
N LEU A 1074 -0.68 -10.16 -16.58
CA LEU A 1074 -1.79 -10.96 -17.09
C LEU A 1074 -1.29 -12.27 -17.69
N ILE A 1075 -0.21 -12.22 -18.47
CA ILE A 1075 0.29 -13.40 -19.16
C ILE A 1075 0.80 -14.43 -18.17
N SER A 1076 1.44 -13.98 -17.07
CA SER A 1076 1.92 -14.91 -16.07
C SER A 1076 0.77 -15.73 -15.50
N ARG A 1077 -0.34 -15.08 -15.14
CA ARG A 1077 -1.48 -15.79 -14.60
C ARG A 1077 -2.13 -16.70 -15.64
N ILE A 1078 -2.17 -16.24 -16.89
CA ILE A 1078 -2.76 -17.06 -17.96
C ILE A 1078 -1.97 -18.36 -18.13
N VAL A 1079 -0.64 -18.26 -18.19
CA VAL A 1079 0.15 -19.46 -18.41
C VAL A 1079 0.15 -20.34 -17.16
N GLU A 1080 0.03 -19.76 -15.96
CA GLU A 1080 -0.14 -20.59 -14.77
C GLU A 1080 -1.43 -21.39 -14.83
N ILE A 1081 -2.53 -20.75 -15.25
CA ILE A 1081 -3.80 -21.46 -15.39
C ILE A 1081 -3.67 -22.57 -16.43
N PHE A 1082 -3.00 -22.28 -17.55
CA PHE A 1082 -2.79 -23.29 -18.57
C PHE A 1082 -1.97 -24.46 -18.05
N ALA A 1083 -0.94 -24.18 -17.24
CA ALA A 1083 -0.12 -25.24 -16.67
C ALA A 1083 -0.94 -26.15 -15.77
N LEU A 1084 -1.77 -25.55 -14.91
CA LEU A 1084 -2.65 -26.36 -14.05
C LEU A 1084 -3.60 -27.20 -14.89
N CYS A 1085 -4.22 -26.59 -15.91
CA CYS A 1085 -5.20 -27.31 -16.72
C CYS A 1085 -4.56 -28.48 -17.46
N ILE A 1086 -3.37 -28.27 -18.02
CA ILE A 1086 -2.71 -29.35 -18.75
C ILE A 1086 -2.20 -30.42 -17.79
N TYR A 1087 -1.80 -30.04 -16.56
CA TYR A 1087 -1.28 -31.03 -15.63
C TYR A 1087 -2.38 -31.93 -15.08
N ASN A 1088 -3.51 -31.35 -14.67
CA ASN A 1088 -4.55 -32.15 -14.03
C ASN A 1088 -5.15 -33.17 -14.99
N SER A 1089 -5.42 -32.77 -16.23
CA SER A 1089 -6.04 -33.66 -17.20
C SER A 1089 -5.11 -33.84 -18.39
N THR A 1090 -4.92 -35.09 -18.81
CA THR A 1090 -3.95 -35.39 -19.85
C THR A 1090 -4.43 -34.92 -21.22
N ASP A 1091 -5.69 -35.21 -21.57
CA ASP A 1091 -6.16 -35.00 -22.92
C ASP A 1091 -7.50 -34.27 -23.03
N SER A 1092 -8.15 -33.94 -21.92
CA SER A 1092 -9.42 -33.23 -22.00
C SER A 1092 -9.24 -31.84 -22.60
N ASN A 1093 -8.16 -31.16 -22.24
CA ASN A 1093 -7.85 -29.84 -22.80
C ASN A 1093 -7.05 -30.00 -24.09
N SER A 1094 -7.74 -30.47 -25.12
CA SER A 1094 -7.09 -30.70 -26.41
C SER A 1094 -6.68 -29.41 -27.09
N GLU A 1095 -7.35 -28.30 -26.77
CA GLU A 1095 -7.02 -27.02 -27.40
C GLU A 1095 -5.72 -26.42 -26.89
N ILE A 1096 -5.44 -26.56 -25.59
CA ILE A 1096 -4.13 -26.14 -25.07
C ILE A 1096 -3.02 -26.99 -25.69
N LEU A 1097 -3.28 -28.30 -25.83
CA LEU A 1097 -2.31 -29.18 -26.47
C LEU A 1097 -2.06 -28.77 -27.92
N ASN A 1098 -3.13 -28.43 -28.64
CA ASN A 1098 -2.99 -27.98 -30.02
C ASN A 1098 -2.19 -26.69 -30.09
N PHE A 1099 -2.44 -25.76 -29.17
CA PHE A 1099 -1.68 -24.52 -29.14
C PHE A 1099 -0.20 -24.78 -28.88
N LEU A 1100 0.09 -25.72 -27.97
CA LEU A 1100 1.48 -26.05 -27.68
C LEU A 1100 2.14 -26.89 -28.76
N ASN A 1101 1.36 -27.54 -29.61
CA ASN A 1101 1.89 -28.39 -30.68
C ASN A 1101 2.01 -27.67 -32.01
N GLN A 1102 1.74 -26.37 -32.06
CA GLN A 1102 1.79 -25.65 -33.33
C GLN A 1102 3.24 -25.47 -33.77
N GLU A 1103 3.41 -25.28 -35.08
CA GLU A 1103 4.75 -25.18 -35.66
C GLU A 1103 5.49 -23.94 -35.17
N ASP A 1104 4.79 -22.81 -35.07
CA ASP A 1104 5.42 -21.52 -34.75
C ASP A 1104 5.31 -21.17 -33.26
N LEU A 1105 5.33 -22.17 -32.39
CA LEU A 1105 5.34 -21.87 -30.95
C LEU A 1105 6.67 -21.26 -30.52
N PHE A 1106 7.78 -21.73 -31.09
CA PHE A 1106 9.09 -21.30 -30.66
C PHE A 1106 9.27 -19.79 -30.84
N GLU A 1107 8.86 -19.26 -31.99
CA GLU A 1107 9.00 -17.83 -32.23
C GLU A 1107 8.19 -17.01 -31.23
N LEU A 1108 7.05 -17.56 -30.77
CA LEU A 1108 6.22 -16.85 -29.81
C LEU A 1108 6.77 -16.93 -28.39
N VAL A 1109 7.42 -18.04 -28.02
CA VAL A 1109 7.81 -18.27 -26.63
C VAL A 1109 9.29 -18.02 -26.38
N HIS A 1110 10.09 -17.80 -27.42
CA HIS A 1110 11.53 -17.75 -27.23
C HIS A 1110 11.97 -16.49 -26.48
N HIS A 1111 11.20 -15.41 -26.56
CA HIS A 1111 11.59 -14.16 -25.93
C HIS A 1111 11.17 -14.07 -24.47
N PHE A 1112 10.32 -14.99 -23.99
CA PHE A 1112 9.87 -14.95 -22.60
C PHE A 1112 10.92 -15.49 -21.64
N PHE A 1113 11.92 -16.23 -22.13
CA PHE A 1113 12.93 -16.84 -21.27
C PHE A 1113 14.19 -15.99 -21.17
N GLN A 1114 14.20 -14.80 -21.75
CA GLN A 1114 15.35 -13.91 -21.69
C GLN A 1114 14.98 -12.65 -20.90
N ILE A 1115 15.78 -12.34 -19.88
CA ILE A 1115 15.56 -11.18 -19.04
C ILE A 1115 16.54 -10.11 -19.48
N ASP A 1116 16.05 -9.13 -20.26
CA ASP A 1116 16.89 -8.08 -20.81
C ASP A 1116 16.34 -6.68 -20.55
N GLY A 1117 15.49 -6.51 -19.53
CA GLY A 1117 14.90 -5.21 -19.28
C GLY A 1117 15.41 -4.53 -18.02
N PHE A 1118 16.70 -4.68 -17.75
CA PHE A 1118 17.33 -4.07 -16.58
C PHE A 1118 18.53 -3.25 -17.05
N ASN A 1119 18.61 -2.01 -16.58
CA ASN A 1119 19.69 -1.09 -16.93
C ASN A 1119 20.56 -0.88 -15.69
N LYS A 1120 21.62 -1.68 -15.58
CA LYS A 1120 22.52 -1.56 -14.44
C LYS A 1120 23.22 -0.21 -14.42
N THR A 1121 23.66 0.26 -15.58
CA THR A 1121 24.35 1.55 -15.66
C THR A 1121 23.44 2.69 -15.23
N PHE A 1122 22.17 2.65 -15.66
CA PHE A 1122 21.23 3.69 -15.26
C PHE A 1122 20.96 3.65 -13.76
N HIS A 1123 20.79 2.45 -13.21
CA HIS A 1123 20.52 2.31 -11.78
C HIS A 1123 21.73 2.63 -10.92
N ASP A 1124 22.93 2.57 -11.49
CA ASP A 1124 24.14 2.89 -10.73
C ASP A 1124 24.60 4.33 -10.88
N GLU A 1125 24.35 4.96 -12.03
CA GLU A 1125 24.68 6.37 -12.17
C GLU A 1125 23.68 7.27 -11.45
N LEU A 1126 22.45 6.80 -11.26
CA LEU A 1126 21.47 7.57 -10.51
C LEU A 1126 21.80 7.59 -9.02
N ASN A 1127 22.19 6.44 -8.47
CA ASN A 1127 22.58 6.39 -7.07
C ASN A 1127 23.82 7.24 -6.81
N LEU A 1128 24.79 7.19 -7.73
CA LEU A 1128 26.00 7.99 -7.58
C LEU A 1128 25.67 9.48 -7.63
N LYS A 1129 24.95 9.90 -8.68
CA LYS A 1129 24.69 11.33 -8.87
C LYS A 1129 23.80 11.92 -7.79
N PHE A 1130 23.09 11.09 -7.03
CA PHE A 1130 22.28 11.56 -5.91
C PHE A 1130 23.12 11.94 -4.70
N LYS A 1131 24.41 11.59 -4.68
CA LYS A 1131 25.26 11.80 -3.52
C LYS A 1131 26.29 12.91 -3.69
N GLU A 1132 26.32 13.58 -4.85
CA GLU A 1132 27.07 14.82 -4.96
C GLU A 1132 26.19 16.06 -4.89
N LYS A 1133 24.98 15.99 -5.42
CA LYS A 1133 24.03 17.10 -5.26
C LYS A 1133 23.65 17.27 -3.80
N TRP A 1134 23.38 16.16 -3.11
CA TRP A 1134 22.98 16.16 -1.70
C TRP A 1134 23.84 15.13 -0.96
N PRO A 1135 25.08 15.48 -0.63
CA PRO A 1135 25.98 14.49 -0.03
C PRO A 1135 25.54 13.97 1.32
N SER A 1136 24.66 14.68 2.02
CA SER A 1136 24.20 14.22 3.32
C SER A 1136 23.15 13.12 3.23
N LEU A 1137 22.64 12.82 2.05
CA LEU A 1137 21.61 11.82 1.86
C LEU A 1137 22.09 10.74 0.89
N GLU A 1138 21.56 9.53 1.06
CA GLU A 1138 21.78 8.44 0.14
C GLU A 1138 20.44 7.97 -0.41
N LEU A 1139 20.42 7.64 -1.70
CA LEU A 1139 19.17 7.29 -2.36
C LEU A 1139 18.55 6.01 -1.82
N GLN A 1140 19.35 5.11 -1.25
CA GLN A 1140 18.82 3.87 -0.70
C GLN A 1140 18.07 4.06 0.61
N SER A 1141 18.20 5.24 1.24
CA SER A 1141 17.45 5.49 2.46
C SER A 1141 15.95 5.60 2.19
N PHE A 1142 15.57 5.98 0.98
CA PHE A 1142 14.18 6.19 0.61
C PHE A 1142 13.55 4.99 -0.06
N GLN A 1143 14.27 3.86 -0.12
CA GLN A 1143 13.72 2.66 -0.73
C GLN A 1143 12.56 2.11 0.09
N LYS A 1144 11.53 1.64 -0.60
CA LYS A 1144 10.33 1.14 0.06
C LYS A 1144 10.60 -0.21 0.70
N ILE A 1145 9.79 -0.54 1.70
CA ILE A 1145 9.83 -1.82 2.40
C ILE A 1145 8.55 -2.58 2.04
N PRO A 1146 8.65 -3.78 1.45
CA PRO A 1146 7.44 -4.58 1.22
C PRO A 1146 6.95 -5.23 2.51
N LEU A 1147 5.80 -4.77 3.02
CA LEU A 1147 5.25 -5.34 4.24
C LEU A 1147 4.22 -6.44 3.99
N SER A 1148 3.52 -6.40 2.86
CA SER A 1148 2.48 -7.38 2.60
C SER A 1148 2.25 -7.49 1.10
N ARG A 1149 1.65 -8.62 0.71
CA ARG A 1149 1.28 -8.84 -0.69
C ARG A 1149 0.01 -8.12 -1.08
N ILE A 1150 -0.82 -7.71 -0.11
CA ILE A 1150 -2.04 -6.97 -0.42
C ILE A 1150 -1.71 -5.63 -1.04
N ASN A 1151 -0.53 -5.07 -0.73
CA ASN A 1151 -0.06 -3.82 -1.29
C ASN A 1151 1.08 -4.07 -2.28
N GLU A 1152 0.96 -5.11 -3.09
CA GLU A 1152 2.06 -5.56 -3.92
C GLU A 1152 2.43 -4.54 -5.00
N ASN A 1153 1.44 -3.79 -5.49
CA ASN A 1153 1.72 -2.81 -6.55
C ASN A 1153 2.64 -1.70 -6.05
N GLU A 1154 2.39 -1.20 -4.85
CA GLU A 1154 3.19 -0.11 -4.29
C GLU A 1154 4.23 -0.67 -3.32
N ASN A 1155 5.16 -1.44 -3.88
CA ASN A 1155 6.21 -2.07 -3.10
C ASN A 1155 7.60 -1.94 -3.72
N PHE A 1156 7.73 -1.24 -4.85
CA PHE A 1156 8.99 -1.13 -5.56
C PHE A 1156 9.36 0.34 -5.72
N GLY A 1157 10.66 0.63 -5.67
CA GLY A 1157 11.15 1.95 -5.96
C GLY A 1157 11.48 2.79 -4.75
N TYR A 1158 11.21 4.09 -4.83
CA TYR A 1158 11.53 5.04 -3.79
C TYR A 1158 10.28 5.83 -3.42
N ASP A 1159 10.27 6.38 -2.21
CA ASP A 1159 9.15 7.15 -1.71
C ASP A 1159 9.28 8.59 -2.17
N ILE A 1160 8.34 9.03 -3.01
CA ILE A 1160 8.30 10.40 -3.53
C ILE A 1160 7.78 11.38 -2.50
N PRO A 1161 6.72 11.07 -1.73
CA PRO A 1161 6.29 12.04 -0.69
C PRO A 1161 7.38 12.36 0.33
N LEU A 1162 8.15 11.38 0.76
CA LEU A 1162 9.20 11.65 1.74
C LEU A 1162 10.31 12.52 1.14
N LEU A 1163 10.66 12.26 -0.13
CA LEU A 1163 11.64 13.10 -0.80
C LEU A 1163 11.12 14.53 -0.96
N ASP A 1164 9.82 14.67 -1.23
CA ASP A 1164 9.22 16.00 -1.30
C ASP A 1164 9.29 16.71 0.05
N ILE A 1165 9.02 15.99 1.13
CA ILE A 1165 9.08 16.59 2.46
C ILE A 1165 10.51 17.02 2.77
N VAL A 1166 11.49 16.16 2.47
CA VAL A 1166 12.87 16.46 2.83
C VAL A 1166 13.42 17.60 1.97
N LEU A 1167 13.12 17.60 0.68
CA LEU A 1167 13.71 18.56 -0.26
C LEU A 1167 12.69 19.57 -0.77
N LYS A 1168 11.75 20.00 0.08
CA LYS A 1168 10.73 20.94 -0.34
C LYS A 1168 11.30 22.32 -0.63
N ALA A 1169 12.36 22.72 0.06
CA ALA A 1169 12.91 24.05 -0.06
C ALA A 1169 14.07 24.15 -1.06
N ASP A 1170 14.35 23.06 -1.79
CA ASP A 1170 15.47 23.03 -2.72
C ASP A 1170 14.98 23.32 -4.14
N ARG A 1171 15.68 24.24 -4.81
CA ARG A 1171 15.27 24.62 -6.17
C ARG A 1171 15.64 23.55 -7.18
N SER A 1172 16.77 22.87 -6.99
CA SER A 1172 17.17 21.83 -7.93
C SER A 1172 16.18 20.69 -7.97
N TRP A 1173 15.54 20.39 -6.84
CA TRP A 1173 14.53 19.33 -6.80
C TRP A 1173 13.21 19.78 -7.42
N ASN A 1174 12.85 21.05 -7.23
CA ASN A 1174 11.53 21.53 -7.63
C ASN A 1174 11.53 22.12 -9.05
N GLU A 1175 12.52 22.95 -9.38
CA GLU A 1175 12.60 23.61 -10.68
C GLU A 1175 13.98 23.37 -11.28
N PRO A 1176 14.24 22.17 -11.80
CA PRO A 1176 15.52 21.91 -12.46
C PRO A 1176 15.65 22.72 -13.73
N SER A 1177 16.90 23.08 -14.05
CA SER A 1177 17.19 23.83 -15.26
C SER A 1177 17.31 22.90 -16.46
N LYS A 1178 17.58 23.47 -17.64
CA LYS A 1178 17.72 22.66 -18.84
C LYS A 1178 19.04 21.92 -18.86
N SER A 1179 20.09 22.47 -18.25
CA SER A 1179 21.40 21.85 -18.23
C SER A 1179 21.61 20.95 -17.02
N GLN A 1180 20.59 20.79 -16.17
CA GLN A 1180 20.68 19.96 -14.99
C GLN A 1180 19.73 18.78 -15.11
N THR A 1181 20.11 17.66 -14.49
CA THR A 1181 19.27 16.47 -14.52
C THR A 1181 18.01 16.68 -13.70
N ASN A 1182 16.96 15.95 -14.07
CA ASN A 1182 15.67 16.00 -13.37
C ASN A 1182 15.58 14.77 -12.49
N PHE A 1183 15.90 14.93 -11.20
CA PHE A 1183 15.96 13.79 -10.30
C PHE A 1183 14.58 13.18 -10.06
N LYS A 1184 13.53 14.00 -10.07
CA LYS A 1184 12.18 13.49 -9.85
C LYS A 1184 11.78 12.50 -10.94
N GLU A 1185 11.98 12.88 -12.20
CA GLU A 1185 11.59 12.01 -13.31
C GLU A 1185 12.48 10.77 -13.38
N GLU A 1186 13.78 10.93 -13.08
CA GLU A 1186 14.68 9.78 -13.08
C GLU A 1186 14.31 8.78 -11.99
N ILE A 1187 13.96 9.28 -10.80
CA ILE A 1187 13.56 8.39 -9.71
C ILE A 1187 12.22 7.73 -10.03
N THR A 1188 11.31 8.45 -10.68
CA THR A 1188 10.06 7.83 -11.12
C THR A 1188 10.31 6.74 -12.14
N ASP A 1189 11.26 6.97 -13.07
CA ASP A 1189 11.60 5.96 -14.05
C ASP A 1189 12.26 4.75 -13.40
N ALA A 1190 13.17 4.98 -12.45
CA ALA A 1190 13.88 3.88 -11.81
C ALA A 1190 12.96 2.98 -11.02
N SER A 1191 11.83 3.52 -10.53
CA SER A 1191 10.88 2.71 -9.78
C SER A 1191 10.09 1.77 -10.67
N LEU A 1192 9.86 2.15 -11.93
CA LEU A 1192 9.15 1.29 -12.88
C LEU A 1192 10.03 0.16 -13.39
N ASN A 1193 11.34 0.40 -13.52
CA ASN A 1193 12.24 -0.63 -14.02
C ASN A 1193 12.29 -1.84 -13.09
N LEU A 1194 12.24 -1.60 -11.78
CA LEU A 1194 12.28 -2.69 -10.82
C LEU A 1194 11.03 -3.57 -10.94
N GLN A 1195 9.86 -2.95 -11.08
CA GLN A 1195 8.63 -3.71 -11.29
C GLN A 1195 8.68 -4.47 -12.61
N TYR A 1196 9.20 -3.83 -13.66
CA TYR A 1196 9.32 -4.46 -14.96
C TYR A 1196 10.20 -5.71 -14.88
N VAL A 1197 11.35 -5.61 -14.21
CA VAL A 1197 12.25 -6.74 -14.06
C VAL A 1197 11.60 -7.85 -13.23
N ASN A 1198 10.92 -7.48 -12.15
CA ASN A 1198 10.26 -8.46 -11.30
C ASN A 1198 9.24 -9.27 -12.08
N TYR A 1199 8.39 -8.58 -12.85
CA TYR A 1199 7.36 -9.29 -13.60
C TYR A 1199 7.93 -10.05 -14.78
N GLU A 1200 9.03 -9.57 -15.38
CA GLU A 1200 9.69 -10.33 -16.42
C GLU A 1200 10.22 -11.66 -15.87
N ILE A 1201 10.84 -11.62 -14.69
CA ILE A 1201 11.33 -12.84 -14.07
C ILE A 1201 10.18 -13.78 -13.72
N SER A 1202 9.08 -13.23 -13.19
CA SER A 1202 7.93 -14.06 -12.86
C SER A 1202 7.35 -14.74 -14.10
N THR A 1203 7.24 -14.00 -15.20
CA THR A 1203 6.72 -14.57 -16.44
C THR A 1203 7.66 -15.64 -16.98
N ALA A 1204 8.97 -15.42 -16.89
CA ALA A 1204 9.92 -16.44 -17.32
C ALA A 1204 9.76 -17.72 -16.50
N LYS A 1205 9.61 -17.57 -15.18
CA LYS A 1205 9.41 -18.73 -14.32
C LYS A 1205 8.14 -19.49 -14.70
N ALA A 1206 7.05 -18.76 -14.91
CA ALA A 1206 5.78 -19.41 -15.23
C ALA A 1206 5.83 -20.12 -16.58
N TRP A 1207 6.46 -19.50 -17.57
CA TRP A 1207 6.59 -20.13 -18.88
C TRP A 1207 7.47 -21.37 -18.79
N GLY A 1208 8.56 -21.30 -18.03
CA GLY A 1208 9.40 -22.47 -17.84
C GLY A 1208 8.64 -23.62 -17.18
N ALA A 1209 7.83 -23.30 -16.17
CA ALA A 1209 7.04 -24.34 -15.50
C ALA A 1209 6.03 -24.97 -16.47
N LEU A 1210 5.36 -24.15 -17.27
CA LEU A 1210 4.39 -24.69 -18.22
C LEU A 1210 5.06 -25.57 -19.27
N ILE A 1211 6.21 -25.12 -19.81
CA ILE A 1211 6.90 -25.92 -20.81
C ILE A 1211 7.40 -27.22 -20.19
N THR A 1212 7.91 -27.15 -18.96
CA THR A 1212 8.39 -28.36 -18.29
C THR A 1212 7.26 -29.36 -18.10
N THR A 1213 6.12 -28.90 -17.58
CA THR A 1213 5.00 -29.84 -17.35
C THR A 1213 4.39 -30.32 -18.65
N PHE A 1214 4.56 -29.57 -19.76
CA PHE A 1214 4.13 -30.08 -21.05
C PHE A 1214 5.06 -31.17 -21.56
N VAL A 1215 6.38 -30.97 -21.41
CA VAL A 1215 7.34 -31.95 -21.92
C VAL A 1215 7.33 -33.22 -21.09
N LYS A 1216 7.06 -33.10 -19.78
CA LYS A 1216 7.05 -34.29 -18.92
C LYS A 1216 6.04 -35.32 -19.40
N ARG A 1217 4.83 -34.88 -19.73
CA ARG A 1217 3.73 -35.79 -20.03
C ARG A 1217 3.67 -36.23 -21.48
N SER A 1218 4.24 -35.46 -22.41
CA SER A 1218 4.13 -35.78 -23.82
C SER A 1218 4.91 -37.05 -24.13
N THR A 1219 4.29 -37.94 -24.92
CA THR A 1219 4.91 -39.20 -25.33
C THR A 1219 5.23 -39.28 -26.81
N VAL A 1220 4.47 -38.57 -27.65
CA VAL A 1220 4.70 -38.57 -29.09
C VAL A 1220 5.99 -37.81 -29.38
N PRO A 1221 6.66 -38.08 -30.50
CA PRO A 1221 7.89 -37.33 -30.81
C PRO A 1221 7.63 -35.84 -30.91
N LEU A 1222 8.56 -35.05 -30.38
CA LEU A 1222 8.42 -33.61 -30.37
C LEU A 1222 8.88 -33.01 -31.71
N ASN A 1223 8.51 -31.76 -31.92
CA ASN A 1223 8.83 -31.06 -33.16
C ASN A 1223 10.25 -30.48 -33.09
N ASP A 1224 10.70 -29.92 -34.22
CA ASP A 1224 11.99 -29.25 -34.27
C ASP A 1224 12.00 -27.94 -33.52
N GLY A 1225 10.82 -27.40 -33.17
CA GLY A 1225 10.78 -26.18 -32.40
C GLY A 1225 11.44 -26.32 -31.04
N PHE A 1226 11.34 -27.49 -30.42
CA PHE A 1226 12.00 -27.70 -29.13
C PHE A 1226 13.51 -27.85 -29.30
N VAL A 1227 13.96 -28.40 -30.41
CA VAL A 1227 15.40 -28.40 -30.70
C VAL A 1227 15.91 -26.97 -30.84
N ASP A 1228 15.15 -26.13 -31.55
CA ASP A 1228 15.50 -24.72 -31.65
C ASP A 1228 15.49 -24.04 -30.29
N LEU A 1229 14.53 -24.40 -29.44
CA LEU A 1229 14.45 -23.83 -28.10
C LEU A 1229 15.66 -24.23 -27.25
N VAL A 1230 16.09 -25.49 -27.36
CA VAL A 1230 17.28 -25.94 -26.63
C VAL A 1230 18.51 -25.21 -27.12
N GLU A 1231 18.63 -25.04 -28.44
CA GLU A 1231 19.75 -24.26 -28.97
C GLU A 1231 19.72 -22.82 -28.46
N HIS A 1232 18.53 -22.23 -28.40
CA HIS A 1232 18.39 -20.86 -27.88
C HIS A 1232 18.81 -20.79 -26.42
N PHE A 1233 18.39 -21.76 -25.60
CA PHE A 1233 18.76 -21.77 -24.20
C PHE A 1233 20.26 -21.92 -24.03
N LEU A 1234 20.87 -22.82 -24.79
CA LEU A 1234 22.32 -23.00 -24.68
C LEU A 1234 23.07 -21.75 -25.11
N LYS A 1235 22.62 -21.08 -26.19
CA LYS A 1235 23.28 -19.84 -26.58
C LYS A 1235 23.09 -18.74 -25.54
N LEU A 1236 21.91 -18.68 -24.93
CA LEU A 1236 21.66 -17.72 -23.85
C LEU A 1236 22.62 -17.95 -22.69
N ASN A 1237 22.91 -19.22 -22.38
CA ASN A 1237 23.91 -19.51 -21.37
C ASN A 1237 25.32 -19.22 -21.86
N ILE A 1238 25.55 -19.31 -23.18
CA ILE A 1238 26.85 -18.92 -23.74
C ILE A 1238 27.11 -17.45 -23.50
N ASP A 1239 26.11 -16.59 -23.69
CA ASP A 1239 26.33 -15.16 -23.58
C ASP A 1239 26.34 -14.67 -22.13
N PHE A 1240 26.59 -15.56 -21.17
CA PHE A 1240 26.76 -15.21 -19.76
C PHE A 1240 25.49 -14.55 -19.21
N GLY A 1241 24.43 -15.35 -19.15
CA GLY A 1241 23.19 -14.92 -18.54
C GLY A 1241 23.23 -14.83 -17.04
N SER A 1242 24.36 -15.18 -16.40
CA SER A 1242 24.51 -15.08 -14.96
C SER A 1242 25.75 -14.30 -14.55
N ASP A 1243 26.41 -13.62 -15.50
CA ASP A 1243 27.58 -12.81 -15.16
C ASP A 1243 27.20 -11.66 -14.23
N LYS A 1244 26.05 -11.05 -14.46
CA LYS A 1244 25.53 -10.00 -13.59
C LYS A 1244 24.80 -10.54 -12.37
N GLN A 1245 24.79 -11.86 -12.19
CA GLN A 1245 24.04 -12.52 -11.11
C GLN A 1245 22.57 -12.13 -11.15
N MET A 1246 22.02 -12.02 -12.37
CA MET A 1246 20.62 -11.66 -12.56
C MET A 1246 19.78 -12.90 -12.30
N PHE A 1247 19.49 -13.12 -11.01
CA PHE A 1247 18.57 -14.18 -10.56
C PHE A 1247 18.95 -15.53 -11.18
N THR A 1248 20.08 -16.04 -10.70
CA THR A 1248 20.71 -17.23 -11.26
C THR A 1248 19.79 -18.46 -11.35
N GLN A 1249 18.60 -18.41 -10.75
CA GLN A 1249 17.66 -19.50 -11.01
C GLN A 1249 17.10 -19.49 -12.42
N ILE A 1250 17.22 -18.38 -13.14
CA ILE A 1250 16.95 -18.40 -14.58
C ILE A 1250 17.94 -19.29 -15.29
N TYR A 1251 19.22 -19.16 -14.93
CA TYR A 1251 20.25 -20.05 -15.46
C TYR A 1251 19.92 -21.51 -15.16
N LEU A 1252 19.52 -21.79 -13.92
CA LEU A 1252 19.22 -23.16 -13.52
C LEU A 1252 18.01 -23.70 -14.27
N GLU A 1253 16.96 -22.88 -14.44
CA GLU A 1253 15.78 -23.37 -15.14
C GLU A 1253 16.06 -23.57 -16.63
N ARG A 1254 16.89 -22.72 -17.23
CA ARG A 1254 17.29 -22.95 -18.61
C ARG A 1254 18.06 -24.26 -18.75
N ILE A 1255 18.98 -24.52 -17.82
CA ILE A 1255 19.75 -25.77 -17.88
C ILE A 1255 18.84 -26.97 -17.72
N GLU A 1256 17.91 -26.90 -16.76
CA GLU A 1256 16.99 -28.03 -16.53
C GLU A 1256 16.08 -28.26 -17.73
N LEU A 1257 15.58 -27.17 -18.33
CA LEU A 1257 14.72 -27.31 -19.51
C LEU A 1257 15.48 -27.94 -20.67
N SER A 1258 16.71 -27.48 -20.92
CA SER A 1258 17.51 -28.07 -21.98
C SER A 1258 17.76 -29.55 -21.72
N PHE A 1259 18.12 -29.88 -20.48
CA PHE A 1259 18.41 -31.27 -20.14
C PHE A 1259 17.20 -32.16 -20.35
N TYR A 1260 16.02 -31.72 -19.89
CA TYR A 1260 14.87 -32.62 -19.98
C TYR A 1260 14.32 -32.68 -21.40
N ILE A 1261 14.38 -31.59 -22.17
CA ILE A 1261 13.97 -31.67 -23.57
C ILE A 1261 14.89 -32.62 -24.33
N LEU A 1262 16.20 -32.56 -24.06
CA LEU A 1262 17.11 -33.50 -24.70
C LEU A 1262 16.84 -34.94 -24.25
N TYR A 1263 16.51 -35.13 -22.97
CA TYR A 1263 16.27 -36.46 -22.44
C TYR A 1263 15.00 -37.08 -23.01
N SER A 1264 13.96 -36.26 -23.25
CA SER A 1264 12.71 -36.78 -23.77
C SER A 1264 12.86 -37.42 -25.15
N PHE A 1265 13.95 -37.10 -25.87
CA PHE A 1265 14.17 -37.70 -27.17
C PHE A 1265 14.54 -39.18 -27.08
N LYS A 1266 14.92 -39.66 -25.89
CA LYS A 1266 15.22 -41.08 -25.72
C LYS A 1266 13.96 -41.94 -25.76
N LEU A 1267 12.89 -41.48 -25.10
CA LEU A 1267 11.67 -42.25 -25.06
C LEU A 1267 11.06 -42.40 -26.46
N SER A 1268 11.07 -41.33 -27.25
CA SER A 1268 10.60 -41.37 -28.62
C SER A 1268 11.76 -41.71 -29.56
N GLY A 1269 11.48 -41.73 -30.85
CA GLY A 1269 12.51 -41.98 -31.84
C GLY A 1269 13.40 -40.77 -32.08
N LYS A 1270 12.80 -39.70 -32.61
CA LYS A 1270 13.50 -38.44 -32.85
C LYS A 1270 14.75 -38.63 -33.70
N LEU A 1271 14.52 -39.08 -34.94
CA LEU A 1271 15.61 -39.21 -35.90
C LEU A 1271 16.09 -37.81 -36.30
N LEU A 1272 17.27 -37.43 -35.82
CA LEU A 1272 17.79 -36.08 -36.02
C LEU A 1272 19.18 -36.15 -36.61
N LYS A 1273 19.52 -35.13 -37.39
CA LYS A 1273 20.81 -35.09 -38.06
C LYS A 1273 21.94 -34.88 -37.06
N GLU A 1274 23.16 -35.22 -37.49
CA GLU A 1274 24.32 -35.15 -36.62
C GLU A 1274 24.87 -33.73 -36.47
N GLU A 1275 24.54 -32.82 -37.38
CA GLU A 1275 25.09 -31.47 -37.30
C GLU A 1275 24.57 -30.73 -36.08
N LYS A 1276 23.27 -30.82 -35.80
CA LYS A 1276 22.74 -30.20 -34.59
C LYS A 1276 23.25 -30.89 -33.34
N ILE A 1277 23.47 -32.20 -33.40
CA ILE A 1277 24.08 -32.91 -32.28
C ILE A 1277 25.47 -32.36 -32.00
N ILE A 1278 26.27 -32.13 -33.05
CA ILE A 1278 27.60 -31.57 -32.89
C ILE A 1278 27.52 -30.16 -32.31
N GLU A 1279 26.58 -29.35 -32.80
CA GLU A 1279 26.43 -27.99 -32.29
C GLU A 1279 26.10 -28.00 -30.80
N LEU A 1280 25.14 -28.85 -30.40
CA LEU A 1280 24.76 -28.93 -28.99
C LEU A 1280 25.91 -29.44 -28.14
N MET A 1281 26.66 -30.43 -28.65
CA MET A 1281 27.77 -30.98 -27.89
C MET A 1281 28.87 -29.94 -27.68
N ASN A 1282 29.19 -29.18 -28.74
CA ASN A 1282 30.20 -28.14 -28.61
C ASN A 1282 29.74 -27.04 -27.66
N LYS A 1283 28.47 -26.65 -27.73
CA LYS A 1283 27.99 -25.62 -26.83
C LYS A 1283 27.98 -26.09 -25.38
N ILE A 1284 27.67 -27.36 -25.14
CA ILE A 1284 27.69 -27.84 -23.77
C ILE A 1284 29.12 -27.96 -23.24
N PHE A 1285 30.09 -28.30 -24.12
CA PHE A 1285 31.49 -28.22 -23.70
C PHE A 1285 31.90 -26.80 -23.36
N THR A 1286 31.50 -25.83 -24.18
CA THR A 1286 31.86 -24.44 -23.90
C THR A 1286 31.20 -23.93 -22.62
N ILE A 1287 29.98 -24.38 -22.33
CA ILE A 1287 29.36 -24.06 -21.04
C ILE A 1287 30.15 -24.69 -19.90
N PHE A 1288 30.50 -25.97 -20.03
CA PHE A 1288 31.13 -26.69 -18.94
C PHE A 1288 32.55 -26.20 -18.66
N LYS A 1289 33.19 -25.54 -19.62
CA LYS A 1289 34.53 -25.02 -19.47
C LYS A 1289 34.46 -23.52 -19.26
N SER A 1290 35.06 -23.04 -18.17
CA SER A 1290 35.07 -21.62 -17.81
C SER A 1290 33.65 -21.06 -17.67
N GLY A 1291 33.54 -19.74 -17.63
CA GLY A 1291 32.24 -19.12 -17.47
C GLY A 1291 31.81 -19.05 -16.01
N GLU A 1292 30.51 -18.80 -15.82
CA GLU A 1292 29.95 -18.67 -14.48
C GLU A 1292 29.95 -19.98 -13.69
N ILE A 1293 30.09 -21.12 -14.36
CA ILE A 1293 30.17 -22.39 -13.67
C ILE A 1293 31.51 -22.50 -12.96
N ASP A 1294 31.53 -23.18 -11.83
CA ASP A 1294 32.71 -23.27 -10.98
C ASP A 1294 33.16 -24.72 -10.77
N PHE A 1295 33.15 -25.50 -11.84
CA PHE A 1295 33.58 -26.90 -11.73
C PHE A 1295 35.08 -27.00 -11.56
N ILE A 1296 35.85 -26.24 -12.35
CA ILE A 1296 37.31 -26.32 -12.30
C ILE A 1296 37.84 -25.87 -10.94
N LYS A 1297 37.32 -24.75 -10.42
CA LYS A 1297 37.81 -24.20 -9.17
C LYS A 1297 37.50 -25.07 -7.96
N ASN A 1298 36.61 -26.06 -8.11
CA ASN A 1298 36.29 -27.05 -7.10
C ASN A 1298 35.51 -26.47 -5.93
N ILE A 1299 35.32 -25.14 -5.92
CA ILE A 1299 34.47 -24.54 -4.91
C ILE A 1299 33.01 -24.82 -5.21
N GLY A 1300 32.63 -24.76 -6.49
CA GLY A 1300 31.23 -24.95 -6.86
C GLY A 1300 30.71 -26.35 -6.59
N LYS A 1301 31.56 -27.36 -6.80
CA LYS A 1301 31.12 -28.74 -6.67
C LYS A 1301 30.67 -29.06 -5.25
N SER A 1302 31.27 -28.41 -4.25
CA SER A 1302 30.93 -28.71 -2.87
C SER A 1302 29.60 -28.09 -2.45
N LEU A 1303 29.25 -26.94 -3.01
CA LEU A 1303 28.04 -26.22 -2.61
C LEU A 1303 26.97 -26.22 -3.70
N LYS A 1304 27.30 -25.72 -4.90
CA LYS A 1304 26.33 -25.63 -6.00
C LYS A 1304 26.57 -26.81 -6.94
N ASN A 1305 26.06 -27.97 -6.54
CA ASN A 1305 26.16 -29.17 -7.36
C ASN A 1305 25.05 -29.25 -8.41
N ASN A 1306 24.07 -28.34 -8.37
CA ASN A 1306 22.97 -28.36 -9.33
C ASN A 1306 23.31 -27.64 -10.62
N PHE A 1307 24.43 -26.91 -10.68
CA PHE A 1307 24.79 -26.14 -11.85
C PHE A 1307 25.57 -26.94 -12.88
N TYR A 1308 26.00 -28.15 -12.56
CA TYR A 1308 26.76 -28.98 -13.50
C TYR A 1308 26.29 -30.42 -13.58
N ARG A 1309 25.40 -30.87 -12.70
CA ARG A 1309 24.94 -32.25 -12.79
C ARG A 1309 23.88 -32.43 -13.88
N PRO A 1310 22.89 -31.55 -14.03
CA PRO A 1310 22.07 -31.59 -15.25
C PRO A 1310 22.90 -31.56 -16.52
N LEU A 1311 23.97 -30.76 -16.55
CA LEU A 1311 24.84 -30.74 -17.71
C LEU A 1311 25.51 -32.09 -17.93
N LEU A 1312 25.94 -32.75 -16.85
CA LEU A 1312 26.56 -34.06 -16.97
C LEU A 1312 25.60 -35.09 -17.53
N ARG A 1313 24.36 -35.12 -17.01
CA ARG A 1313 23.40 -36.06 -17.57
C ARG A 1313 23.03 -35.70 -19.00
N SER A 1314 22.99 -34.41 -19.34
CA SER A 1314 22.71 -34.01 -20.72
C SER A 1314 23.79 -34.52 -21.66
N VAL A 1315 25.06 -34.39 -21.27
CA VAL A 1315 26.15 -34.93 -22.08
C VAL A 1315 26.04 -36.44 -22.18
N LEU A 1316 25.70 -37.10 -21.07
CA LEU A 1316 25.63 -38.55 -21.06
C LEU A 1316 24.53 -39.07 -21.98
N VAL A 1317 23.35 -38.47 -21.93
CA VAL A 1317 22.21 -38.98 -22.70
C VAL A 1317 22.18 -38.44 -24.12
N LEU A 1318 22.86 -37.32 -24.41
CA LEU A 1318 22.87 -36.83 -25.78
C LEU A 1318 23.79 -37.66 -26.65
N LEU A 1319 24.85 -38.24 -26.06
CA LEU A 1319 25.73 -39.13 -26.79
C LEU A 1319 25.07 -40.47 -27.08
N GLU A 1320 23.96 -40.79 -26.41
CA GLU A 1320 23.24 -42.04 -26.65
C GLU A 1320 22.57 -42.06 -28.02
N LEU A 1321 22.56 -40.95 -28.73
CA LEU A 1321 22.01 -40.89 -30.09
C LEU A 1321 23.03 -41.49 -31.06
N VAL A 1322 22.82 -41.26 -32.36
CA VAL A 1322 23.75 -41.79 -33.36
C VAL A 1322 25.16 -41.29 -33.07
N SER A 1323 26.13 -42.19 -33.24
CA SER A 1323 27.51 -41.87 -32.89
C SER A 1323 28.06 -40.77 -33.79
N SER A 1324 28.62 -39.74 -33.16
CA SER A 1324 29.19 -38.59 -33.85
C SER A 1324 30.72 -38.72 -33.79
N GLY A 1325 31.28 -39.48 -34.71
CA GLY A 1325 32.72 -39.64 -34.78
C GLY A 1325 33.25 -39.76 -36.20
N ASP A 1326 32.43 -39.40 -37.18
CA ASP A 1326 32.76 -39.60 -38.58
C ASP A 1326 32.92 -38.30 -39.36
N ARG A 1327 31.95 -37.39 -39.27
CA ARG A 1327 31.97 -36.20 -40.11
C ARG A 1327 33.03 -35.21 -39.63
N PHE A 1328 32.90 -34.73 -38.39
CA PHE A 1328 33.81 -33.74 -37.83
C PHE A 1328 34.85 -34.37 -36.92
N ILE A 1329 35.37 -35.54 -37.30
CA ILE A 1329 36.19 -36.37 -36.41
C ILE A 1329 37.37 -35.59 -35.84
N GLU A 1330 37.89 -34.60 -36.58
CA GLU A 1330 38.97 -33.78 -36.05
C GLU A 1330 38.50 -32.90 -34.90
N LEU A 1331 37.52 -32.04 -35.18
CA LEU A 1331 36.96 -31.19 -34.13
C LEU A 1331 36.29 -32.02 -33.04
N ILE A 1332 35.61 -33.10 -33.44
CA ILE A 1332 34.98 -33.99 -32.46
C ILE A 1332 36.04 -34.53 -31.50
N SER A 1333 37.13 -35.06 -32.03
CA SER A 1333 38.18 -35.63 -31.20
C SER A 1333 38.81 -34.56 -30.30
N ASP A 1334 39.09 -33.39 -30.86
CA ASP A 1334 39.72 -32.33 -30.06
C ASP A 1334 38.82 -31.91 -28.89
N GLN A 1335 37.57 -31.57 -29.19
CA GLN A 1335 36.66 -31.13 -28.14
C GLN A 1335 36.38 -32.23 -27.13
N LEU A 1336 36.22 -33.47 -27.60
CA LEU A 1336 35.96 -34.58 -26.69
C LEU A 1336 37.14 -34.82 -25.77
N LEU A 1337 38.36 -34.78 -26.31
CA LEU A 1337 39.54 -34.95 -25.47
C LEU A 1337 39.66 -33.84 -24.44
N GLU A 1338 39.44 -32.59 -24.87
CA GLU A 1338 39.53 -31.46 -23.93
C GLU A 1338 38.51 -31.60 -22.80
N PHE A 1339 37.24 -31.83 -23.16
CA PHE A 1339 36.20 -31.97 -22.14
C PHE A 1339 36.48 -33.18 -21.24
N PHE A 1340 36.87 -34.30 -21.84
CA PHE A 1340 37.15 -35.52 -21.09
C PHE A 1340 38.22 -35.29 -20.03
N GLU A 1341 39.37 -34.74 -20.45
CA GLU A 1341 40.44 -34.52 -19.48
C GLU A 1341 40.00 -33.51 -18.42
N LEU A 1342 39.37 -32.41 -18.87
CA LEU A 1342 39.03 -31.32 -17.95
C LEU A 1342 38.07 -31.78 -16.87
N VAL A 1343 37.07 -32.59 -17.23
CA VAL A 1343 36.17 -33.09 -16.20
C VAL A 1343 36.83 -34.18 -15.37
N PHE A 1344 37.33 -35.24 -16.02
CA PHE A 1344 37.71 -36.44 -15.29
C PHE A 1344 38.95 -36.22 -14.45
N SER A 1345 40.05 -35.80 -15.07
CA SER A 1345 41.30 -35.70 -14.33
C SER A 1345 41.15 -34.72 -13.16
N LYS A 1346 40.60 -33.54 -13.44
CA LYS A 1346 40.50 -32.51 -12.41
C LYS A 1346 39.54 -32.94 -11.30
N GLY A 1347 38.35 -33.44 -11.66
CA GLY A 1347 37.39 -33.81 -10.64
C GLY A 1347 37.88 -34.96 -9.77
N VAL A 1348 38.44 -35.99 -10.40
CA VAL A 1348 38.93 -37.14 -9.65
C VAL A 1348 40.07 -36.72 -8.73
N TYR A 1349 41.02 -35.93 -9.26
CA TYR A 1349 42.16 -35.50 -8.46
C TYR A 1349 41.71 -34.65 -7.28
N LEU A 1350 40.77 -33.73 -7.52
CA LEU A 1350 40.32 -32.85 -6.44
C LEU A 1350 39.52 -33.62 -5.38
N ILE A 1351 38.65 -34.54 -5.80
CA ILE A 1351 37.87 -35.32 -4.85
C ILE A 1351 38.79 -36.19 -3.99
N LEU A 1352 39.77 -36.84 -4.62
CA LEU A 1352 40.65 -37.70 -3.85
C LEU A 1352 41.64 -36.92 -3.01
N SER A 1353 42.01 -35.71 -3.44
CA SER A 1353 42.79 -34.83 -2.58
C SER A 1353 41.98 -34.40 -1.36
N GLU A 1354 40.70 -34.12 -1.53
CA GLU A 1354 39.85 -33.83 -0.39
C GLU A 1354 39.77 -35.03 0.55
N ILE A 1355 39.64 -36.23 -0.01
CA ILE A 1355 39.61 -37.44 0.82
C ILE A 1355 40.91 -37.58 1.60
N LEU A 1356 42.05 -37.33 0.94
CA LEU A 1356 43.32 -37.31 1.63
C LEU A 1356 43.32 -36.29 2.76
N CYS A 1357 42.68 -35.13 2.54
CA CYS A 1357 42.57 -34.14 3.59
C CYS A 1357 41.78 -34.67 4.78
N GLN A 1358 40.67 -35.38 4.53
CA GLN A 1358 39.94 -35.93 5.68
C GLN A 1358 40.63 -37.13 6.30
N ILE A 1359 41.63 -37.74 5.64
CA ILE A 1359 42.34 -38.86 6.26
C ILE A 1359 43.72 -38.46 6.76
N ASN A 1360 44.36 -37.45 6.16
CA ASN A 1360 45.71 -37.05 6.54
C ASN A 1360 45.94 -35.61 6.11
N LYS A 1361 47.20 -35.18 6.15
CA LYS A 1361 47.57 -33.82 5.74
C LYS A 1361 47.81 -33.82 4.24
N CYS A 1362 46.92 -33.15 3.50
CA CYS A 1362 47.05 -33.06 2.05
C CYS A 1362 47.76 -31.78 1.62
N SER A 1363 47.22 -30.64 2.00
CA SER A 1363 47.78 -29.32 1.68
C SER A 1363 47.89 -28.48 2.95
N THR A 1364 48.41 -29.09 4.02
CA THR A 1364 48.56 -28.47 5.32
C THR A 1364 47.23 -27.97 5.90
N ARG A 1365 46.11 -28.46 5.37
CA ARG A 1365 44.81 -28.07 5.91
C ARG A 1365 44.61 -28.65 7.30
N GLY A 1366 45.05 -29.88 7.52
CA GLY A 1366 44.90 -30.56 8.79
C GLY A 1366 44.46 -31.99 8.59
N LEU A 1367 44.74 -32.83 9.58
CA LEU A 1367 44.35 -34.23 9.56
C LEU A 1367 43.17 -34.45 10.49
N SER A 1368 42.12 -35.09 9.96
CA SER A 1368 40.90 -35.34 10.72
C SER A 1368 40.39 -36.75 10.43
N THR A 1369 41.29 -37.71 10.44
CA THR A 1369 40.92 -39.09 10.17
C THR A 1369 39.94 -39.60 11.23
N ASP A 1370 38.87 -40.23 10.77
CA ASP A 1370 37.81 -40.73 11.65
C ASP A 1370 36.87 -41.59 10.83
N HIS A 1371 36.10 -42.44 11.52
CA HIS A 1371 35.12 -43.28 10.85
C HIS A 1371 34.00 -42.43 10.24
N THR A 1372 33.54 -41.42 10.96
CA THR A 1372 32.45 -40.56 10.51
C THR A 1372 32.96 -39.15 10.25
N THR A 1373 32.70 -38.65 9.05
CA THR A 1373 33.09 -37.30 8.67
C THR A 1373 32.14 -36.82 7.58
N GLN A 1374 32.10 -35.48 7.40
CA GLN A 1374 31.28 -34.80 6.40
C GLN A 1374 29.87 -35.39 6.30
N ILE A 1375 29.30 -35.44 5.09
CA ILE A 1375 27.93 -35.91 4.95
C ILE A 1375 27.70 -36.63 3.62
N VAL A 1376 27.29 -37.90 3.71
CA VAL A 1376 26.92 -38.73 2.57
C VAL A 1376 28.05 -38.71 1.53
N ASN A 1377 29.26 -39.08 1.97
CA ASN A 1377 30.42 -39.22 1.09
C ASN A 1377 30.65 -37.96 0.25
N LEU A 1378 30.26 -36.80 0.79
CA LEU A 1378 30.31 -35.54 0.06
C LEU A 1378 29.58 -35.68 -1.28
N GLU A 1379 30.32 -35.91 -2.35
CA GLU A 1379 29.74 -36.17 -3.66
C GLU A 1379 30.25 -37.46 -4.30
N ASP A 1380 31.16 -38.19 -3.63
CA ASP A 1380 31.68 -39.43 -4.21
C ASP A 1380 30.59 -40.47 -4.40
N ASN A 1381 29.55 -40.44 -3.56
CA ASN A 1381 28.48 -41.42 -3.68
C ASN A 1381 27.74 -41.28 -5.01
N THR A 1382 27.57 -40.06 -5.49
CA THR A 1382 26.83 -39.82 -6.72
C THR A 1382 27.69 -39.25 -7.84
N GLN A 1383 28.48 -38.21 -7.56
CA GLN A 1383 29.22 -37.53 -8.63
C GLN A 1383 30.40 -38.33 -9.14
N ASP A 1384 30.76 -39.44 -8.50
CA ASP A 1384 31.92 -40.23 -8.91
C ASP A 1384 31.57 -41.54 -9.59
N LEU A 1385 30.47 -42.19 -9.21
CA LEU A 1385 30.15 -43.50 -9.76
C LEU A 1385 28.81 -43.56 -10.49
N LEU A 1386 27.92 -42.58 -10.30
CA LEU A 1386 26.69 -42.55 -11.10
C LEU A 1386 26.94 -42.04 -12.52
N LEU A 1387 27.89 -41.12 -12.70
CA LEU A 1387 28.05 -40.41 -13.96
C LEU A 1387 29.38 -40.70 -14.64
N LEU A 1388 30.51 -40.60 -13.91
CA LEU A 1388 31.81 -40.64 -14.55
C LEU A 1388 32.07 -41.98 -15.24
N LEU A 1389 31.86 -43.08 -14.53
CA LEU A 1389 32.11 -44.39 -15.14
C LEU A 1389 31.09 -44.70 -16.23
N SER A 1390 29.86 -44.19 -16.10
CA SER A 1390 28.88 -44.38 -17.16
C SER A 1390 29.34 -43.71 -18.46
N LEU A 1391 29.88 -42.49 -18.35
CA LEU A 1391 30.37 -41.80 -19.53
C LEU A 1391 31.65 -42.43 -20.05
N PHE A 1392 32.48 -42.97 -19.16
CA PHE A 1392 33.61 -43.80 -19.59
C PHE A 1392 33.14 -44.95 -20.47
N LYS A 1393 32.14 -45.69 -20.00
CA LYS A 1393 31.61 -46.82 -20.77
C LYS A 1393 31.00 -46.34 -22.08
N LYS A 1394 30.32 -45.19 -22.06
CA LYS A 1394 29.74 -44.66 -23.28
C LYS A 1394 30.80 -44.34 -24.32
N ILE A 1395 31.92 -43.75 -23.89
CA ILE A 1395 33.02 -43.50 -24.83
C ILE A 1395 33.60 -44.82 -25.33
N THR A 1396 33.83 -45.77 -24.43
CA THR A 1396 34.39 -47.06 -24.86
C THR A 1396 33.43 -47.79 -25.78
N ASN A 1397 32.12 -47.60 -25.61
CA ASN A 1397 31.12 -48.18 -26.49
C ASN A 1397 30.95 -47.39 -27.77
N VAL A 1398 31.62 -46.25 -27.85
CA VAL A 1398 31.56 -45.29 -28.99
C VAL A 1398 32.69 -45.58 -30.00
N ASN A 1399 33.31 -46.76 -29.93
CA ASN A 1399 34.41 -47.16 -30.81
C ASN A 1399 35.52 -46.12 -30.81
N PRO A 1400 36.26 -45.97 -29.71
CA PRO A 1400 37.37 -45.01 -29.70
C PRO A 1400 38.53 -45.48 -30.57
N SER A 1401 39.33 -44.52 -31.00
CA SER A 1401 40.48 -44.77 -31.85
C SER A 1401 41.75 -44.92 -31.01
N LYS A 1402 42.79 -45.48 -31.64
CA LYS A 1402 44.05 -45.71 -30.94
C LYS A 1402 44.73 -44.38 -30.59
N ASN A 1403 44.67 -43.40 -31.49
CA ASN A 1403 45.25 -42.10 -31.20
C ASN A 1403 44.54 -41.43 -30.03
N PHE A 1404 43.22 -41.60 -29.94
CA PHE A 1404 42.48 -41.10 -28.79
C PHE A 1404 42.98 -41.71 -27.50
N ASN A 1405 43.22 -43.02 -27.50
CA ASN A 1405 43.74 -43.68 -26.31
C ASN A 1405 45.14 -43.21 -25.97
N VAL A 1406 45.97 -42.96 -27.00
CA VAL A 1406 47.33 -42.48 -26.76
C VAL A 1406 47.31 -41.11 -26.12
N ILE A 1407 46.47 -40.21 -26.64
CA ILE A 1407 46.36 -38.87 -26.07
C ILE A 1407 45.78 -38.94 -24.65
N LEU A 1408 44.83 -39.85 -24.43
CA LEU A 1408 44.27 -40.04 -23.10
C LEU A 1408 45.35 -40.48 -22.12
N ALA A 1409 46.18 -41.43 -22.53
CA ALA A 1409 47.26 -41.91 -21.67
C ALA A 1409 48.28 -40.80 -21.40
N SER A 1410 48.59 -40.00 -22.42
CA SER A 1410 49.51 -38.89 -22.21
C SER A 1410 48.96 -37.88 -21.20
N SER A 1411 47.67 -37.55 -21.33
CA SER A 1411 47.06 -36.62 -20.39
C SER A 1411 47.03 -37.21 -18.98
N LEU A 1412 46.74 -38.51 -18.87
CA LEU A 1412 46.73 -39.16 -17.56
C LEU A 1412 48.13 -39.14 -16.93
N ASN A 1413 49.16 -39.38 -17.73
CA ASN A 1413 50.53 -39.30 -17.23
C ASN A 1413 50.86 -37.88 -16.78
N GLU A 1414 50.42 -36.88 -17.55
CA GLU A 1414 50.63 -35.50 -17.14
C GLU A 1414 49.91 -35.17 -15.83
N VAL A 1415 48.76 -35.80 -15.60
CA VAL A 1415 48.02 -35.57 -14.36
C VAL A 1415 48.47 -36.53 -13.25
N GLY A 1416 48.63 -37.81 -13.56
CA GLY A 1416 49.01 -38.78 -12.56
C GLY A 1416 47.84 -39.65 -12.15
N THR A 1417 47.95 -40.96 -12.33
CA THR A 1417 46.84 -41.88 -12.12
C THR A 1417 47.25 -43.08 -11.29
N LEU A 1418 46.25 -43.64 -10.60
CA LEU A 1418 46.30 -44.85 -9.79
C LEU A 1418 47.05 -44.67 -8.48
N LYS A 1419 47.77 -43.56 -8.34
CA LYS A 1419 48.31 -43.22 -7.02
C LYS A 1419 47.19 -42.76 -6.11
N VAL A 1420 46.29 -41.92 -6.62
CA VAL A 1420 45.09 -41.55 -5.88
C VAL A 1420 44.18 -42.75 -5.69
N ILE A 1421 44.23 -43.72 -6.61
CA ILE A 1421 43.43 -44.93 -6.45
C ILE A 1421 43.92 -45.75 -5.26
N LEU A 1422 45.24 -45.95 -5.16
CA LEU A 1422 45.78 -46.62 -3.99
C LEU A 1422 45.54 -45.81 -2.72
N ASN A 1423 45.57 -44.48 -2.83
CA ASN A 1423 45.28 -43.64 -1.67
C ASN A 1423 43.84 -43.82 -1.20
N LEU A 1424 42.88 -43.88 -2.13
CA LEU A 1424 41.50 -44.08 -1.73
C LEU A 1424 41.26 -45.51 -1.24
N TYR A 1425 42.05 -46.46 -1.73
CA TYR A 1425 41.97 -47.82 -1.20
C TYR A 1425 42.45 -47.86 0.26
N SER A 1426 43.53 -47.13 0.56
CA SER A 1426 43.95 -46.97 1.95
C SER A 1426 42.89 -46.23 2.76
N SER A 1427 42.21 -45.27 2.15
CA SER A 1427 41.11 -44.58 2.82
C SER A 1427 40.00 -45.56 3.20
N ALA A 1428 39.65 -46.44 2.25
CA ALA A 1428 38.68 -47.49 2.54
C ALA A 1428 39.15 -48.40 3.66
N HIS A 1429 40.47 -48.64 3.72
CA HIS A 1429 41.02 -49.32 4.89
C HIS A 1429 40.72 -48.55 6.17
N LEU A 1430 40.89 -47.23 6.14
CA LEU A 1430 40.78 -46.40 7.33
C LEU A 1430 39.37 -45.86 7.57
N ILE A 1431 38.40 -46.19 6.72
CA ILE A 1431 37.04 -45.68 6.84
C ILE A 1431 36.08 -46.85 6.93
N ARG A 1432 35.22 -46.85 7.95
CA ARG A 1432 34.21 -47.87 8.15
C ARG A 1432 32.83 -47.26 7.93
N ILE A 1433 32.03 -47.88 7.07
CA ILE A 1433 30.64 -47.48 6.83
C ILE A 1433 29.75 -48.68 7.10
N ASN A 1434 28.77 -48.49 7.99
CA ASN A 1434 27.87 -49.57 8.42
C ASN A 1434 28.67 -50.75 8.99
N ASP A 1435 29.76 -50.43 9.70
CA ASP A 1435 30.64 -51.40 10.32
C ASP A 1435 31.24 -52.39 9.33
N GLU A 1436 31.37 -51.99 8.06
CA GLU A 1436 31.95 -52.83 7.03
C GLU A 1436 32.73 -51.95 6.06
N PRO A 1437 33.82 -52.48 5.48
CA PRO A 1437 34.53 -51.75 4.42
C PRO A 1437 33.80 -51.88 3.10
N ILE A 1438 33.12 -50.81 2.69
CA ILE A 1438 32.26 -50.85 1.51
C ILE A 1438 32.80 -50.01 0.35
N LEU A 1439 33.79 -49.15 0.59
CA LEU A 1439 34.33 -48.33 -0.49
C LEU A 1439 35.13 -49.12 -1.50
N GLY A 1440 35.47 -50.37 -1.21
CA GLY A 1440 36.21 -51.20 -2.14
C GLY A 1440 35.39 -51.82 -3.25
N GLN A 1441 34.08 -51.65 -3.22
CA GLN A 1441 33.23 -52.21 -4.26
C GLN A 1441 33.36 -51.46 -5.59
N ILE A 1442 33.83 -50.21 -5.55
CA ILE A 1442 34.01 -49.44 -6.77
C ILE A 1442 35.47 -49.38 -7.21
N THR A 1443 36.43 -49.68 -6.33
CA THR A 1443 37.82 -49.70 -6.72
C THR A 1443 38.07 -50.74 -7.80
N LEU A 1444 37.50 -51.94 -7.63
CA LEU A 1444 37.66 -52.98 -8.63
C LEU A 1444 36.97 -52.62 -9.94
N THR A 1445 35.82 -51.95 -9.86
CA THR A 1445 35.14 -51.51 -11.08
C THR A 1445 36.00 -50.51 -11.85
N PHE A 1446 36.57 -49.54 -11.13
CA PHE A 1446 37.45 -48.57 -11.78
C PHE A 1446 38.69 -49.24 -12.37
N ILE A 1447 39.26 -50.20 -11.63
CA ILE A 1447 40.44 -50.90 -12.13
C ILE A 1447 40.10 -51.68 -13.39
N SER A 1448 38.97 -52.38 -13.40
CA SER A 1448 38.56 -53.13 -14.58
C SER A 1448 38.28 -52.22 -15.76
N GLU A 1449 37.64 -51.07 -15.50
CA GLU A 1449 37.38 -50.12 -16.58
C GLU A 1449 38.68 -49.59 -17.17
N LEU A 1450 39.67 -49.29 -16.32
CA LEU A 1450 40.96 -48.82 -16.82
C LEU A 1450 41.69 -49.92 -17.59
N CYS A 1451 41.61 -51.16 -17.11
CA CYS A 1451 42.34 -52.27 -17.73
C CYS A 1451 41.60 -52.89 -18.90
N SER A 1452 40.37 -52.45 -19.19
CA SER A 1452 39.62 -53.04 -20.30
C SER A 1452 40.32 -52.81 -21.63
N ILE A 1453 40.90 -51.63 -21.83
CA ILE A 1453 41.56 -51.29 -23.09
C ILE A 1453 43.04 -51.63 -22.96
N GLU A 1454 43.64 -51.95 -24.11
CA GLU A 1454 45.04 -52.39 -24.12
C GLU A 1454 46.03 -51.33 -23.67
N PRO A 1455 46.01 -50.09 -24.18
CA PRO A 1455 47.08 -49.15 -23.83
C PRO A 1455 47.12 -48.77 -22.35
N ILE A 1456 45.97 -48.46 -21.76
CA ILE A 1456 45.95 -48.07 -20.35
C ILE A 1456 46.39 -49.22 -19.46
N ALA A 1457 45.91 -50.43 -19.75
CA ALA A 1457 46.30 -51.60 -18.97
C ALA A 1457 47.80 -51.86 -19.09
N ALA A 1458 48.33 -51.78 -20.30
CA ALA A 1458 49.76 -52.00 -20.51
C ALA A 1458 50.59 -50.97 -19.77
N LYS A 1459 50.15 -49.70 -19.80
CA LYS A 1459 50.90 -48.65 -19.11
C LYS A 1459 50.85 -48.82 -17.59
N LEU A 1460 49.68 -49.21 -17.06
CA LEU A 1460 49.57 -49.34 -15.61
C LEU A 1460 50.27 -50.59 -15.08
N ILE A 1461 50.27 -51.68 -15.84
CA ILE A 1461 50.92 -52.91 -15.36
C ILE A 1461 52.42 -52.69 -15.17
N ASN A 1462 53.02 -51.80 -15.95
CA ASN A 1462 54.45 -51.52 -15.82
C ASN A 1462 54.78 -51.01 -14.41
N SER A 1463 53.83 -50.38 -13.74
CA SER A 1463 54.05 -49.89 -12.39
C SER A 1463 53.85 -50.96 -11.32
N GLY A 1464 53.39 -52.15 -11.70
CA GLY A 1464 53.27 -53.24 -10.76
C GLY A 1464 52.12 -53.10 -9.77
N LEU A 1465 50.88 -53.14 -10.28
CA LEU A 1465 49.73 -53.02 -9.40
C LEU A 1465 49.59 -54.23 -8.48
N TYR A 1466 50.02 -55.41 -8.94
CA TYR A 1466 49.77 -56.65 -8.22
C TYR A 1466 50.31 -56.59 -6.80
N SER A 1467 51.63 -56.44 -6.66
CA SER A 1467 52.25 -56.46 -5.34
C SER A 1467 51.79 -55.26 -4.50
N VAL A 1468 51.60 -54.11 -5.14
CA VAL A 1468 51.19 -52.92 -4.40
C VAL A 1468 49.82 -53.12 -3.76
N LEU A 1469 48.87 -53.68 -4.50
CA LEU A 1469 47.55 -53.93 -3.92
C LEU A 1469 47.57 -55.11 -2.96
N LEU A 1470 48.46 -56.08 -3.19
CA LEU A 1470 48.54 -57.23 -2.29
C LEU A 1470 49.16 -56.88 -0.96
N GLU A 1471 50.01 -55.84 -0.89
CA GLU A 1471 50.62 -55.43 0.35
C GLU A 1471 49.63 -54.81 1.33
N SER A 1472 48.43 -54.48 0.88
CA SER A 1472 47.43 -53.88 1.77
C SER A 1472 46.98 -54.90 2.82
N PRO A 1473 46.67 -54.44 4.04
CA PRO A 1473 46.23 -55.40 5.07
C PRO A 1473 44.95 -56.15 4.72
N LEU A 1474 44.03 -55.52 4.00
CA LEU A 1474 42.82 -56.22 3.58
C LEU A 1474 43.14 -57.33 2.60
N SER A 1475 44.11 -57.11 1.71
CA SER A 1475 44.53 -58.16 0.80
C SER A 1475 45.09 -59.35 1.55
N VAL A 1476 45.90 -59.09 2.58
CA VAL A 1476 46.44 -60.18 3.40
C VAL A 1476 45.31 -60.90 4.14
N ALA A 1477 44.33 -60.14 4.64
CA ALA A 1477 43.20 -60.76 5.33
C ALA A 1477 42.41 -61.67 4.40
N ILE A 1478 42.20 -61.24 3.16
CA ILE A 1478 41.52 -62.08 2.18
C ILE A 1478 42.38 -63.30 1.84
N GLN A 1479 43.69 -63.11 1.71
CA GLN A 1479 44.59 -64.22 1.43
C GLN A 1479 44.67 -65.22 2.59
N GLN A 1480 44.27 -64.81 3.79
CA GLN A 1480 44.30 -65.70 4.94
C GLN A 1480 43.40 -66.92 4.74
N GLY A 1481 42.42 -66.84 3.85
CA GLY A 1481 41.56 -67.96 3.56
C GLY A 1481 40.37 -68.06 4.50
N ASP A 1482 39.63 -69.15 4.32
CA ASP A 1482 38.43 -69.45 5.10
C ASP A 1482 37.36 -68.37 4.98
N ILE A 1483 37.37 -67.62 3.88
CA ILE A 1483 36.36 -66.60 3.64
C ILE A 1483 35.13 -67.26 3.02
N LYS A 1484 33.97 -67.03 3.63
CA LYS A 1484 32.73 -67.65 3.21
C LYS A 1484 31.66 -66.60 2.99
N PRO A 1485 30.68 -66.87 2.12
CA PRO A 1485 29.60 -65.91 1.91
C PRO A 1485 28.73 -65.68 3.12
N GLU A 1486 28.78 -66.55 4.12
CA GLU A 1486 27.93 -66.39 5.30
C GLU A 1486 28.25 -65.11 6.05
N PHE A 1487 29.50 -64.64 5.98
CA PHE A 1487 29.88 -63.44 6.73
C PHE A 1487 29.50 -62.16 5.99
N SER A 1488 30.08 -61.95 4.81
CA SER A 1488 29.83 -60.76 4.00
C SER A 1488 29.57 -61.20 2.56
N PRO A 1489 28.36 -61.69 2.26
CA PRO A 1489 28.11 -62.32 0.97
C PRO A 1489 28.29 -61.39 -0.22
N ARG A 1490 27.55 -60.27 -0.22
CA ARG A 1490 27.55 -59.38 -1.37
C ARG A 1490 28.94 -58.82 -1.62
N LEU A 1491 29.56 -58.25 -0.59
CA LEU A 1491 30.87 -57.61 -0.76
C LEU A 1491 31.94 -58.63 -1.10
N HIS A 1492 31.94 -59.78 -0.41
CA HIS A 1492 32.95 -60.80 -0.68
C HIS A 1492 32.86 -61.30 -2.12
N ASN A 1493 31.65 -61.62 -2.58
CA ASN A 1493 31.48 -62.03 -3.96
C ASN A 1493 31.89 -60.90 -4.91
N ILE A 1494 31.64 -59.65 -4.52
CA ILE A 1494 31.98 -58.52 -5.39
C ILE A 1494 33.49 -58.45 -5.60
N TRP A 1495 34.27 -58.48 -4.51
CA TRP A 1495 35.71 -58.35 -4.72
C TRP A 1495 36.29 -59.62 -5.35
N SER A 1496 35.75 -60.79 -5.00
CA SER A 1496 36.24 -62.02 -5.63
C SER A 1496 36.03 -62.00 -7.13
N ASN A 1497 34.81 -61.63 -7.56
CA ASN A 1497 34.53 -61.57 -8.99
C ASN A 1497 35.36 -60.48 -9.67
N GLY A 1498 35.55 -59.34 -9.01
CA GLY A 1498 36.36 -58.29 -9.61
C GLY A 1498 37.80 -58.72 -9.83
N LEU A 1499 38.42 -59.32 -8.80
CA LEU A 1499 39.80 -59.76 -8.95
C LEU A 1499 39.92 -60.87 -9.98
N LEU A 1500 38.99 -61.82 -9.98
CA LEU A 1500 39.05 -62.89 -10.97
C LEU A 1500 38.90 -62.34 -12.38
N SER A 1501 37.97 -61.40 -12.58
CA SER A 1501 37.76 -60.83 -13.90
C SER A 1501 38.97 -60.05 -14.38
N ILE A 1502 39.57 -59.23 -13.50
CA ILE A 1502 40.72 -58.44 -13.94
C ILE A 1502 41.91 -59.35 -14.24
N VAL A 1503 42.12 -60.38 -13.42
CA VAL A 1503 43.21 -61.32 -13.68
C VAL A 1503 42.98 -62.04 -15.01
N LEU A 1504 41.76 -62.51 -15.25
CA LEU A 1504 41.46 -63.21 -16.49
C LEU A 1504 41.65 -62.31 -17.70
N LEU A 1505 41.17 -61.06 -17.63
CA LEU A 1505 41.29 -60.18 -18.79
C LEU A 1505 42.75 -59.81 -19.05
N LEU A 1506 43.54 -59.55 -18.01
CA LEU A 1506 44.94 -59.23 -18.24
C LEU A 1506 45.69 -60.43 -18.80
N LEU A 1507 45.41 -61.63 -18.29
CA LEU A 1507 46.06 -62.82 -18.82
C LEU A 1507 45.69 -63.05 -20.28
N SER A 1508 44.42 -62.87 -20.62
CA SER A 1508 43.98 -63.09 -22.01
C SER A 1508 44.59 -62.04 -22.95
N GLN A 1509 44.62 -60.78 -22.52
CA GLN A 1509 45.10 -59.72 -23.41
C GLN A 1509 46.61 -59.77 -23.59
N PHE A 1510 47.35 -59.96 -22.49
CA PHE A 1510 48.79 -59.86 -22.55
C PHE A 1510 49.44 -61.22 -22.81
N GLY A 1511 50.66 -61.19 -23.30
CA GLY A 1511 51.39 -62.38 -23.69
C GLY A 1511 52.24 -62.95 -22.58
N ILE A 1512 53.36 -63.58 -22.98
CA ILE A 1512 54.23 -64.27 -22.02
C ILE A 1512 54.95 -63.34 -21.06
N LYS A 1513 54.87 -62.02 -21.28
CA LYS A 1513 55.55 -61.08 -20.40
C LYS A 1513 54.79 -60.83 -19.11
N VAL A 1514 53.58 -61.37 -18.97
CA VAL A 1514 52.79 -61.22 -17.75
C VAL A 1514 52.63 -62.53 -17.00
N LEU A 1515 52.98 -63.66 -17.59
CA LEU A 1515 52.79 -64.96 -16.95
C LEU A 1515 53.46 -65.07 -15.58
N PRO A 1516 54.71 -64.65 -15.38
CA PRO A 1516 55.28 -64.72 -14.01
C PRO A 1516 54.49 -63.92 -12.99
N GLU A 1517 54.00 -62.75 -13.36
CA GLU A 1517 53.22 -61.94 -12.43
C GLU A 1517 51.90 -62.63 -12.06
N THR A 1518 51.20 -63.18 -13.06
CA THR A 1518 49.97 -63.91 -12.77
C THR A 1518 50.25 -65.14 -11.92
N CYS A 1519 51.36 -65.83 -12.20
CA CYS A 1519 51.70 -67.03 -11.44
C CYS A 1519 51.96 -66.69 -9.97
N LEU A 1520 52.74 -65.63 -9.71
CA LEU A 1520 53.00 -65.25 -8.33
C LEU A 1520 51.73 -64.75 -7.65
N PHE A 1521 50.86 -64.04 -8.40
CA PHE A 1521 49.61 -63.56 -7.84
C PHE A 1521 48.71 -64.72 -7.42
N VAL A 1522 48.59 -65.75 -8.27
CA VAL A 1522 47.72 -66.87 -7.93
C VAL A 1522 48.38 -67.76 -6.86
N SER A 1523 49.71 -67.77 -6.79
CA SER A 1523 50.38 -68.49 -5.71
C SER A 1523 50.11 -67.81 -4.37
N TYR A 1524 50.18 -66.47 -4.34
CA TYR A 1524 49.88 -65.75 -3.11
C TYR A 1524 48.40 -65.88 -2.74
N PHE A 1525 47.52 -65.85 -3.74
CA PHE A 1525 46.09 -65.95 -3.52
C PHE A 1525 45.57 -67.39 -3.53
N GLY A 1526 46.46 -68.37 -3.67
CA GLY A 1526 46.03 -69.76 -3.73
C GLY A 1526 45.49 -70.30 -2.41
N LYS A 1527 45.82 -69.66 -1.30
CA LYS A 1527 45.32 -70.12 -0.01
C LYS A 1527 43.81 -70.00 0.07
N GLN A 1528 43.25 -68.89 -0.42
CA GLN A 1528 41.80 -68.73 -0.42
C GLN A 1528 41.12 -69.76 -1.31
N ILE A 1529 41.69 -70.03 -2.48
CA ILE A 1529 41.13 -71.03 -3.38
C ILE A 1529 41.16 -72.42 -2.74
N LYS A 1530 42.28 -72.76 -2.10
CA LYS A 1530 42.39 -74.05 -1.44
C LYS A 1530 41.39 -74.17 -0.30
N SER A 1531 41.21 -73.10 0.48
CA SER A 1531 40.25 -73.12 1.57
C SER A 1531 38.82 -73.29 1.03
N THR A 1532 38.49 -72.59 -0.05
CA THR A 1532 37.16 -72.73 -0.64
C THR A 1532 36.93 -74.14 -1.17
N ILE A 1533 37.94 -74.72 -1.82
CA ILE A 1533 37.81 -76.09 -2.33
C ILE A 1533 37.62 -77.07 -1.18
N TYR A 1534 38.40 -76.90 -0.11
CA TYR A 1534 38.26 -77.79 1.05
C TYR A 1534 36.89 -77.66 1.70
N ASN A 1535 36.39 -76.42 1.81
CA ASN A 1535 35.06 -76.22 2.39
C ASN A 1535 33.98 -76.83 1.52
N TRP A 1536 34.10 -76.69 0.20
CA TRP A 1536 33.12 -77.30 -0.69
C TRP A 1536 33.16 -78.82 -0.60
N GLY A 1537 34.35 -79.41 -0.52
CA GLY A 1537 34.46 -80.85 -0.36
C GLY A 1537 33.91 -81.32 0.97
N ASP A 1538 34.09 -80.54 2.02
CA ASP A 1538 33.57 -80.86 3.34
C ASP A 1538 32.11 -80.47 3.52
N ASN A 1539 31.51 -79.84 2.51
CA ASN A 1539 30.11 -79.42 2.54
C ASN A 1539 29.85 -78.41 3.66
N LYS A 1540 28.60 -78.32 4.12
CA LYS A 1540 28.19 -77.34 5.13
C LYS A 1540 28.53 -75.92 4.70
N LEU A 1541 28.36 -75.63 3.41
CA LEU A 1541 28.64 -74.32 2.86
C LEU A 1541 27.48 -73.88 1.97
N ALA A 1542 27.09 -72.61 2.10
CA ALA A 1542 26.02 -72.05 1.30
C ALA A 1542 26.59 -71.66 -0.06
N VAL A 1543 26.03 -72.25 -1.12
CA VAL A 1543 26.49 -72.03 -2.49
C VAL A 1543 25.38 -71.34 -3.27
N SER A 1544 25.73 -70.22 -3.91
CA SER A 1544 24.77 -69.47 -4.69
C SER A 1544 25.30 -69.22 -6.11
N SER A 1545 24.60 -68.38 -6.88
CA SER A 1545 25.03 -68.08 -8.24
C SER A 1545 26.39 -67.40 -8.26
N SER A 1546 26.67 -66.55 -7.27
CA SER A 1546 27.97 -65.89 -7.20
C SER A 1546 29.09 -66.91 -7.00
N LEU A 1547 28.85 -67.93 -6.18
CA LEU A 1547 29.85 -68.99 -6.00
C LEU A 1547 30.04 -69.77 -7.29
N ILE A 1548 28.96 -70.00 -8.04
CA ILE A 1548 29.08 -70.67 -9.33
C ILE A 1548 29.93 -69.84 -10.28
N LYS A 1549 29.71 -68.52 -10.31
CA LYS A 1549 30.50 -67.66 -11.17
C LYS A 1549 31.97 -67.66 -10.76
N GLU A 1550 32.24 -67.63 -9.45
CA GLU A 1550 33.61 -67.68 -8.97
C GLU A 1550 34.29 -68.99 -9.36
N THR A 1551 33.59 -70.11 -9.20
CA THR A 1551 34.14 -71.40 -9.59
C THR A 1551 34.40 -71.47 -11.09
N ASN A 1552 33.47 -70.94 -11.88
CA ASN A 1552 33.66 -70.92 -13.33
C ASN A 1552 34.87 -70.08 -13.72
N GLN A 1553 35.04 -68.93 -13.07
CA GLN A 1553 36.21 -68.09 -13.36
C GLN A 1553 37.49 -68.79 -12.97
N LEU A 1554 37.50 -69.48 -11.82
CA LEU A 1554 38.68 -70.23 -11.42
C LEU A 1554 39.01 -71.34 -12.40
N VAL A 1555 37.97 -72.06 -12.87
CA VAL A 1555 38.19 -73.12 -13.84
C VAL A 1555 38.71 -72.55 -15.16
N LEU A 1556 38.17 -71.40 -15.58
CA LEU A 1556 38.65 -70.76 -16.81
C LEU A 1556 40.12 -70.35 -16.67
N LEU A 1557 40.50 -69.80 -15.52
CA LEU A 1557 41.91 -69.49 -15.28
C LEU A 1557 42.77 -70.74 -15.25
N GLN A 1558 42.20 -71.86 -14.83
CA GLN A 1558 42.92 -73.12 -14.78
C GLN A 1558 42.91 -73.78 -16.15
N LYS A 1559 44.05 -74.40 -16.51
CA LYS A 1559 44.41 -74.89 -17.84
C LYS A 1559 44.73 -73.73 -18.79
N MET A 1560 44.39 -72.50 -18.38
CA MET A 1560 44.75 -71.32 -19.16
C MET A 1560 46.07 -70.75 -18.68
N LEU A 1561 46.31 -70.82 -17.36
CA LEU A 1561 47.65 -70.61 -16.83
C LEU A 1561 48.56 -71.78 -17.16
N ASN A 1562 48.02 -72.87 -17.71
CA ASN A 1562 48.81 -74.07 -18.02
C ASN A 1562 49.21 -74.14 -19.49
N LEU A 1563 48.23 -74.04 -20.40
CA LEU A 1563 48.56 -74.18 -21.83
C LEU A 1563 49.38 -73.01 -22.35
N LEU A 1564 49.35 -71.87 -21.67
CA LEU A 1564 50.14 -70.71 -22.08
C LEU A 1564 51.47 -70.68 -21.33
N ASN A 1565 52.28 -71.70 -21.63
CA ASN A 1565 53.60 -71.82 -21.01
C ASN A 1565 54.55 -70.75 -21.55
N LEU A 1585 52.01 -75.30 -9.80
CA LEU A 1585 51.54 -73.93 -9.96
C LEU A 1585 50.25 -73.69 -9.20
N VAL A 1586 49.16 -74.26 -9.69
CA VAL A 1586 47.84 -74.11 -9.08
C VAL A 1586 47.65 -75.29 -8.12
N ILE A 1587 47.79 -75.04 -6.83
CA ILE A 1587 47.60 -76.09 -5.84
C ILE A 1587 46.12 -76.44 -5.75
N GLY A 1588 45.82 -77.73 -5.77
CA GLY A 1588 44.45 -78.20 -5.72
C GLY A 1588 43.78 -78.38 -7.06
N LEU A 1589 44.43 -77.97 -8.15
CA LEU A 1589 43.85 -78.15 -9.48
C LEU A 1589 44.84 -78.65 -10.52
N ASP A 1590 46.15 -78.66 -10.25
CA ASP A 1590 47.11 -79.10 -11.26
C ASP A 1590 47.07 -80.60 -11.45
N SER A 1591 47.04 -81.35 -10.35
CA SER A 1591 47.06 -82.81 -10.45
C SER A 1591 45.69 -83.34 -10.88
N GLU A 1592 45.71 -84.36 -11.75
CA GLU A 1592 44.47 -84.94 -12.25
C GLU A 1592 43.68 -85.66 -11.16
N HIS A 1593 44.34 -86.05 -10.07
CA HIS A 1593 43.63 -86.67 -8.96
C HIS A 1593 42.62 -85.70 -8.35
N ASP A 1594 42.97 -84.41 -8.32
CA ASP A 1594 42.03 -83.41 -7.82
C ASP A 1594 40.78 -83.34 -8.69
N LYS A 1595 40.94 -83.35 -10.01
CA LYS A 1595 39.78 -83.35 -10.89
C LYS A 1595 38.98 -84.63 -10.75
N LYS A 1596 39.66 -85.77 -10.55
CA LYS A 1596 38.94 -87.02 -10.33
C LYS A 1596 38.10 -86.97 -9.07
N ARG A 1597 38.68 -86.45 -7.98
CA ARG A 1597 37.92 -86.29 -6.74
C ARG A 1597 36.76 -85.33 -6.91
N LEU A 1598 36.96 -84.23 -7.64
CA LEU A 1598 35.88 -83.29 -7.89
C LEU A 1598 34.76 -83.94 -8.70
N SER A 1599 35.12 -84.74 -9.71
CA SER A 1599 34.10 -85.44 -10.50
C SER A 1599 33.34 -86.46 -9.65
N ALA A 1600 34.06 -87.15 -8.75
CA ALA A 1600 33.38 -88.08 -7.85
C ALA A 1600 32.39 -87.35 -6.94
N ALA A 1601 32.80 -86.20 -6.41
CA ALA A 1601 31.89 -85.40 -5.59
C ALA A 1601 30.69 -84.92 -6.41
N LEU A 1602 30.93 -84.54 -7.67
CA LEU A 1602 29.85 -84.12 -8.55
C LEU A 1602 28.85 -85.25 -8.77
N SER A 1603 29.33 -86.46 -9.03
CA SER A 1603 28.45 -87.60 -9.14
C SER A 1603 27.72 -87.87 -7.82
N LYS A 1604 28.36 -87.55 -6.71
CA LYS A 1604 27.72 -87.77 -5.41
C LYS A 1604 26.54 -86.82 -5.19
N PHE A 1605 26.74 -85.53 -5.42
CA PHE A 1605 25.68 -84.59 -5.03
C PHE A 1605 24.71 -84.26 -6.16
N LEU A 1606 25.13 -84.38 -7.41
CA LEU A 1606 24.26 -84.00 -8.52
C LEU A 1606 23.04 -84.89 -8.66
N THR A 1607 23.04 -86.06 -8.02
CA THR A 1607 21.92 -86.99 -8.09
C THR A 1607 20.85 -86.72 -7.04
N HIS A 1608 21.07 -85.76 -6.15
CA HIS A 1608 20.14 -85.45 -5.06
C HIS A 1608 19.85 -83.95 -5.06
N PRO A 1609 18.93 -83.50 -5.93
CA PRO A 1609 18.57 -82.07 -5.92
C PRO A 1609 17.98 -81.61 -4.61
N LYS A 1610 17.24 -82.47 -3.90
CA LYS A 1610 16.68 -82.09 -2.61
C LYS A 1610 17.76 -81.81 -1.59
N TYR A 1611 18.85 -82.58 -1.63
CA TYR A 1611 19.99 -82.32 -0.75
C TYR A 1611 20.59 -80.95 -1.03
N LEU A 1612 20.72 -80.59 -2.31
CA LEU A 1612 21.23 -79.28 -2.66
C LEU A 1612 20.30 -78.17 -2.20
N ASN A 1613 18.99 -78.37 -2.36
CA ASN A 1613 18.03 -77.37 -1.90
C ASN A 1613 18.10 -77.19 -0.39
N SER A 1614 18.25 -78.29 0.35
CA SER A 1614 18.42 -78.18 1.80
C SER A 1614 19.72 -77.46 2.14
N ARG A 1615 20.79 -77.74 1.39
CA ARG A 1615 22.08 -77.10 1.67
C ARG A 1615 22.07 -75.63 1.24
N ILE A 1616 21.18 -75.26 0.33
CA ILE A 1616 21.12 -73.87 -0.13
C ILE A 1616 20.56 -72.99 0.97
N ILE A 1617 21.29 -71.94 1.33
CA ILE A 1617 20.87 -70.97 2.32
C ILE A 1617 20.89 -69.59 1.68
N PRO A 1618 19.74 -68.91 1.56
CA PRO A 1618 19.73 -67.60 0.91
C PRO A 1618 20.39 -66.53 1.76
N THR A 1619 21.59 -66.11 1.38
CA THR A 1619 22.34 -65.09 2.10
C THR A 1619 22.32 -63.74 1.40
N THR A 1620 21.62 -63.62 0.27
CA THR A 1620 21.53 -62.38 -0.49
C THR A 1620 20.07 -62.10 -0.80
N LEU A 1621 19.74 -60.80 -0.88
CA LEU A 1621 18.34 -60.41 -1.10
C LEU A 1621 17.83 -60.94 -2.43
N GLU A 1622 18.65 -60.88 -3.49
CA GLU A 1622 18.24 -61.44 -4.76
C GLU A 1622 18.04 -62.94 -4.67
N GLU A 1623 18.88 -63.63 -3.89
CA GLU A 1623 18.71 -65.06 -3.69
C GLU A 1623 17.42 -65.36 -2.95
N GLN A 1624 17.09 -64.55 -1.94
CA GLN A 1624 15.83 -64.72 -1.22
C GLN A 1624 14.63 -64.50 -2.14
N GLN A 1625 14.69 -63.47 -2.99
CA GLN A 1625 13.61 -63.22 -3.93
C GLN A 1625 13.45 -64.37 -4.92
N GLN A 1626 14.58 -64.90 -5.42
CA GLN A 1626 14.52 -66.01 -6.35
C GLN A 1626 13.95 -67.26 -5.70
N LEU A 1627 14.35 -67.54 -4.46
CA LEU A 1627 13.83 -68.71 -3.76
C LEU A 1627 12.36 -68.54 -3.39
N GLU A 1628 11.91 -67.31 -3.18
CA GLU A 1628 10.50 -67.08 -2.87
C GLU A 1628 9.61 -67.43 -4.06
N ASP A 1629 10.06 -67.10 -5.27
CA ASP A 1629 9.27 -67.31 -6.49
C ASP A 1629 9.71 -68.60 -7.15
N GLU A 1630 8.94 -69.67 -6.94
CA GLU A 1630 9.17 -70.97 -7.56
C GLU A 1630 10.57 -71.51 -7.25
N SER A 1631 11.10 -71.17 -6.08
CA SER A 1631 12.40 -71.64 -5.61
C SER A 1631 13.53 -71.30 -6.57
N SER A 1632 14.72 -71.84 -6.31
CA SER A 1632 15.87 -71.62 -7.17
C SER A 1632 16.66 -72.90 -7.43
N ARG A 1633 16.21 -74.04 -6.92
CA ARG A 1633 16.96 -75.28 -7.04
C ARG A 1633 17.11 -75.71 -8.49
N LEU A 1634 16.04 -75.55 -9.29
CA LEU A 1634 16.10 -75.96 -10.69
C LEU A 1634 17.18 -75.18 -11.44
N GLU A 1635 17.15 -73.85 -11.33
CA GLU A 1635 18.15 -73.03 -12.00
C GLU A 1635 19.54 -73.32 -11.48
N PHE A 1636 19.68 -73.49 -10.15
CA PHE A 1636 20.96 -73.79 -9.55
C PHE A 1636 21.56 -75.06 -10.14
N VAL A 1637 20.80 -76.15 -10.13
CA VAL A 1637 21.32 -77.43 -10.59
C VAL A 1637 21.55 -77.40 -12.10
N LYS A 1638 20.67 -76.74 -12.86
CA LYS A 1638 20.85 -76.68 -14.31
C LYS A 1638 22.13 -75.93 -14.67
N GLY A 1639 22.33 -74.76 -14.05
CA GLY A 1639 23.53 -73.99 -14.32
C GLY A 1639 24.79 -74.74 -13.93
N ILE A 1640 24.79 -75.35 -12.74
CA ILE A 1640 25.96 -76.08 -12.30
C ILE A 1640 26.25 -77.24 -13.25
N SER A 1641 25.22 -78.02 -13.58
CA SER A 1641 25.42 -79.16 -14.46
C SER A 1641 25.98 -78.72 -15.81
N ARG A 1642 25.36 -77.72 -16.43
CA ARG A 1642 25.80 -77.28 -17.75
C ARG A 1642 27.25 -76.78 -17.71
N ASP A 1643 27.54 -75.86 -16.80
CA ASP A 1643 28.87 -75.26 -16.76
C ASP A 1643 29.95 -76.30 -16.44
N ILE A 1644 29.71 -77.13 -15.43
CA ILE A 1644 30.73 -78.10 -15.02
C ILE A 1644 30.91 -79.17 -16.08
N LYS A 1645 29.83 -79.63 -16.70
CA LYS A 1645 29.97 -80.62 -17.78
C LYS A 1645 30.74 -80.03 -18.95
N ALA A 1646 30.45 -78.77 -19.32
CA ALA A 1646 31.18 -78.16 -20.43
C ALA A 1646 32.66 -78.03 -20.12
N LEU A 1647 33.00 -77.57 -18.91
CA LEU A 1647 34.42 -77.38 -18.59
C LEU A 1647 35.14 -78.73 -18.47
N GLN A 1648 34.47 -79.74 -17.92
CA GLN A 1648 35.08 -81.06 -17.83
C GLN A 1648 35.30 -81.67 -19.21
N ASP A 1649 34.33 -81.51 -20.11
CA ASP A 1649 34.52 -82.00 -21.48
C ASP A 1649 35.66 -81.27 -22.17
N SER A 1650 35.76 -79.96 -21.97
CA SER A 1650 36.86 -79.20 -22.56
C SER A 1650 38.21 -79.67 -22.02
N LEU A 1651 38.28 -79.90 -20.70
CA LEU A 1651 39.52 -80.38 -20.11
C LEU A 1651 39.90 -81.77 -20.64
N PHE A 1652 38.92 -82.66 -20.75
CA PHE A 1652 39.20 -84.01 -21.25
C PHE A 1652 39.65 -83.97 -22.71
N LYS A 1653 39.02 -83.11 -23.52
CA LYS A 1653 39.45 -82.99 -24.91
C LYS A 1653 40.84 -82.41 -25.01
N ASP A 1654 41.16 -81.40 -24.20
CA ASP A 1654 42.48 -80.78 -24.25
C ASP A 1654 43.57 -81.76 -23.81
N VAL A 1655 43.30 -82.54 -22.76
CA VAL A 1655 44.29 -83.49 -22.25
C VAL A 1655 44.36 -84.71 -23.16
#